data_8E2L
#
_entry.id   8E2L
#
_cell.length_a   1.00
_cell.length_b   1.00
_cell.length_c   1.00
_cell.angle_alpha   90.00
_cell.angle_beta   90.00
_cell.angle_gamma   90.00
#
_symmetry.space_group_name_H-M   'P 1'
#
loop_
_entity.id
_entity.type
_entity.pdbx_description
1 polymer 'Twinkle mtDNA helicase'
2 polymer "DNA (5'-D(P*TP*TP*TP*TP*TP*TP*TP*TP*TP*TP*TP*T)-3')"
3 non-polymer "ADENOSINE-5'-TRIPHOSPHATE"
4 non-polymer 'MAGNESIUM ION'
#
loop_
_entity_poly.entity_id
_entity_poly.type
_entity_poly.pdbx_seq_one_letter_code
_entity_poly.pdbx_strand_id
1 'polypeptide(L)'
;MQKEEQDFLSPHVMLGYPESLDEQEEGERELREVQRIWSSAVPFNDLPEDEAQLIKTMFQITKVSNATLKKFGVRLFKPT
KSLVFPWFAGPDSSLKGLKLLSAQNTDTEKVTYNEATVPKISSYYNLFGLTLVGRMDSEVVLTGHELDTLAVSQATGLPS
VALPRGVSCLPPMLLPYLEQFKRVTLWLGHDIRSWEASKIFSRKLGLRRCSLVRPGEDRPCPLEALARGKNLSRIIKTSI
PAAHKSIVSFKQLREDVYGELLNTEQVAGVKWTRFPELNRILKGHRKGELTVFTGPTGSGKTTFISEVALDLCIQGVNTL
WGSFQINNVRLAKIMLTQFAMQRLEENLEQYDFWADKFEELPLYFMTFHGQQNIKTVLDTMQHAVYLYDINHVIIDNLQF
MMGQENLSIDKYAVQDHIIGAFRKFATNTSCHVTLIIHPRKEEDDRELQTASIFGSAKASQEADNVLILQEKKLVTCPGR
RSLQVTKNRFDGDVGIFPLDFIKSSLTFSAPIKGKVKLRKVSTKPENEEVGGERGGSEEGRG
;
C,A,B,D,E,F
2 'polydeoxyribonucleotide' (DT)(DT)(DT)(DT)(DT)(DT)(DT)(DT)(DT)(DT)(DT)(DT)(DT)(DT)(DT) M
#
# COMPACT_ATOMS: atom_id res chain seq x y z
N PRO A 48 49.40 13.78 -64.83
CA PRO A 48 49.92 14.47 -63.65
C PRO A 48 48.85 15.24 -62.90
N GLU A 49 48.88 15.19 -61.57
CA GLU A 49 47.89 15.90 -60.77
C GLU A 49 48.14 17.40 -60.76
N ASP A 50 49.39 17.82 -60.93
CA ASP A 50 49.72 19.24 -60.93
C ASP A 50 49.31 19.95 -62.22
N GLU A 51 48.91 19.18 -63.25
CA GLU A 51 48.51 19.81 -64.51
C GLU A 51 47.26 20.66 -64.36
N ALA A 52 46.37 20.29 -63.44
CA ALA A 52 45.15 21.05 -63.23
C ALA A 52 45.45 22.43 -62.69
N GLN A 53 44.71 23.43 -63.17
CA GLN A 53 44.90 24.81 -62.76
C GLN A 53 44.15 25.06 -61.45
N LEU A 54 44.03 26.33 -61.07
CA LEU A 54 43.30 26.71 -59.87
C LEU A 54 42.61 28.05 -60.12
N ILE A 55 41.37 28.16 -59.64
CA ILE A 55 40.60 29.38 -59.79
C ILE A 55 39.60 29.47 -58.64
N LYS A 56 39.44 30.68 -58.10
CA LYS A 56 38.52 30.96 -57.01
C LYS A 56 37.71 32.21 -57.29
N THR A 57 37.16 32.30 -58.50
CA THR A 57 36.40 33.46 -58.91
C THR A 57 35.04 33.48 -58.22
N MET A 58 34.29 34.55 -58.46
CA MET A 58 32.97 34.74 -57.85
C MET A 58 31.95 33.96 -58.65
N PHE A 59 31.77 32.69 -58.29
CA PHE A 59 30.82 31.81 -58.95
C PHE A 59 29.98 31.09 -57.90
N GLN A 60 28.72 30.83 -58.26
CA GLN A 60 27.77 30.18 -57.37
C GLN A 60 27.22 28.91 -58.00
N ILE A 61 28.10 28.11 -58.61
CA ILE A 61 27.68 26.85 -59.20
C ILE A 61 27.15 25.90 -58.13
N THR A 62 27.86 25.82 -57.00
CA THR A 62 27.45 25.00 -55.88
C THR A 62 26.96 25.90 -54.75
N LYS A 63 25.80 25.58 -54.17
CA LYS A 63 25.21 26.37 -53.10
C LYS A 63 25.95 26.07 -51.79
N VAL A 64 27.18 26.57 -51.72
CA VAL A 64 28.05 26.37 -50.57
C VAL A 64 28.70 27.70 -50.21
N SER A 65 29.23 27.76 -48.98
CA SER A 65 29.91 28.94 -48.47
C SER A 65 31.41 28.77 -48.66
N ASN A 66 32.05 29.78 -49.23
CA ASN A 66 33.48 29.73 -49.51
C ASN A 66 34.34 30.11 -48.32
N ALA A 67 33.73 30.50 -47.19
CA ALA A 67 34.50 30.94 -46.03
C ALA A 67 35.46 29.87 -45.54
N THR A 68 35.13 28.60 -45.78
CA THR A 68 36.05 27.52 -45.44
C THR A 68 36.91 27.09 -46.63
N LEU A 69 36.43 27.31 -47.86
CA LEU A 69 37.18 26.87 -49.03
C LEU A 69 38.53 27.58 -49.11
N LYS A 70 38.54 28.90 -48.89
CA LYS A 70 39.80 29.63 -48.86
C LYS A 70 40.70 29.12 -47.74
N LYS A 71 40.11 28.61 -46.66
CA LYS A 71 40.92 28.00 -45.61
C LYS A 71 41.50 26.67 -46.06
N PHE A 72 40.74 25.91 -46.85
CA PHE A 72 41.20 24.60 -47.30
C PHE A 72 42.11 24.69 -48.52
N GLY A 73 42.14 25.83 -49.21
CA GLY A 73 42.97 25.99 -50.38
C GLY A 73 42.42 25.36 -51.64
N VAL A 74 41.23 24.79 -51.61
CA VAL A 74 40.63 24.15 -52.77
C VAL A 74 40.14 25.23 -53.74
N ARG A 75 40.53 25.11 -55.00
CA ARG A 75 40.14 26.05 -56.03
C ARG A 75 39.60 25.29 -57.23
N LEU A 76 38.68 25.91 -57.96
CA LEU A 76 38.05 25.28 -59.12
C LEU A 76 39.05 25.19 -60.26
N PHE A 77 39.56 23.98 -60.50
CA PHE A 77 40.50 23.76 -61.59
C PHE A 77 39.80 23.94 -62.94
N LYS A 78 40.57 24.35 -63.94
CA LYS A 78 40.03 24.56 -65.27
C LYS A 78 40.80 23.72 -66.29
N PRO A 79 41.05 22.44 -66.00
CA PRO A 79 41.71 21.58 -66.99
C PRO A 79 40.72 21.06 -68.01
N THR A 80 39.50 20.78 -67.58
CA THR A 80 38.44 20.27 -68.44
C THR A 80 37.24 21.21 -68.51
N LYS A 81 36.76 21.70 -67.38
CA LYS A 81 35.61 22.59 -67.35
C LYS A 81 35.78 23.57 -66.19
N SER A 82 34.72 24.30 -65.87
CA SER A 82 34.74 25.29 -64.80
C SER A 82 34.04 24.78 -63.54
N LEU A 83 33.80 23.49 -63.45
CA LEU A 83 33.15 22.92 -62.27
C LEU A 83 34.10 22.93 -61.08
N VAL A 84 33.53 22.70 -59.90
CA VAL A 84 34.32 22.69 -58.66
C VAL A 84 35.23 21.47 -58.69
N PHE A 85 36.55 21.71 -58.60
CA PHE A 85 37.56 20.66 -58.67
C PHE A 85 38.51 20.82 -57.49
N PRO A 86 38.11 20.36 -56.30
CA PRO A 86 39.01 20.43 -55.15
C PRO A 86 40.22 19.54 -55.35
N TRP A 87 41.32 19.92 -54.71
CA TRP A 87 42.57 19.18 -54.85
C TRP A 87 42.49 17.86 -54.10
N PHE A 88 41.94 16.83 -54.75
CA PHE A 88 41.78 15.52 -54.14
C PHE A 88 43.13 14.79 -54.11
N ALA A 89 43.97 15.22 -53.18
CA ALA A 89 45.29 14.62 -53.01
C ALA A 89 45.74 14.85 -51.57
N GLY A 90 46.72 14.05 -51.14
CA GLY A 90 47.27 14.17 -49.82
C GLY A 90 48.38 15.17 -49.76
N PRO A 91 49.25 15.05 -48.75
CA PRO A 91 50.41 15.95 -48.67
C PRO A 91 51.32 15.86 -49.89
N ASP A 92 51.45 14.68 -50.48
CA ASP A 92 52.28 14.49 -51.67
C ASP A 92 51.42 14.68 -52.91
N SER A 93 51.98 14.33 -54.08
CA SER A 93 51.28 14.46 -55.36
C SER A 93 50.80 13.11 -55.88
N SER A 94 50.30 12.25 -54.99
CA SER A 94 49.82 10.93 -55.40
C SER A 94 48.70 11.06 -56.42
N LEU A 95 48.80 10.27 -57.50
CA LEU A 95 47.83 10.31 -58.59
C LEU A 95 46.67 9.36 -58.29
N LYS A 96 45.92 9.71 -57.24
CA LYS A 96 44.76 8.94 -56.82
C LYS A 96 43.46 9.46 -57.41
N GLY A 97 43.51 10.49 -58.24
CA GLY A 97 42.31 11.05 -58.84
C GLY A 97 41.96 12.41 -58.30
N LEU A 98 42.26 13.45 -59.08
CA LEU A 98 41.99 14.84 -58.71
C LEU A 98 40.97 15.47 -59.66
N LYS A 99 39.95 14.71 -60.03
CA LYS A 99 38.93 15.19 -60.95
C LYS A 99 38.01 16.17 -60.24
N LEU A 100 37.10 16.77 -61.01
CA LEU A 100 36.18 17.75 -60.46
C LEU A 100 35.20 17.10 -59.49
N LEU A 101 34.75 17.89 -58.52
CA LEU A 101 33.80 17.42 -57.52
C LEU A 101 32.38 17.55 -58.06
N SER A 102 31.41 17.12 -57.25
CA SER A 102 29.99 17.16 -57.63
C SER A 102 29.45 18.55 -57.29
N ALA A 103 29.66 19.50 -58.20
CA ALA A 103 29.13 20.84 -58.01
C ALA A 103 27.61 20.82 -58.03
N GLN A 104 27.00 21.55 -57.08
CA GLN A 104 25.55 21.63 -56.92
C GLN A 104 24.94 20.28 -56.56
N ASN A 105 25.80 19.27 -56.35
CA ASN A 105 25.41 17.95 -55.87
C ASN A 105 24.48 17.22 -56.83
N THR A 106 24.23 17.79 -58.01
CA THR A 106 23.33 17.17 -58.98
C THR A 106 23.82 17.23 -60.42
N ASP A 107 24.93 17.89 -60.69
CA ASP A 107 25.42 18.04 -62.06
C ASP A 107 26.89 18.45 -62.00
N THR A 108 27.44 18.85 -63.15
CA THR A 108 28.81 19.35 -63.26
C THR A 108 29.82 18.33 -62.74
N GLU A 109 29.89 17.20 -63.44
CA GLU A 109 30.82 16.12 -63.13
C GLU A 109 30.60 15.59 -61.71
N LYS A 110 29.42 15.01 -61.50
CA LYS A 110 29.09 14.43 -60.19
C LYS A 110 30.02 13.27 -59.84
N VAL A 111 30.61 12.63 -60.82
CA VAL A 111 31.55 11.55 -60.59
C VAL A 111 32.96 12.06 -60.83
N THR A 112 33.96 11.30 -60.39
CA THR A 112 35.36 11.70 -60.54
C THR A 112 36.18 10.58 -61.15
N TYR A 113 37.50 10.78 -61.23
CA TYR A 113 38.42 9.80 -61.78
C TYR A 113 39.21 9.13 -60.66
N ASN A 114 39.63 7.90 -60.92
CA ASN A 114 40.37 7.11 -59.93
C ASN A 114 41.87 7.37 -59.97
N GLU A 115 42.35 8.16 -60.93
CA GLU A 115 43.78 8.44 -61.04
C GLU A 115 43.97 9.79 -61.72
N ALA A 116 45.17 10.35 -61.55
CA ALA A 116 45.54 11.62 -62.15
C ALA A 116 46.57 11.49 -63.25
N THR A 117 47.66 10.76 -63.00
CA THR A 117 48.68 10.53 -64.01
C THR A 117 48.20 9.49 -65.02
N VAL A 118 48.84 9.48 -66.18
CA VAL A 118 48.46 8.53 -67.23
C VAL A 118 48.67 7.09 -66.78
N PRO A 119 49.82 6.72 -66.23
CA PRO A 119 50.01 5.32 -65.79
C PRO A 119 49.69 5.15 -64.31
N LYS A 120 49.70 3.89 -63.89
CA LYS A 120 49.52 3.51 -62.48
C LYS A 120 48.17 4.02 -61.94
N ILE A 121 47.10 3.49 -62.52
CA ILE A 121 45.76 3.83 -62.05
C ILE A 121 45.57 3.32 -60.64
N SER A 122 45.14 4.20 -59.74
CA SER A 122 44.99 3.88 -58.32
C SER A 122 43.53 3.64 -57.98
N SER A 123 43.31 3.03 -56.82
CA SER A 123 41.98 2.75 -56.31
C SER A 123 41.51 3.91 -55.43
N TYR A 124 40.41 3.69 -54.71
CA TYR A 124 39.84 4.71 -53.82
C TYR A 124 40.36 4.59 -52.39
N TYR A 125 41.59 4.07 -52.21
CA TYR A 125 42.16 3.89 -50.88
C TYR A 125 42.84 5.14 -50.35
N ASN A 126 42.87 6.23 -51.11
CA ASN A 126 43.52 7.45 -50.67
C ASN A 126 42.68 8.13 -49.58
N LEU A 127 43.17 9.28 -49.12
CA LEU A 127 42.51 10.04 -48.07
C LEU A 127 42.33 11.49 -48.51
N PHE A 128 41.36 12.15 -47.90
CA PHE A 128 41.06 13.54 -48.21
C PHE A 128 40.47 14.21 -46.98
N GLY A 129 40.53 15.54 -46.98
CA GLY A 129 40.02 16.32 -45.86
C GLY A 129 41.00 16.41 -44.71
N LEU A 130 41.41 15.25 -44.17
CA LEU A 130 42.39 15.25 -43.09
C LEU A 130 43.74 15.75 -43.56
N THR A 131 44.04 15.61 -44.85
CA THR A 131 45.30 16.13 -45.37
C THR A 131 45.34 17.65 -45.36
N LEU A 132 44.20 18.29 -45.59
CA LEU A 132 44.11 19.75 -45.63
C LEU A 132 43.89 20.37 -44.26
N VAL A 133 43.82 19.56 -43.21
CA VAL A 133 43.60 20.04 -41.85
C VAL A 133 44.67 19.46 -40.94
N GLY A 134 44.82 20.08 -39.77
CA GLY A 134 45.81 19.59 -38.82
C GLY A 134 45.50 18.21 -38.29
N ARG A 135 44.23 17.97 -37.94
CA ARG A 135 43.75 16.68 -37.45
C ARG A 135 44.48 16.22 -36.19
N MET A 136 45.02 17.16 -35.42
CA MET A 136 45.74 16.83 -34.19
C MET A 136 44.79 16.99 -33.00
N ASP A 137 43.80 16.11 -32.96
CA ASP A 137 42.80 16.11 -31.90
C ASP A 137 42.20 14.71 -31.81
N SER A 138 41.12 14.59 -31.04
CA SER A 138 40.46 13.30 -30.84
C SER A 138 39.01 13.29 -31.34
N GLU A 139 38.52 14.40 -31.89
CA GLU A 139 37.16 14.48 -32.41
C GLU A 139 37.22 14.80 -33.89
N VAL A 140 36.90 13.81 -34.73
CA VAL A 140 36.95 13.96 -36.18
C VAL A 140 35.61 13.51 -36.74
N VAL A 141 35.07 14.30 -37.67
CA VAL A 141 33.81 13.98 -38.32
C VAL A 141 34.11 13.19 -39.58
N LEU A 142 33.43 12.05 -39.73
CA LEU A 142 33.64 11.16 -40.87
C LEU A 142 32.51 11.34 -41.88
N THR A 143 32.87 11.52 -43.14
CA THR A 143 31.91 11.70 -44.21
C THR A 143 32.52 11.23 -45.51
N GLY A 144 31.66 11.01 -46.51
CA GLY A 144 32.10 10.54 -47.80
C GLY A 144 32.18 11.63 -48.85
N HIS A 145 31.18 12.51 -48.87
CA HIS A 145 31.15 13.57 -49.86
C HIS A 145 32.18 14.64 -49.55
N GLU A 146 32.81 15.18 -50.60
CA GLU A 146 33.77 16.26 -50.42
C GLU A 146 33.09 17.52 -49.89
N LEU A 147 31.86 17.80 -50.35
CA LEU A 147 31.11 18.93 -49.83
C LEU A 147 30.81 18.76 -48.35
N ASP A 148 30.49 17.53 -47.93
CA ASP A 148 30.27 17.28 -46.51
C ASP A 148 31.52 17.54 -45.70
N THR A 149 32.69 17.13 -46.22
CA THR A 149 33.94 17.40 -45.53
C THR A 149 34.22 18.89 -45.45
N LEU A 150 33.93 19.63 -46.52
CA LEU A 150 34.12 21.08 -46.50
C LEU A 150 33.20 21.73 -45.47
N ALA A 151 31.95 21.27 -45.40
CA ALA A 151 31.02 21.81 -44.42
C ALA A 151 31.47 21.49 -42.99
N VAL A 152 31.98 20.28 -42.77
CA VAL A 152 32.49 19.91 -41.45
C VAL A 152 33.69 20.78 -41.08
N SER A 153 34.54 21.09 -42.07
CA SER A 153 35.62 22.05 -41.83
C SER A 153 35.06 23.43 -41.47
N GLN A 154 33.98 23.83 -42.13
CA GLN A 154 33.33 25.10 -41.85
C GLN A 154 32.60 25.10 -40.50
N ALA A 155 32.48 23.96 -39.84
CA ALA A 155 31.76 23.86 -38.58
C ALA A 155 32.62 24.41 -37.45
N THR A 156 32.18 24.19 -36.22
CA THR A 156 32.85 24.74 -35.03
C THR A 156 34.09 23.93 -34.68
N GLY A 157 35.08 23.97 -35.59
CA GLY A 157 36.36 23.35 -35.35
C GLY A 157 36.38 21.85 -35.41
N LEU A 158 35.32 21.22 -35.91
CA LEU A 158 35.29 19.77 -36.01
C LEU A 158 36.18 19.29 -37.14
N PRO A 159 37.17 18.44 -36.88
CA PRO A 159 38.01 17.94 -37.97
C PRO A 159 37.23 17.05 -38.92
N SER A 160 37.66 17.05 -40.18
CA SER A 160 37.02 16.28 -41.23
C SER A 160 38.04 15.36 -41.90
N VAL A 161 37.63 14.11 -42.12
CA VAL A 161 38.48 13.12 -42.79
C VAL A 161 37.61 12.34 -43.77
N ALA A 162 38.17 12.07 -44.94
CA ALA A 162 37.44 11.36 -45.98
C ALA A 162 38.41 10.66 -46.91
N LEU A 163 37.89 9.74 -47.70
CA LEU A 163 38.65 9.03 -48.71
C LEU A 163 38.37 9.61 -50.08
N PRO A 164 39.10 9.15 -51.11
CA PRO A 164 38.80 9.64 -52.47
C PRO A 164 37.38 9.33 -52.92
N ARG A 165 36.82 8.21 -52.50
CA ARG A 165 35.44 7.84 -52.78
C ARG A 165 34.77 7.33 -51.51
N GLY A 166 34.92 8.08 -50.42
CA GLY A 166 34.48 7.67 -49.10
C GLY A 166 33.01 7.34 -48.99
N VAL A 167 32.21 7.63 -50.02
CA VAL A 167 30.80 7.25 -50.01
C VAL A 167 30.65 5.74 -49.92
N SER A 168 31.45 5.01 -50.71
CA SER A 168 31.43 3.55 -50.68
C SER A 168 32.83 2.97 -50.73
N CYS A 169 33.81 3.67 -50.18
CA CYS A 169 35.19 3.20 -50.20
C CYS A 169 35.42 2.14 -49.13
N LEU A 170 36.54 1.44 -49.25
CA LEU A 170 36.91 0.43 -48.27
C LEU A 170 37.39 1.09 -46.99
N PRO A 171 36.80 0.80 -45.83
CA PRO A 171 37.23 1.45 -44.59
C PRO A 171 38.45 0.76 -44.01
N PRO A 172 38.86 -0.37 -44.59
CA PRO A 172 40.03 -1.09 -44.06
C PRO A 172 41.36 -0.64 -44.62
N MET A 173 41.38 0.21 -45.64
CA MET A 173 42.64 0.66 -46.21
C MET A 173 43.44 1.50 -45.22
N LEU A 174 42.77 2.38 -44.48
CA LEU A 174 43.41 3.26 -43.52
C LEU A 174 42.69 3.19 -42.17
N LEU A 175 42.43 1.96 -41.72
CA LEU A 175 41.75 1.77 -40.45
C LEU A 175 42.50 2.37 -39.27
N PRO A 176 43.81 2.16 -39.13
CA PRO A 176 44.53 2.80 -38.01
C PRO A 176 44.49 4.31 -38.05
N TYR A 177 44.49 4.91 -39.24
CA TYR A 177 44.44 6.37 -39.34
C TYR A 177 43.13 6.90 -38.76
N LEU A 178 42.01 6.25 -39.05
CA LEU A 178 40.74 6.67 -38.48
C LEU A 178 40.62 6.30 -37.02
N GLU A 179 41.25 5.19 -36.61
CA GLU A 179 41.20 4.75 -35.22
C GLU A 179 42.14 5.52 -34.31
N GLN A 180 43.03 6.34 -34.87
CA GLN A 180 43.92 7.15 -34.04
C GLN A 180 43.13 8.11 -33.16
N PHE A 181 42.00 8.61 -33.65
CA PHE A 181 41.16 9.48 -32.84
C PHE A 181 40.45 8.69 -31.75
N LYS A 182 39.97 9.41 -30.74
CA LYS A 182 39.31 8.79 -29.59
C LYS A 182 37.79 8.78 -29.72
N ARG A 183 37.19 9.95 -29.90
CA ARG A 183 35.74 10.09 -29.97
C ARG A 183 35.38 10.68 -31.33
N VAL A 184 35.18 9.81 -32.32
CA VAL A 184 34.80 10.24 -33.66
C VAL A 184 33.28 10.39 -33.72
N THR A 185 32.82 11.19 -34.67
CA THR A 185 31.39 11.44 -34.87
C THR A 185 31.05 11.20 -36.34
N LEU A 186 30.24 10.17 -36.59
CA LEU A 186 29.84 9.87 -37.96
C LEU A 186 28.93 10.97 -38.49
N TRP A 187 29.17 11.35 -39.75
CA TRP A 187 28.44 12.43 -40.42
C TRP A 187 27.97 11.98 -41.79
N LEU A 188 27.38 10.79 -41.86
CA LEU A 188 26.90 10.25 -43.12
C LEU A 188 25.62 10.98 -43.55
N GLY A 189 25.08 10.56 -44.69
CA GLY A 189 23.88 11.19 -45.20
C GLY A 189 22.66 10.89 -44.35
N HIS A 190 21.71 11.83 -44.40
CA HIS A 190 20.48 11.71 -43.64
C HIS A 190 19.40 10.90 -44.34
N ASP A 191 19.58 10.56 -45.61
CA ASP A 191 18.59 9.81 -46.35
C ASP A 191 18.77 8.32 -46.10
N ILE A 192 18.02 7.49 -46.82
CA ILE A 192 18.11 6.04 -46.68
C ILE A 192 19.43 5.57 -47.30
N ARG A 193 19.81 4.33 -47.00
CA ARG A 193 21.04 3.69 -47.47
C ARG A 193 22.30 4.41 -47.01
N SER A 194 22.17 5.37 -46.09
CA SER A 194 23.31 6.09 -45.53
C SER A 194 23.43 5.90 -44.04
N TRP A 195 22.33 6.03 -43.30
CA TRP A 195 22.36 5.77 -41.86
C TRP A 195 22.70 4.31 -41.58
N GLU A 196 22.10 3.39 -42.35
CA GLU A 196 22.45 1.98 -42.21
C GLU A 196 23.91 1.73 -42.59
N ALA A 197 24.38 2.40 -43.64
CA ALA A 197 25.79 2.30 -44.01
C ALA A 197 26.69 2.85 -42.91
N SER A 198 26.27 3.94 -42.28
CA SER A 198 27.05 4.49 -41.17
C SER A 198 27.10 3.51 -40.01
N LYS A 199 25.98 2.85 -39.73
CA LYS A 199 25.93 1.84 -38.64
C LYS A 199 26.88 0.71 -38.98
N ILE A 200 26.84 0.24 -40.23
CA ILE A 200 27.69 -0.86 -40.65
C ILE A 200 29.16 -0.49 -40.53
N PHE A 201 29.51 0.74 -40.94
CA PHE A 201 30.89 1.20 -40.85
C PHE A 201 31.34 1.30 -39.40
N SER A 202 30.46 1.79 -38.52
CA SER A 202 30.79 1.87 -37.10
C SER A 202 31.01 0.49 -36.50
N ARG A 203 30.16 -0.48 -36.89
CA ARG A 203 30.35 -1.84 -36.42
C ARG A 203 31.67 -2.42 -36.92
N LYS A 204 32.01 -2.15 -38.18
CA LYS A 204 33.29 -2.62 -38.72
C LYS A 204 34.46 -1.97 -38.01
N LEU A 205 34.36 -0.67 -37.72
CA LEU A 205 35.42 0.04 -37.03
C LEU A 205 35.34 -0.25 -35.53
N GLY A 206 36.13 0.46 -34.73
CA GLY A 206 36.14 0.25 -33.30
C GLY A 206 34.82 0.59 -32.63
N LEU A 207 34.12 -0.42 -32.15
CA LEU A 207 32.84 -0.21 -31.49
C LEU A 207 33.03 0.51 -30.16
N ARG A 208 31.99 1.21 -29.74
CA ARG A 208 31.99 1.99 -28.50
C ARG A 208 33.09 3.05 -28.50
N ARG A 209 33.47 3.53 -29.69
CA ARG A 209 34.47 4.56 -29.83
C ARG A 209 34.07 5.70 -30.76
N CYS A 210 33.16 5.47 -31.70
CA CYS A 210 32.70 6.50 -32.63
C CYS A 210 31.18 6.56 -32.58
N SER A 211 30.65 7.71 -32.19
CA SER A 211 29.20 7.88 -32.05
C SER A 211 28.60 8.34 -33.36
N LEU A 212 27.52 7.66 -33.76
CA LEU A 212 26.81 8.00 -34.99
C LEU A 212 25.85 9.16 -34.75
N VAL A 213 25.37 9.74 -35.84
CA VAL A 213 24.46 10.89 -35.81
C VAL A 213 23.12 10.45 -36.38
N ARG A 214 22.06 10.62 -35.60
CA ARG A 214 20.70 10.25 -36.02
C ARG A 214 19.75 11.43 -35.85
N PRO A 215 20.10 12.59 -36.37
CA PRO A 215 19.22 13.76 -36.26
C PRO A 215 18.27 13.87 -37.45
N GLY A 216 17.26 14.72 -37.27
CA GLY A 216 16.28 14.95 -38.32
C GLY A 216 16.71 15.91 -39.40
N GLU A 217 17.88 16.54 -39.24
CA GLU A 217 18.38 17.48 -40.23
C GLU A 217 19.15 16.76 -41.33
N ASP A 218 19.41 17.48 -42.42
CA ASP A 218 20.13 16.92 -43.56
C ASP A 218 21.63 16.94 -43.28
N ARG A 219 22.43 16.72 -44.33
CA ARG A 219 23.88 16.68 -44.22
C ARG A 219 24.43 18.03 -43.77
N PRO A 220 25.70 18.09 -43.36
CA PRO A 220 26.23 19.37 -42.86
C PRO A 220 26.17 20.49 -43.87
N CYS A 221 26.38 20.20 -45.16
CA CYS A 221 26.25 21.24 -46.18
C CYS A 221 24.83 21.78 -46.27
N PRO A 222 23.80 20.95 -46.39
CA PRO A 222 22.43 21.51 -46.36
C PRO A 222 22.09 22.19 -45.06
N LEU A 223 22.63 21.71 -43.93
CA LEU A 223 22.39 22.37 -42.65
C LEU A 223 22.96 23.78 -42.64
N GLU A 224 24.18 23.94 -43.16
CA GLU A 224 24.75 25.27 -43.31
C GLU A 224 23.93 26.12 -44.27
N ALA A 225 23.46 25.52 -45.36
CA ALA A 225 22.61 26.24 -46.30
C ALA A 225 21.30 26.64 -45.66
N LEU A 226 20.71 25.75 -44.86
CA LEU A 226 19.43 25.99 -44.21
C LEU A 226 19.57 26.73 -42.88
N ALA A 227 20.72 27.37 -42.63
CA ALA A 227 20.97 28.14 -41.41
C ALA A 227 20.77 27.28 -40.17
N ARG A 228 21.24 26.03 -40.22
CA ARG A 228 21.15 25.09 -39.10
C ARG A 228 22.47 25.00 -38.34
N GLY A 229 23.19 26.12 -38.22
CA GLY A 229 24.45 26.10 -37.50
C GLY A 229 24.29 25.70 -36.05
N LYS A 230 23.22 26.18 -35.39
CA LYS A 230 22.93 25.77 -34.03
C LYS A 230 22.66 24.26 -33.97
N ASN A 231 21.88 23.74 -34.93
CA ASN A 231 21.66 22.30 -35.00
C ASN A 231 22.96 21.56 -35.28
N LEU A 232 23.78 22.08 -36.19
CA LEU A 232 25.05 21.44 -36.53
C LEU A 232 26.03 21.47 -35.37
N SER A 233 25.84 22.37 -34.41
CA SER A 233 26.71 22.45 -33.23
C SER A 233 26.16 21.68 -32.03
N ARG A 234 24.84 21.52 -31.94
CA ARG A 234 24.23 20.83 -30.81
C ARG A 234 23.96 19.36 -31.08
N ILE A 235 23.28 19.05 -32.18
CA ILE A 235 22.94 17.66 -32.50
C ILE A 235 24.21 16.85 -32.74
N ILE A 236 25.19 17.43 -33.44
CA ILE A 236 26.44 16.73 -33.66
C ILE A 236 27.16 16.47 -32.35
N LYS A 237 27.18 17.46 -31.46
CA LYS A 237 27.75 17.27 -30.13
C LYS A 237 26.93 16.32 -29.27
N THR A 238 25.65 16.14 -29.58
CA THR A 238 24.77 15.22 -28.86
C THR A 238 24.52 13.96 -29.69
N SER A 239 25.54 13.49 -30.39
CA SER A 239 25.40 12.31 -31.23
C SER A 239 25.15 11.07 -30.38
N ILE A 240 24.36 10.15 -30.93
CA ILE A 240 24.01 8.93 -30.20
C ILE A 240 25.24 8.04 -30.08
N PRO A 241 25.61 7.61 -28.86
CA PRO A 241 26.76 6.71 -28.71
C PRO A 241 26.55 5.40 -29.44
N ALA A 242 27.66 4.83 -29.92
CA ALA A 242 27.59 3.61 -30.71
C ALA A 242 27.07 2.44 -29.89
N ALA A 243 27.53 2.31 -28.65
CA ALA A 243 27.18 1.19 -27.79
C ALA A 243 26.32 1.67 -26.62
N HIS A 244 25.88 0.71 -25.82
CA HIS A 244 25.02 0.99 -24.66
C HIS A 244 25.09 -0.22 -23.74
N LYS A 245 24.36 -0.14 -22.63
CA LYS A 245 24.28 -1.25 -21.67
C LYS A 245 23.18 -2.24 -22.07
N SER A 246 23.22 -2.66 -23.32
CA SER A 246 22.29 -3.64 -23.88
C SER A 246 23.14 -4.77 -24.44
N ILE A 247 23.17 -5.91 -23.75
CA ILE A 247 24.09 -6.97 -24.10
C ILE A 247 23.68 -7.60 -25.43
N VAL A 248 24.68 -8.04 -26.19
CA VAL A 248 24.50 -8.48 -27.57
C VAL A 248 23.96 -9.90 -27.59
N SER A 249 23.59 -10.37 -28.78
CA SER A 249 23.09 -11.72 -29.01
C SER A 249 24.26 -12.71 -28.96
N PHE A 250 24.07 -13.92 -29.48
CA PHE A 250 25.06 -14.97 -29.26
C PHE A 250 26.34 -14.72 -30.04
N LYS A 251 26.95 -13.56 -29.80
CA LYS A 251 28.37 -13.31 -30.04
C LYS A 251 29.14 -13.23 -28.74
N GLN A 252 28.59 -12.51 -27.77
CA GLN A 252 28.92 -12.68 -26.36
C GLN A 252 27.92 -13.65 -25.74
N LEU A 253 28.20 -14.04 -24.49
CA LEU A 253 27.47 -15.06 -23.73
C LEU A 253 27.65 -16.45 -24.31
N ARG A 254 28.37 -16.61 -25.43
CA ARG A 254 28.57 -17.93 -26.00
C ARG A 254 29.36 -18.82 -25.06
N GLU A 255 30.41 -18.29 -24.45
CA GLU A 255 31.23 -19.09 -23.54
C GLU A 255 30.43 -19.53 -22.32
N ASP A 256 29.65 -18.62 -21.74
CA ASP A 256 28.88 -18.98 -20.55
C ASP A 256 27.83 -20.04 -20.86
N VAL A 257 27.12 -19.90 -21.98
CA VAL A 257 26.13 -20.91 -22.35
C VAL A 257 26.79 -22.24 -22.63
N TYR A 258 27.92 -22.23 -23.33
CA TYR A 258 28.63 -23.48 -23.60
C TYR A 258 29.10 -24.13 -22.31
N GLY A 259 29.60 -23.34 -21.36
CA GLY A 259 30.02 -23.90 -20.09
C GLY A 259 28.86 -24.49 -19.30
N GLU A 260 27.73 -23.78 -19.25
CA GLU A 260 26.58 -24.30 -18.53
C GLU A 260 25.98 -25.52 -19.21
N LEU A 261 26.16 -25.65 -20.53
CA LEU A 261 25.72 -26.85 -21.23
C LEU A 261 26.77 -27.96 -21.18
N LEU A 262 27.98 -27.67 -20.72
CA LEU A 262 29.03 -28.68 -20.63
C LEU A 262 28.94 -29.46 -19.31
N ASN A 263 29.04 -28.77 -18.19
CA ASN A 263 28.95 -29.41 -16.88
C ASN A 263 27.51 -29.36 -16.35
N THR A 264 26.62 -30.00 -17.11
CA THR A 264 25.21 -30.04 -16.73
C THR A 264 25.01 -30.69 -15.37
N GLU A 265 25.90 -31.60 -14.99
CA GLU A 265 25.82 -32.20 -13.66
C GLU A 265 26.09 -31.18 -12.56
N GLN A 266 26.77 -30.08 -12.88
CA GLN A 266 27.04 -29.04 -11.89
C GLN A 266 25.93 -28.00 -11.79
N VAL A 267 25.00 -27.97 -12.74
CA VAL A 267 23.87 -27.05 -12.63
C VAL A 267 23.02 -27.39 -11.42
N ALA A 268 22.72 -28.68 -11.23
CA ALA A 268 22.12 -29.17 -10.01
C ALA A 268 23.24 -29.59 -9.07
N GLY A 269 23.32 -28.96 -7.92
CA GLY A 269 24.48 -29.12 -7.05
C GLY A 269 24.45 -30.39 -6.22
N VAL A 270 24.73 -30.24 -4.92
CA VAL A 270 24.84 -31.40 -4.04
C VAL A 270 23.49 -32.11 -3.96
N LYS A 271 23.53 -33.43 -4.10
CA LYS A 271 22.34 -34.25 -3.95
C LYS A 271 22.16 -34.62 -2.47
N TRP A 272 21.10 -35.34 -2.18
CA TRP A 272 20.79 -35.75 -0.82
C TRP A 272 21.14 -37.22 -0.63
N THR A 273 21.50 -37.57 0.60
CA THR A 273 21.91 -38.93 0.97
C THR A 273 20.81 -39.68 1.69
N ARG A 274 20.21 -39.09 2.72
CA ARG A 274 19.16 -39.73 3.49
C ARG A 274 17.77 -39.52 2.91
N PHE A 275 17.65 -38.76 1.83
CA PHE A 275 16.36 -38.43 1.22
C PHE A 275 16.40 -38.77 -0.26
N PRO A 276 16.19 -40.03 -0.61
CA PRO A 276 16.20 -40.40 -2.04
C PRO A 276 15.10 -39.73 -2.84
N GLU A 277 13.94 -39.46 -2.23
CA GLU A 277 12.83 -38.89 -2.98
C GLU A 277 13.14 -37.48 -3.46
N LEU A 278 13.83 -36.68 -2.63
CA LEU A 278 14.17 -35.32 -3.04
C LEU A 278 15.15 -35.27 -4.19
N ASN A 279 15.82 -36.38 -4.51
CA ASN A 279 16.74 -36.41 -5.65
C ASN A 279 16.03 -36.55 -6.98
N ARG A 280 14.75 -36.94 -6.99
CA ARG A 280 13.99 -37.08 -8.22
C ARG A 280 12.89 -36.05 -8.35
N ILE A 281 12.82 -35.07 -7.45
CA ILE A 281 11.82 -34.02 -7.52
C ILE A 281 12.53 -32.68 -7.67
N LEU A 282 13.35 -32.32 -6.68
CA LEU A 282 14.12 -31.09 -6.75
C LEU A 282 15.45 -31.27 -7.48
N LYS A 283 15.82 -32.50 -7.81
CA LYS A 283 17.03 -32.84 -8.55
C LYS A 283 18.31 -32.44 -7.83
N GLY A 284 18.23 -32.09 -6.54
CA GLY A 284 19.40 -31.75 -5.77
C GLY A 284 19.24 -30.40 -5.11
N HIS A 285 20.37 -29.85 -4.67
CA HIS A 285 20.43 -28.56 -3.99
C HIS A 285 21.31 -27.62 -4.79
N ARG A 286 20.73 -26.52 -5.28
CA ARG A 286 21.42 -25.60 -6.16
C ARG A 286 21.60 -24.26 -5.46
N LYS A 287 22.78 -23.67 -5.60
CA LYS A 287 23.06 -22.39 -4.98
C LYS A 287 22.31 -21.27 -5.68
N GLY A 288 22.13 -20.16 -4.97
CA GLY A 288 21.52 -18.97 -5.53
C GLY A 288 20.01 -18.99 -5.60
N GLU A 289 19.35 -19.90 -4.89
CA GLU A 289 17.89 -20.00 -4.92
C GLU A 289 17.32 -19.74 -3.53
N LEU A 290 16.18 -19.09 -3.48
CA LEU A 290 15.45 -18.83 -2.24
C LEU A 290 14.27 -19.77 -2.15
N THR A 291 14.15 -20.49 -1.04
CA THR A 291 13.08 -21.44 -0.83
C THR A 291 12.29 -21.06 0.43
N VAL A 292 11.00 -21.38 0.42
CA VAL A 292 10.12 -21.09 1.54
C VAL A 292 9.53 -22.41 2.04
N PHE A 293 9.41 -22.54 3.35
CA PHE A 293 8.86 -23.72 3.99
C PHE A 293 7.68 -23.33 4.86
N THR A 294 6.63 -24.15 4.82
CA THR A 294 5.44 -23.86 5.60
C THR A 294 4.71 -25.18 5.89
N GLY A 295 3.86 -25.13 6.91
CA GLY A 295 3.09 -26.29 7.30
C GLY A 295 2.22 -26.01 8.49
N PRO A 296 1.39 -26.97 8.88
CA PRO A 296 0.51 -26.77 10.04
C PRO A 296 1.31 -26.56 11.31
N THR A 297 0.71 -25.83 12.25
CA THR A 297 1.39 -25.50 13.49
C THR A 297 1.74 -26.76 14.27
N GLY A 298 2.99 -26.82 14.74
CA GLY A 298 3.44 -27.97 15.51
C GLY A 298 3.42 -29.27 14.74
N SER A 299 3.78 -29.23 13.46
CA SER A 299 3.80 -30.43 12.63
C SER A 299 5.20 -30.98 12.41
N GLY A 300 6.23 -30.24 12.79
CA GLY A 300 7.60 -30.73 12.64
C GLY A 300 8.38 -30.02 11.56
N LYS A 301 8.06 -28.75 11.33
CA LYS A 301 8.80 -27.98 10.32
C LYS A 301 10.26 -27.84 10.68
N THR A 302 10.54 -27.54 11.96
CA THR A 302 11.92 -27.34 12.39
C THR A 302 12.72 -28.64 12.35
N THR A 303 12.09 -29.75 12.75
CA THR A 303 12.80 -31.02 12.78
C THR A 303 13.20 -31.48 11.38
N PHE A 304 12.28 -31.38 10.42
CA PHE A 304 12.59 -31.80 9.06
C PHE A 304 13.66 -30.92 8.43
N ILE A 305 13.57 -29.60 8.63
CA ILE A 305 14.58 -28.69 8.10
C ILE A 305 15.93 -29.00 8.74
N SER A 306 15.94 -29.34 10.03
CA SER A 306 17.18 -29.73 10.68
C SER A 306 17.77 -30.98 10.04
N GLU A 307 16.92 -31.96 9.73
CA GLU A 307 17.40 -33.17 9.07
C GLU A 307 17.98 -32.87 7.70
N VAL A 308 17.31 -32.02 6.92
CA VAL A 308 17.82 -31.67 5.59
C VAL A 308 19.15 -30.96 5.69
N ALA A 309 19.25 -29.99 6.62
CA ALA A 309 20.50 -29.26 6.79
C ALA A 309 21.62 -30.18 7.24
N LEU A 310 21.32 -31.11 8.15
CA LEU A 310 22.34 -32.05 8.61
C LEU A 310 22.81 -32.96 7.48
N ASP A 311 21.86 -33.43 6.65
CA ASP A 311 22.24 -34.29 5.53
C ASP A 311 23.08 -33.53 4.51
N LEU A 312 22.77 -32.27 4.26
CA LEU A 312 23.52 -31.49 3.29
C LEU A 312 24.89 -31.04 3.82
N CYS A 313 24.99 -30.76 5.12
CA CYS A 313 26.24 -30.27 5.69
C CYS A 313 27.32 -31.33 5.75
N ILE A 314 26.97 -32.61 5.55
CA ILE A 314 27.95 -33.68 5.66
C ILE A 314 29.01 -33.55 4.57
N GLN A 315 28.58 -33.40 3.32
CA GLN A 315 29.54 -33.45 2.21
C GLN A 315 30.23 -32.11 1.97
N GLY A 316 29.49 -31.11 1.51
CA GLY A 316 30.09 -29.85 1.14
C GLY A 316 29.49 -28.60 1.74
N VAL A 317 28.21 -28.67 2.12
CA VAL A 317 27.45 -27.47 2.43
C VAL A 317 27.89 -26.92 3.78
N ASN A 318 28.26 -25.64 3.80
CA ASN A 318 28.55 -24.94 5.06
C ASN A 318 27.31 -24.14 5.44
N THR A 319 26.67 -24.54 6.54
CA THR A 319 25.36 -24.02 6.88
C THR A 319 25.45 -23.03 8.04
N LEU A 320 24.50 -22.10 8.05
CA LEU A 320 24.33 -21.15 9.14
C LEU A 320 22.89 -21.22 9.62
N TRP A 321 22.70 -21.35 10.92
CA TRP A 321 21.38 -21.57 11.50
C TRP A 321 20.90 -20.31 12.20
N GLY A 322 19.69 -19.88 11.86
CA GLY A 322 19.03 -18.82 12.60
C GLY A 322 17.97 -19.38 13.52
N SER A 323 18.29 -19.47 14.81
CA SER A 323 17.40 -20.09 15.79
C SER A 323 16.62 -18.99 16.50
N PHE A 324 15.52 -18.58 15.89
CA PHE A 324 14.69 -17.51 16.42
C PHE A 324 13.55 -18.01 17.30
N GLN A 325 13.36 -19.32 17.40
CA GLN A 325 12.32 -19.88 18.25
C GLN A 325 12.84 -20.86 19.28
N ILE A 326 13.82 -21.67 18.92
CA ILE A 326 14.42 -22.65 19.82
C ILE A 326 15.80 -22.13 20.21
N ASN A 327 16.09 -22.14 21.51
CA ASN A 327 17.40 -21.69 21.97
C ASN A 327 18.50 -22.60 21.42
N ASN A 328 19.70 -22.04 21.29
CA ASN A 328 20.80 -22.71 20.60
C ASN A 328 21.32 -23.94 21.33
N VAL A 329 20.75 -24.30 22.48
CA VAL A 329 21.13 -25.51 23.18
C VAL A 329 20.22 -26.68 22.84
N ARG A 330 18.91 -26.46 22.86
CA ARG A 330 17.98 -27.51 22.48
C ARG A 330 18.13 -27.87 21.00
N LEU A 331 18.36 -26.87 20.16
CA LEU A 331 18.58 -27.15 18.74
C LEU A 331 19.82 -28.01 18.54
N ALA A 332 20.92 -27.67 19.23
CA ALA A 332 22.13 -28.47 19.13
C ALA A 332 21.90 -29.88 19.65
N LYS A 333 21.13 -30.02 20.73
CA LYS A 333 20.83 -31.34 21.27
C LYS A 333 20.07 -32.18 20.25
N ILE A 334 19.03 -31.59 19.63
CA ILE A 334 18.24 -32.33 18.64
C ILE A 334 19.10 -32.70 17.45
N MET A 335 19.93 -31.77 16.97
CA MET A 335 20.76 -32.04 15.81
C MET A 335 21.79 -33.13 16.10
N LEU A 336 22.38 -33.11 17.30
CA LEU A 336 23.31 -34.16 17.68
C LEU A 336 22.61 -35.50 17.82
N THR A 337 21.39 -35.50 18.34
CA THR A 337 20.63 -36.75 18.42
C THR A 337 20.36 -37.31 17.02
N GLN A 338 20.00 -36.45 16.07
CA GLN A 338 19.78 -36.91 14.71
C GLN A 338 21.06 -37.42 14.08
N PHE A 339 22.18 -36.73 14.31
CA PHE A 339 23.45 -37.17 13.74
C PHE A 339 23.92 -38.49 14.32
N ALA A 340 23.68 -38.71 15.62
CA ALA A 340 24.13 -39.94 16.26
C ALA A 340 23.31 -41.15 15.85
N MET A 341 22.12 -40.94 15.28
CA MET A 341 21.23 -42.00 14.83
C MET A 341 20.78 -42.90 15.99
N GLN A 342 20.86 -42.41 17.22
CA GLN A 342 20.42 -43.18 18.38
C GLN A 342 20.19 -42.22 19.54
N ARG A 343 19.51 -42.71 20.56
CA ARG A 343 19.27 -41.95 21.78
C ARG A 343 20.58 -41.77 22.51
N LEU A 344 21.18 -40.59 22.42
CA LEU A 344 22.46 -40.33 23.05
C LEU A 344 22.36 -40.29 24.57
N GLU A 345 21.16 -40.04 25.10
CA GLU A 345 20.99 -40.01 26.55
C GLU A 345 21.22 -41.38 27.18
N GLU A 346 20.95 -42.45 26.44
CA GLU A 346 21.10 -43.80 26.98
C GLU A 346 22.56 -44.10 27.29
N ASN A 347 23.47 -43.66 26.43
CA ASN A 347 24.90 -43.98 26.58
C ASN A 347 25.69 -42.68 26.56
N LEU A 348 26.08 -42.21 27.75
CA LEU A 348 26.96 -41.06 27.86
C LEU A 348 28.42 -41.41 27.64
N GLU A 349 28.77 -42.70 27.69
CA GLU A 349 30.15 -43.10 27.44
C GLU A 349 30.56 -42.85 25.99
N GLN A 350 29.63 -42.98 25.06
CA GLN A 350 29.88 -42.73 23.66
C GLN A 350 29.72 -41.27 23.28
N TYR A 351 29.36 -40.40 24.24
CA TYR A 351 29.13 -39.01 23.92
C TYR A 351 30.39 -38.32 23.40
N ASP A 352 31.53 -38.62 24.02
CA ASP A 352 32.77 -37.94 23.64
C ASP A 352 33.16 -38.26 22.20
N PHE A 353 33.05 -39.52 21.80
CA PHE A 353 33.46 -39.91 20.46
C PHE A 353 32.61 -39.24 19.39
N TRP A 354 31.29 -39.28 19.54
CA TRP A 354 30.41 -38.69 18.54
C TRP A 354 30.45 -37.17 18.59
N ALA A 355 30.69 -36.59 19.76
CA ALA A 355 30.88 -35.15 19.84
C ALA A 355 32.14 -34.72 19.11
N ASP A 356 33.22 -35.49 19.24
CA ASP A 356 34.44 -35.19 18.50
C ASP A 356 34.24 -35.37 17.00
N LYS A 357 33.50 -36.41 16.60
CA LYS A 357 33.23 -36.60 15.18
C LYS A 357 32.35 -35.50 14.62
N PHE A 358 31.43 -34.97 15.42
CA PHE A 358 30.58 -33.84 15.04
C PHE A 358 31.26 -32.51 15.23
N GLU A 359 32.47 -32.48 15.80
CA GLU A 359 33.17 -31.24 16.06
C GLU A 359 33.68 -30.57 14.79
N GLU A 360 34.12 -31.36 13.81
CA GLU A 360 34.79 -30.83 12.63
C GLU A 360 33.85 -30.42 11.51
N LEU A 361 32.55 -30.67 11.66
CA LEU A 361 31.63 -30.31 10.59
C LEU A 361 31.50 -28.78 10.48
N PRO A 362 31.34 -28.27 9.25
CA PRO A 362 31.21 -26.82 9.08
C PRO A 362 29.86 -26.30 9.54
N LEU A 363 29.72 -26.11 10.85
CA LEU A 363 28.45 -25.69 11.44
C LEU A 363 28.64 -24.38 12.19
N TYR A 364 27.63 -23.51 12.10
CA TYR A 364 27.63 -22.24 12.82
C TYR A 364 26.20 -21.91 13.23
N PHE A 365 26.08 -21.04 14.24
CA PHE A 365 24.79 -20.64 14.76
C PHE A 365 24.79 -19.14 15.03
N MET A 366 23.60 -18.57 15.12
CA MET A 366 23.43 -17.15 15.40
C MET A 366 22.88 -16.97 16.81
N THR A 367 23.50 -16.04 17.55
CA THR A 367 23.17 -15.84 18.96
C THR A 367 21.80 -15.19 19.17
N PHE A 368 21.17 -14.68 18.12
CA PHE A 368 19.88 -14.01 18.28
C PHE A 368 18.80 -15.00 18.68
N HIS A 369 17.92 -14.57 19.57
CA HIS A 369 16.78 -15.38 19.99
C HIS A 369 15.47 -14.62 20.03
N GLY A 370 15.50 -13.29 20.00
CA GLY A 370 14.27 -12.51 20.05
C GLY A 370 14.02 -11.69 18.80
N GLN A 371 13.08 -10.76 18.88
CA GLN A 371 12.76 -9.92 17.73
C GLN A 371 13.95 -9.04 17.36
N GLN A 372 14.25 -8.98 16.07
CA GLN A 372 15.34 -8.16 15.56
C GLN A 372 14.93 -7.55 14.22
N ASN A 373 15.48 -6.37 13.95
CA ASN A 373 15.23 -5.72 12.66
C ASN A 373 16.09 -6.35 11.57
N ILE A 374 15.66 -6.15 10.32
CA ILE A 374 16.36 -6.74 9.19
C ILE A 374 17.72 -6.10 8.96
N LYS A 375 17.99 -4.94 9.55
CA LYS A 375 19.27 -4.28 9.36
C LYS A 375 20.40 -4.92 10.15
N THR A 376 20.09 -5.70 11.18
CA THR A 376 21.12 -6.34 12.00
C THR A 376 21.38 -7.79 11.62
N VAL A 377 20.31 -8.56 11.38
CA VAL A 377 20.50 -9.97 11.02
C VAL A 377 21.22 -10.10 9.69
N LEU A 378 20.96 -9.18 8.76
CA LEU A 378 21.60 -9.24 7.46
C LEU A 378 23.10 -8.97 7.56
N ASP A 379 23.51 -8.09 8.47
CA ASP A 379 24.93 -7.80 8.63
C ASP A 379 25.70 -9.03 9.12
N THR A 380 25.12 -9.76 10.08
CA THR A 380 25.79 -10.96 10.57
C THR A 380 25.93 -12.00 9.47
N MET A 381 24.88 -12.16 8.65
CA MET A 381 24.97 -13.09 7.53
C MET A 381 26.08 -12.69 6.56
N GLN A 382 26.17 -11.39 6.26
CA GLN A 382 27.20 -10.91 5.34
C GLN A 382 28.59 -11.15 5.90
N HIS A 383 28.78 -10.83 7.19
CA HIS A 383 30.09 -11.03 7.81
C HIS A 383 30.46 -12.50 7.89
N ALA A 384 29.47 -13.38 8.09
CA ALA A 384 29.74 -14.81 8.04
C ALA A 384 30.07 -15.26 6.62
N VAL A 385 29.47 -14.63 5.61
CA VAL A 385 29.77 -15.01 4.23
C VAL A 385 31.20 -14.63 3.87
N TYR A 386 31.63 -13.41 4.24
CA TYR A 386 33.01 -13.03 3.91
C TYR A 386 34.07 -13.86 4.63
N LEU A 387 33.73 -14.61 5.68
CA LEU A 387 34.73 -15.34 6.44
C LEU A 387 34.60 -16.85 6.30
N TYR A 388 33.45 -17.42 6.64
CA TYR A 388 33.28 -18.87 6.61
C TYR A 388 32.94 -19.40 5.23
N ASP A 389 32.53 -18.54 4.30
CA ASP A 389 32.11 -18.95 2.96
C ASP A 389 31.00 -19.99 3.03
N ILE A 390 29.89 -19.58 3.61
CA ILE A 390 28.72 -20.44 3.79
C ILE A 390 27.82 -20.29 2.58
N ASN A 391 27.03 -21.35 2.31
CA ASN A 391 26.14 -21.36 1.15
C ASN A 391 24.74 -21.83 1.53
N HIS A 392 24.38 -21.80 2.81
CA HIS A 392 23.05 -22.23 3.25
C HIS A 392 22.75 -21.54 4.57
N VAL A 393 21.90 -20.52 4.53
CA VAL A 393 21.46 -19.80 5.72
C VAL A 393 19.98 -20.09 5.94
N ILE A 394 19.63 -20.47 7.16
CA ILE A 394 18.28 -20.89 7.49
C ILE A 394 17.68 -19.89 8.47
N ILE A 395 16.52 -19.35 8.15
CA ILE A 395 15.86 -18.40 9.09
C ILE A 395 14.66 -19.13 9.67
N ASP A 396 14.35 -18.94 10.95
CA ASP A 396 13.14 -19.58 11.50
C ASP A 396 11.98 -18.60 11.40
N ASN A 397 10.85 -18.90 12.03
CA ASN A 397 9.62 -18.10 11.83
C ASN A 397 9.90 -16.66 11.41
N LEU A 398 9.75 -16.36 10.13
CA LEU A 398 9.90 -14.96 9.69
C LEU A 398 8.94 -14.10 10.49
N GLN A 399 7.72 -14.55 10.79
CA GLN A 399 6.82 -13.63 11.50
C GLN A 399 7.33 -13.27 12.89
N PHE A 400 8.10 -14.15 13.53
CA PHE A 400 8.61 -13.85 14.86
C PHE A 400 9.57 -12.66 14.83
N MET A 401 10.55 -12.72 13.92
CA MET A 401 11.49 -11.60 13.80
C MET A 401 10.81 -10.37 13.20
N MET A 402 9.84 -10.57 12.29
CA MET A 402 9.17 -9.44 11.68
C MET A 402 8.20 -8.78 12.65
N GLY A 403 7.65 -9.56 13.59
CA GLY A 403 6.66 -9.05 14.53
C GLY A 403 7.15 -7.87 15.35
N GLN A 404 6.59 -6.70 15.06
CA GLN A 404 7.01 -5.47 15.74
C GLN A 404 5.93 -4.98 16.69
N ILE A 409 3.61 1.87 10.90
CA ILE A 409 3.54 0.42 10.92
C ILE A 409 3.28 -0.11 9.52
N ASP A 410 2.00 -0.13 9.12
CA ASP A 410 1.57 -0.57 7.80
C ASP A 410 2.02 -2.00 7.53
N LYS A 411 1.43 -2.92 8.30
CA LYS A 411 1.73 -4.33 8.17
C LYS A 411 1.40 -4.81 6.75
N TYR A 412 1.86 -6.02 6.43
CA TYR A 412 1.85 -6.61 5.10
C TYR A 412 2.72 -5.84 4.12
N ALA A 413 3.55 -4.95 4.60
CA ALA A 413 4.51 -4.21 3.78
C ALA A 413 5.93 -4.36 4.28
N VAL A 414 6.13 -4.43 5.60
CA VAL A 414 7.45 -4.72 6.14
C VAL A 414 7.86 -6.15 5.80
N GLN A 415 6.89 -7.06 5.81
CA GLN A 415 7.18 -8.45 5.43
C GLN A 415 7.65 -8.53 3.98
N ASP A 416 6.97 -7.80 3.09
CA ASP A 416 7.40 -7.77 1.70
C ASP A 416 8.79 -7.16 1.57
N HIS A 417 9.07 -6.12 2.36
CA HIS A 417 10.37 -5.48 2.31
C HIS A 417 11.48 -6.45 2.73
N ILE A 418 11.26 -7.18 3.83
CA ILE A 418 12.30 -8.10 4.29
C ILE A 418 12.44 -9.29 3.33
N ILE A 419 11.33 -9.75 2.75
CA ILE A 419 11.43 -10.83 1.76
C ILE A 419 12.22 -10.37 0.54
N GLY A 420 11.96 -9.15 0.08
CA GLY A 420 12.74 -8.62 -1.03
C GLY A 420 14.20 -8.46 -0.70
N ALA A 421 14.51 -8.02 0.54
CA ALA A 421 15.89 -7.92 0.96
C ALA A 421 16.57 -9.28 0.97
N PHE A 422 15.87 -10.31 1.47
CA PHE A 422 16.43 -11.66 1.45
C PHE A 422 16.67 -12.15 0.03
N ARG A 423 15.71 -11.89 -0.87
CA ARG A 423 15.89 -12.30 -2.26
C ARG A 423 17.07 -11.61 -2.91
N LYS A 424 17.22 -10.30 -2.66
CA LYS A 424 18.34 -9.56 -3.21
C LYS A 424 19.66 -10.08 -2.66
N PHE A 425 19.71 -10.37 -1.36
CA PHE A 425 20.94 -10.92 -0.78
C PHE A 425 21.27 -12.28 -1.37
N ALA A 426 20.26 -13.13 -1.55
CA ALA A 426 20.50 -14.45 -2.12
C ALA A 426 20.99 -14.36 -3.55
N THR A 427 20.41 -13.45 -4.34
CA THR A 427 20.82 -13.32 -5.74
C THR A 427 22.21 -12.72 -5.86
N ASN A 428 22.53 -11.72 -5.03
CA ASN A 428 23.82 -11.04 -5.15
C ASN A 428 24.98 -11.84 -4.57
N THR A 429 24.69 -12.83 -3.73
CA THR A 429 25.74 -13.58 -3.05
C THR A 429 25.74 -15.07 -3.40
N SER A 430 24.64 -15.59 -3.94
CA SER A 430 24.50 -17.00 -4.32
C SER A 430 24.64 -17.91 -3.09
N CYS A 431 23.71 -17.71 -2.15
CA CYS A 431 23.57 -18.57 -0.98
C CYS A 431 22.12 -19.02 -0.89
N HIS A 432 21.92 -20.33 -0.76
CA HIS A 432 20.56 -20.88 -0.70
C HIS A 432 19.92 -20.50 0.62
N VAL A 433 19.03 -19.52 0.58
CA VAL A 433 18.35 -19.04 1.78
C VAL A 433 17.06 -19.83 1.96
N THR A 434 16.87 -20.39 3.15
CA THR A 434 15.66 -21.12 3.49
C THR A 434 14.85 -20.30 4.47
N LEU A 435 13.56 -20.17 4.20
CA LEU A 435 12.65 -19.37 5.02
C LEU A 435 11.52 -20.26 5.51
N ILE A 436 11.18 -20.14 6.78
CA ILE A 436 10.06 -20.87 7.39
C ILE A 436 8.99 -19.85 7.71
N ILE A 437 7.94 -19.80 6.88
CA ILE A 437 6.85 -18.85 7.04
C ILE A 437 5.61 -19.61 7.47
N HIS A 438 5.00 -19.18 8.58
CA HIS A 438 3.80 -19.84 9.07
C HIS A 438 2.62 -19.56 8.14
N PRO A 439 1.63 -20.44 8.10
CA PRO A 439 0.44 -20.21 7.29
C PRO A 439 -0.64 -19.46 8.06
N ARG A 440 -1.60 -18.95 7.30
CA ARG A 440 -2.76 -18.30 7.89
C ARG A 440 -3.67 -19.33 8.54
N LYS A 441 -4.65 -18.83 9.29
CA LYS A 441 -5.54 -19.71 10.06
C LYS A 441 -6.44 -20.48 9.10
N GLU A 442 -6.22 -21.79 9.01
CA GLU A 442 -7.07 -22.66 8.21
C GLU A 442 -8.19 -23.21 9.09
N GLU A 443 -8.93 -24.19 8.58
CA GLU A 443 -10.04 -24.79 9.31
C GLU A 443 -9.76 -26.22 9.75
N ASP A 444 -8.48 -26.65 9.71
CA ASP A 444 -7.98 -27.92 10.22
C ASP A 444 -8.41 -29.13 9.42
N ASP A 445 -9.18 -28.95 8.34
CA ASP A 445 -9.57 -30.07 7.49
C ASP A 445 -9.31 -29.76 6.01
N ARG A 446 -8.51 -28.74 5.72
CA ARG A 446 -8.22 -28.33 4.36
C ARG A 446 -6.72 -28.47 4.12
N GLU A 447 -6.37 -29.09 2.99
CA GLU A 447 -4.96 -29.23 2.64
C GLU A 447 -4.35 -27.85 2.38
N LEU A 448 -3.14 -27.66 2.90
CA LEU A 448 -2.48 -26.36 2.81
C LEU A 448 -2.06 -26.11 1.36
N GLN A 449 -2.69 -25.13 0.72
CA GLN A 449 -2.35 -24.78 -0.65
C GLN A 449 -1.15 -23.84 -0.67
N THR A 450 -0.65 -23.57 -1.89
CA THR A 450 0.44 -22.63 -2.06
C THR A 450 0.01 -21.19 -1.79
N ALA A 451 -1.29 -20.92 -1.74
CA ALA A 451 -1.81 -19.58 -1.46
C ALA A 451 -2.07 -19.35 0.02
N SER A 452 -1.71 -20.32 0.88
CA SER A 452 -1.95 -20.21 2.31
C SER A 452 -0.80 -19.53 3.05
N ILE A 453 0.21 -19.06 2.34
CA ILE A 453 1.30 -18.32 2.98
C ILE A 453 0.75 -17.05 3.61
N PHE A 454 1.06 -16.84 4.88
CA PHE A 454 0.57 -15.66 5.58
C PHE A 454 1.23 -14.41 5.01
N GLY A 455 0.41 -13.39 4.73
CA GLY A 455 0.93 -12.15 4.19
C GLY A 455 0.55 -11.95 2.74
N SER A 456 1.33 -11.13 2.03
CA SER A 456 1.06 -10.87 0.62
C SER A 456 1.50 -12.06 -0.22
N ALA A 457 1.29 -11.94 -1.53
CA ALA A 457 1.67 -13.01 -2.46
C ALA A 457 3.13 -12.93 -2.89
N LYS A 458 3.88 -11.92 -2.43
CA LYS A 458 5.26 -11.76 -2.86
C LYS A 458 6.11 -12.97 -2.48
N ALA A 459 5.82 -13.59 -1.34
CA ALA A 459 6.60 -14.74 -0.89
C ALA A 459 6.53 -15.89 -1.88
N SER A 460 5.32 -16.21 -2.34
CA SER A 460 5.18 -17.31 -3.31
C SER A 460 5.62 -16.89 -4.71
N GLN A 461 5.55 -15.58 -5.02
CA GLN A 461 5.93 -15.14 -6.36
C GLN A 461 7.44 -15.15 -6.55
N GLU A 462 8.19 -14.73 -5.53
CA GLU A 462 9.63 -14.60 -5.65
C GLU A 462 10.40 -15.76 -5.03
N ALA A 463 9.74 -16.89 -4.78
CA ALA A 463 10.41 -18.07 -4.25
C ALA A 463 10.72 -19.06 -5.37
N ASP A 464 11.79 -19.83 -5.18
CA ASP A 464 12.16 -20.86 -6.14
C ASP A 464 11.72 -22.26 -5.74
N ASN A 465 11.41 -22.48 -4.46
CA ASN A 465 10.87 -23.75 -3.99
C ASN A 465 9.89 -23.45 -2.86
N VAL A 466 8.74 -24.13 -2.90
CA VAL A 466 7.66 -23.83 -1.97
C VAL A 466 7.34 -25.11 -1.19
N LEU A 467 8.38 -25.88 -0.86
CA LEU A 467 8.23 -27.09 -0.06
C LEU A 467 7.30 -26.87 1.12
N ILE A 468 6.20 -27.62 1.15
CA ILE A 468 5.12 -27.40 2.10
C ILE A 468 4.73 -28.74 2.71
N LEU A 469 4.56 -28.75 4.04
CA LEU A 469 4.18 -29.95 4.76
C LEU A 469 2.66 -30.09 4.79
N GLN A 470 2.21 -31.32 4.99
CA GLN A 470 0.79 -31.63 5.13
C GLN A 470 0.59 -32.52 6.35
N GLU A 471 -0.54 -32.35 7.02
CA GLU A 471 -0.86 -33.09 8.22
C GLU A 471 -2.17 -33.83 8.05
N LYS A 472 -2.20 -35.09 8.50
CA LYS A 472 -3.41 -35.90 8.56
C LYS A 472 -3.78 -36.00 10.04
N LYS A 473 -4.59 -35.05 10.50
CA LYS A 473 -4.89 -34.92 11.92
C LYS A 473 -5.74 -36.09 12.39
N LEU A 474 -5.13 -37.01 13.12
CA LEU A 474 -5.85 -38.07 13.79
C LEU A 474 -6.22 -37.63 15.20
N VAL A 475 -6.67 -38.56 16.04
CA VAL A 475 -7.08 -38.23 17.39
C VAL A 475 -5.94 -38.50 18.36
N THR A 476 -5.09 -39.47 18.02
CA THR A 476 -3.98 -39.88 18.90
C THR A 476 -2.76 -40.19 18.03
N CYS A 477 -1.73 -39.33 18.12
CA CYS A 477 -0.46 -39.54 17.45
C CYS A 477 -0.68 -39.69 15.94
N PRO A 478 -1.04 -38.60 15.24
CA PRO A 478 -1.40 -38.73 13.82
C PRO A 478 -0.30 -39.28 12.94
N GLY A 479 0.86 -38.62 12.91
CA GLY A 479 1.94 -39.08 12.08
C GLY A 479 1.61 -39.01 10.60
N ARG A 480 2.35 -39.80 9.82
CA ARG A 480 2.16 -39.91 8.37
C ARG A 480 2.20 -38.54 7.71
N ARG A 481 3.23 -37.77 8.04
CA ARG A 481 3.40 -36.46 7.44
C ARG A 481 3.71 -36.59 5.96
N SER A 482 3.09 -35.73 5.15
CA SER A 482 3.28 -35.73 3.71
C SER A 482 3.87 -34.40 3.28
N LEU A 483 4.85 -34.47 2.38
CA LEU A 483 5.56 -33.28 1.89
C LEU A 483 5.22 -33.08 0.42
N GLN A 484 4.86 -31.84 0.07
CA GLN A 484 4.59 -31.48 -1.31
C GLN A 484 5.58 -30.43 -1.78
N VAL A 485 5.80 -30.37 -3.09
CA VAL A 485 6.62 -29.35 -3.72
C VAL A 485 5.73 -28.70 -4.77
N THR A 486 5.04 -27.62 -4.39
CA THR A 486 4.07 -27.00 -5.29
C THR A 486 4.74 -26.26 -6.44
N LYS A 487 5.92 -25.71 -6.23
CA LYS A 487 6.63 -24.97 -7.28
C LYS A 487 8.07 -25.45 -7.36
N ASN A 488 8.64 -25.40 -8.56
CA ASN A 488 10.02 -25.79 -8.79
C ASN A 488 10.50 -25.05 -10.04
N ARG A 489 11.27 -23.98 -9.84
CA ARG A 489 11.68 -23.14 -10.96
C ARG A 489 12.58 -23.91 -11.93
N PHE A 490 13.52 -24.68 -11.41
CA PHE A 490 14.42 -25.47 -12.25
C PHE A 490 13.87 -26.88 -12.38
N ASP A 491 13.63 -27.31 -13.62
CA ASP A 491 13.10 -28.64 -13.90
C ASP A 491 11.76 -28.84 -13.19
N GLY A 492 10.78 -28.05 -13.60
CA GLY A 492 9.47 -28.03 -12.96
C GLY A 492 8.84 -29.38 -12.75
N ASP A 493 8.73 -29.78 -11.49
CA ASP A 493 8.16 -31.09 -11.14
C ASP A 493 7.46 -30.96 -9.79
N VAL A 494 6.26 -31.53 -9.70
CA VAL A 494 5.45 -31.48 -8.49
C VAL A 494 5.11 -32.91 -8.10
N GLY A 495 5.31 -33.24 -6.83
CA GLY A 495 5.00 -34.57 -6.34
C GLY A 495 5.01 -34.59 -4.83
N ILE A 496 4.42 -35.66 -4.28
CA ILE A 496 4.34 -35.85 -2.84
C ILE A 496 4.85 -37.24 -2.50
N PHE A 497 5.27 -37.38 -1.24
CA PHE A 497 5.75 -38.67 -0.74
C PHE A 497 5.59 -38.72 0.77
N PRO A 498 4.90 -39.74 1.29
CA PRO A 498 4.72 -39.83 2.75
C PRO A 498 6.04 -40.06 3.46
N LEU A 499 6.11 -39.58 4.70
CA LEU A 499 7.29 -39.73 5.54
C LEU A 499 6.89 -40.30 6.89
N ASP A 500 7.78 -41.10 7.46
CA ASP A 500 7.61 -41.66 8.79
C ASP A 500 8.63 -41.06 9.74
N PHE A 501 8.32 -41.13 11.03
CA PHE A 501 9.14 -40.52 12.07
C PHE A 501 9.59 -41.60 13.04
N ILE A 502 10.89 -41.84 13.10
CA ILE A 502 11.46 -42.75 14.09
C ILE A 502 11.61 -41.99 15.40
N LYS A 503 10.78 -42.34 16.39
CA LYS A 503 10.79 -41.63 17.65
C LYS A 503 12.10 -41.80 18.40
N SER A 504 12.76 -42.96 18.24
CA SER A 504 14.00 -43.21 18.97
C SER A 504 15.10 -42.27 18.56
N SER A 505 15.29 -42.06 17.26
CA SER A 505 16.39 -41.26 16.75
C SER A 505 16.00 -39.84 16.40
N LEU A 506 14.72 -39.47 16.58
CA LEU A 506 14.23 -38.12 16.27
C LEU A 506 14.50 -37.73 14.82
N THR A 507 14.47 -38.71 13.91
CA THR A 507 14.77 -38.48 12.51
C THR A 507 13.59 -38.87 11.65
N PHE A 508 13.43 -38.15 10.54
CA PHE A 508 12.40 -38.46 9.55
C PHE A 508 12.95 -39.51 8.60
N SER A 509 12.44 -40.74 8.71
CA SER A 509 13.02 -41.87 8.00
C SER A 509 12.70 -41.81 6.51
N ALA A 510 13.20 -42.80 5.78
CA ALA A 510 12.88 -42.95 4.37
C ALA A 510 11.39 -43.27 4.22
N PRO A 511 10.79 -42.88 3.10
CA PRO A 511 9.36 -43.14 2.91
C PRO A 511 9.06 -44.63 2.94
N ILE A 512 7.95 -44.98 3.61
CA ILE A 512 7.54 -46.37 3.75
C ILE A 512 6.12 -46.55 3.26
N PRO C 48 38.85 -4.58 79.41
CA PRO C 48 37.94 -3.45 79.18
C PRO C 48 38.04 -2.90 77.76
N GLU C 49 37.30 -1.82 77.48
CA GLU C 49 37.31 -1.20 76.17
C GLU C 49 38.19 0.04 76.09
N ASP C 50 38.39 0.73 77.20
CA ASP C 50 39.22 1.93 77.20
C ASP C 50 40.70 1.63 76.95
N GLU C 51 41.13 0.38 77.15
CA GLU C 51 42.51 0.01 76.90
C GLU C 51 42.88 0.11 75.43
N ALA C 52 41.91 0.00 74.53
CA ALA C 52 42.18 0.12 73.11
C ALA C 52 42.67 1.52 72.76
N GLN C 53 43.72 1.58 71.93
CA GLN C 53 44.30 2.85 71.53
C GLN C 53 43.56 3.39 70.30
N LEU C 54 44.10 4.44 69.70
CA LEU C 54 43.52 5.05 68.51
C LEU C 54 44.63 5.49 67.57
N ILE C 55 44.45 5.22 66.28
CA ILE C 55 45.41 5.61 65.26
C ILE C 55 44.68 5.72 63.93
N LYS C 56 45.09 6.70 63.12
CA LYS C 56 44.50 6.95 61.82
C LYS C 56 45.58 7.14 60.77
N THR C 57 46.59 6.26 60.78
CA THR C 57 47.68 6.33 59.83
C THR C 57 47.25 5.77 58.48
N MET C 58 48.19 5.73 57.54
CA MET C 58 47.93 5.23 56.19
C MET C 58 48.34 3.76 56.11
N PHE C 59 47.40 2.91 55.72
CA PHE C 59 47.67 1.48 55.59
C PHE C 59 46.87 0.93 54.42
N GLN C 60 47.35 -0.18 53.86
CA GLN C 60 46.71 -0.83 52.73
C GLN C 60 46.40 -2.29 53.04
N ILE C 61 46.15 -2.61 54.32
CA ILE C 61 45.80 -3.98 54.68
C ILE C 61 44.47 -4.38 54.04
N THR C 62 43.49 -3.49 54.09
CA THR C 62 42.18 -3.72 53.47
C THR C 62 42.06 -2.83 52.24
N LYS C 63 41.65 -3.43 51.12
CA LYS C 63 41.50 -2.71 49.85
C LYS C 63 40.22 -1.86 49.90
N VAL C 64 40.29 -0.79 50.69
CA VAL C 64 39.17 0.13 50.87
C VAL C 64 39.74 1.54 51.01
N SER C 65 38.84 2.51 51.16
CA SER C 65 39.20 3.91 51.33
C SER C 65 38.93 4.32 52.78
N ASN C 66 39.90 4.97 53.41
CA ASN C 66 39.80 5.40 54.79
C ASN C 66 39.15 6.78 54.93
N ALA C 67 38.47 7.26 53.89
CA ALA C 67 37.85 8.58 53.95
C ALA C 67 36.81 8.64 55.06
N THR C 68 36.04 7.57 55.24
CA THR C 68 35.07 7.48 56.32
C THR C 68 35.68 6.97 57.62
N LEU C 69 36.98 6.68 57.63
CA LEU C 69 37.60 6.14 58.84
C LEU C 69 37.47 7.10 60.01
N LYS C 70 37.68 8.39 59.77
CA LYS C 70 37.44 9.38 60.82
C LYS C 70 35.95 9.53 61.09
N LYS C 71 35.11 9.36 60.08
CA LYS C 71 33.66 9.51 60.28
C LYS C 71 33.07 8.32 61.02
N PHE C 72 33.52 7.11 60.70
CA PHE C 72 32.97 5.90 61.31
C PHE C 72 33.54 5.62 62.69
N GLY C 73 34.64 6.28 63.07
CA GLY C 73 35.23 6.06 64.37
C GLY C 73 36.14 4.86 64.49
N VAL C 74 36.34 4.11 63.40
CA VAL C 74 37.24 2.96 63.44
C VAL C 74 38.68 3.46 63.55
N ARG C 75 39.42 2.93 64.50
CA ARG C 75 40.77 3.39 64.78
C ARG C 75 41.74 2.22 64.74
N LEU C 76 42.96 2.49 64.28
CA LEU C 76 44.00 1.46 64.18
C LEU C 76 44.59 1.20 65.57
N PHE C 77 43.74 0.65 66.43
CA PHE C 77 44.15 0.34 67.80
C PHE C 77 45.18 -0.78 67.80
N LYS C 78 46.12 -0.69 68.74
CA LYS C 78 47.16 -1.70 68.86
C LYS C 78 47.25 -2.19 70.30
N PRO C 79 46.13 -2.51 70.93
CA PRO C 79 46.20 -3.07 72.30
C PRO C 79 46.53 -4.55 72.29
N THR C 80 45.98 -5.27 71.31
CA THR C 80 46.27 -6.69 71.12
C THR C 80 46.92 -6.97 69.78
N LYS C 81 46.39 -6.41 68.69
CA LYS C 81 46.91 -6.62 67.35
C LYS C 81 46.88 -5.29 66.60
N SER C 82 47.60 -5.26 65.48
CA SER C 82 47.69 -4.05 64.66
C SER C 82 46.46 -3.84 63.79
N LEU C 83 45.53 -4.79 63.76
CA LEU C 83 44.33 -4.64 62.95
C LEU C 83 43.46 -3.51 63.48
N VAL C 84 42.78 -2.83 62.56
CA VAL C 84 41.95 -1.68 62.94
C VAL C 84 40.70 -2.17 63.66
N PHE C 85 40.44 -1.59 64.83
CA PHE C 85 39.25 -1.90 65.61
C PHE C 85 38.18 -0.84 65.36
N PRO C 86 36.99 -1.22 64.93
CA PRO C 86 35.91 -0.23 64.83
C PRO C 86 35.41 0.18 66.20
N TRP C 87 34.83 1.39 66.26
CA TRP C 87 34.28 1.92 67.51
C TRP C 87 32.86 1.38 67.68
N PHE C 88 32.77 0.09 68.01
CA PHE C 88 31.50 -0.59 68.20
C PHE C 88 31.00 -0.37 69.64
N ALA C 89 30.55 0.86 69.88
CA ALA C 89 30.03 1.24 71.18
C ALA C 89 28.89 2.22 71.00
N GLY C 90 27.99 2.27 71.98
CA GLY C 90 26.87 3.16 71.95
C GLY C 90 27.23 4.55 72.44
N PRO C 91 26.28 5.21 73.12
CA PRO C 91 26.58 6.53 73.68
C PRO C 91 27.73 6.51 74.68
N ASP C 92 27.85 5.43 75.45
CA ASP C 92 28.93 5.25 76.40
C ASP C 92 29.85 4.12 75.94
N SER C 93 30.82 3.78 76.77
CA SER C 93 31.78 2.71 76.47
C SER C 93 31.13 1.36 76.80
N SER C 94 30.18 0.98 75.93
CA SER C 94 29.48 -0.28 76.12
C SER C 94 30.43 -1.46 75.89
N LEU C 95 30.26 -2.50 76.71
CA LEU C 95 31.10 -3.69 76.63
C LEU C 95 30.50 -4.70 75.64
N LYS C 96 30.30 -4.23 74.42
CA LYS C 96 29.77 -5.05 73.34
C LYS C 96 30.87 -5.67 72.47
N GLY C 97 32.13 -5.47 72.83
CA GLY C 97 33.23 -5.98 72.04
C GLY C 97 33.98 -4.90 71.29
N LEU C 98 35.14 -4.50 71.82
CA LEU C 98 35.96 -3.46 71.21
C LEU C 98 37.24 -4.02 70.59
N LYS C 99 37.24 -5.31 70.25
CA LYS C 99 38.43 -5.93 69.68
C LYS C 99 38.63 -5.47 68.23
N LEU C 100 39.70 -5.95 67.63
CA LEU C 100 40.03 -5.59 66.25
C LEU C 100 38.99 -6.16 65.29
N LEU C 101 38.67 -5.39 64.25
CA LEU C 101 37.68 -5.80 63.28
C LEU C 101 38.29 -6.76 62.27
N SER C 102 37.50 -7.14 61.27
CA SER C 102 37.94 -8.09 60.24
C SER C 102 38.67 -7.31 59.15
N ALA C 103 39.96 -7.07 59.37
CA ALA C 103 40.77 -6.38 58.39
C ALA C 103 40.92 -7.22 57.13
N GLN C 104 40.79 -6.57 55.97
CA GLN C 104 40.89 -7.21 54.66
C GLN C 104 39.79 -8.25 54.46
N ASN C 105 38.86 -8.35 55.40
CA ASN C 105 37.68 -9.23 55.34
C ASN C 105 38.04 -10.71 55.28
N THR C 106 39.31 -11.06 55.38
CA THR C 106 39.71 -12.47 55.31
C THR C 106 40.73 -12.89 56.35
N ASP C 107 41.42 -11.98 57.02
CA ASP C 107 42.44 -12.34 58.01
C ASP C 107 42.49 -11.23 59.06
N THR C 108 43.55 -11.24 59.87
CA THR C 108 43.79 -10.22 60.89
C THR C 108 42.60 -10.10 61.84
N GLU C 109 42.34 -11.19 62.57
CA GLU C 109 41.26 -11.28 63.54
C GLU C 109 39.90 -11.01 62.89
N LYS C 110 39.52 -11.90 61.98
CA LYS C 110 38.24 -11.78 61.31
C LYS C 110 37.09 -11.87 62.31
N VAL C 111 37.18 -12.78 63.27
CA VAL C 111 36.19 -12.93 64.32
C VAL C 111 36.72 -12.26 65.59
N THR C 112 35.95 -11.33 66.14
CA THR C 112 36.34 -10.58 67.31
C THR C 112 35.50 -11.00 68.51
N TYR C 113 35.96 -10.62 69.70
CA TYR C 113 35.26 -10.95 70.93
C TYR C 113 33.94 -10.19 71.01
N ASN C 114 32.96 -10.82 71.64
CA ASN C 114 31.64 -10.22 71.81
C ASN C 114 31.56 -9.31 73.03
N GLU C 115 32.65 -9.17 73.80
CA GLU C 115 32.67 -8.32 74.97
C GLU C 115 34.07 -7.76 75.15
N ALA C 116 34.14 -6.65 75.88
CA ALA C 116 35.41 -5.97 76.14
C ALA C 116 35.93 -6.19 77.56
N THR C 117 35.04 -6.16 78.55
CA THR C 117 35.46 -6.38 79.93
C THR C 117 35.85 -7.84 80.14
N VAL C 118 36.62 -8.07 81.21
CA VAL C 118 37.09 -9.41 81.56
C VAL C 118 35.89 -10.27 81.92
N PRO C 119 35.18 -9.96 82.99
CA PRO C 119 34.00 -10.74 83.37
C PRO C 119 32.72 -10.18 82.76
N LYS C 120 31.63 -10.94 82.94
CA LYS C 120 30.31 -10.56 82.45
C LYS C 120 30.31 -10.31 80.94
N ILE C 121 30.61 -11.38 80.20
CA ILE C 121 30.63 -11.29 78.74
C ILE C 121 29.23 -10.99 78.22
N SER C 122 29.15 -10.04 77.30
CA SER C 122 27.88 -9.60 76.74
C SER C 122 27.66 -10.24 75.36
N SER C 123 26.39 -10.39 74.99
CA SER C 123 26.01 -10.97 73.72
C SER C 123 25.99 -9.87 72.65
N TYR C 124 25.46 -10.20 71.48
CA TYR C 124 25.38 -9.27 70.36
C TYR C 124 24.07 -8.49 70.34
N TYR C 125 23.40 -8.35 71.48
CA TYR C 125 22.15 -7.59 71.53
C TYR C 125 22.36 -6.09 71.31
N ASN C 126 23.59 -5.60 71.46
CA ASN C 126 23.88 -4.20 71.27
C ASN C 126 23.93 -3.86 69.79
N LEU C 127 24.20 -2.59 69.49
CA LEU C 127 24.27 -2.12 68.11
C LEU C 127 25.45 -1.17 67.96
N PHE C 128 25.92 -1.05 66.72
CA PHE C 128 27.02 -0.17 66.39
C PHE C 128 26.70 0.56 65.09
N GLY C 129 27.55 1.53 64.75
CA GLY C 129 27.34 2.32 63.54
C GLY C 129 26.30 3.41 63.66
N LEU C 130 25.11 3.08 64.14
CA LEU C 130 24.07 4.09 64.34
C LEU C 130 24.52 5.12 65.37
N THR C 131 25.16 4.66 66.45
CA THR C 131 25.69 5.58 67.45
C THR C 131 26.81 6.44 66.91
N LEU C 132 27.47 6.01 65.84
CA LEU C 132 28.54 6.78 65.20
C LEU C 132 28.02 7.74 64.13
N VAL C 133 26.70 7.81 63.94
CA VAL C 133 26.09 8.69 62.96
C VAL C 133 24.94 9.42 63.63
N GLY C 134 24.43 10.44 62.93
CA GLY C 134 23.32 11.20 63.46
C GLY C 134 22.06 10.37 63.64
N ARG C 135 21.77 9.51 62.66
CA ARG C 135 20.65 8.57 62.68
C ARG C 135 19.29 9.28 62.70
N MET C 136 19.26 10.60 62.55
CA MET C 136 18.01 11.35 62.52
C MET C 136 17.67 11.65 61.07
N ASP C 137 17.09 10.66 60.40
CA ASP C 137 16.72 10.80 59.00
C ASP C 137 15.65 9.76 58.67
N SER C 138 14.97 9.98 57.55
CA SER C 138 13.94 9.08 57.09
C SER C 138 14.47 7.99 56.17
N GLU C 139 15.76 8.01 55.85
CA GLU C 139 16.37 7.01 54.99
C GLU C 139 17.64 6.47 55.64
N VAL C 140 17.81 5.15 55.59
CA VAL C 140 18.98 4.51 56.17
C VAL C 140 19.20 3.19 55.44
N VAL C 141 20.46 2.82 55.27
CA VAL C 141 20.83 1.57 54.62
C VAL C 141 21.43 0.65 55.67
N LEU C 142 20.77 -0.47 55.93
CA LEU C 142 21.20 -1.41 56.96
C LEU C 142 22.08 -2.48 56.31
N THR C 143 23.37 -2.45 56.62
CA THR C 143 24.33 -3.42 56.11
C THR C 143 24.95 -4.16 57.29
N GLY C 144 24.92 -5.49 57.22
CA GLY C 144 25.45 -6.29 58.31
C GLY C 144 26.96 -6.15 58.47
N HIS C 145 27.68 -6.16 57.36
CA HIS C 145 29.14 -6.08 57.42
C HIS C 145 29.59 -4.69 57.85
N GLU C 146 30.62 -4.65 58.71
CA GLU C 146 31.16 -3.38 59.16
C GLU C 146 31.77 -2.60 58.00
N LEU C 147 32.48 -3.29 57.11
CA LEU C 147 33.04 -2.61 55.94
C LEU C 147 31.94 -2.08 55.03
N ASP C 148 30.86 -2.85 54.86
CA ASP C 148 29.73 -2.37 54.07
C ASP C 148 29.09 -1.15 54.72
N THR C 149 28.96 -1.15 56.04
CA THR C 149 28.41 0.01 56.73
C THR C 149 29.30 1.24 56.56
N LEU C 150 30.62 1.04 56.66
CA LEU C 150 31.54 2.15 56.44
C LEU C 150 31.44 2.69 55.01
N ALA C 151 31.33 1.80 54.04
CA ALA C 151 31.18 2.23 52.65
C ALA C 151 29.87 3.00 52.44
N VAL C 152 28.80 2.54 53.06
CA VAL C 152 27.51 3.23 52.95
C VAL C 152 27.60 4.60 53.60
N SER C 153 28.31 4.70 54.73
CA SER C 153 28.54 6.00 55.36
C SER C 153 29.33 6.92 54.44
N GLN C 154 30.34 6.37 53.76
CA GLN C 154 31.12 7.14 52.80
C GLN C 154 30.37 7.38 51.50
N ALA C 155 29.20 6.76 51.32
CA ALA C 155 28.41 6.93 50.10
C ALA C 155 27.66 8.25 50.17
N THR C 156 26.70 8.43 49.25
CA THR C 156 25.98 9.69 49.13
C THR C 156 24.97 9.88 50.26
N GLY C 157 25.45 10.07 51.48
CA GLY C 157 24.59 10.37 52.60
C GLY C 157 23.68 9.26 53.05
N LEU C 158 24.03 8.01 52.77
CA LEU C 158 23.21 6.89 53.18
C LEU C 158 23.58 6.48 54.61
N PRO C 159 22.66 6.57 55.56
CA PRO C 159 22.99 6.14 56.93
C PRO C 159 23.20 4.63 56.99
N SER C 160 24.06 4.22 57.91
CA SER C 160 24.41 2.81 58.08
C SER C 160 24.35 2.43 59.56
N VAL C 161 24.04 1.16 59.81
CA VAL C 161 23.99 0.64 61.18
C VAL C 161 24.24 -0.87 61.11
N ALA C 162 24.93 -1.38 62.12
CA ALA C 162 25.24 -2.81 62.16
C ALA C 162 25.48 -3.20 63.62
N LEU C 163 24.83 -4.27 64.06
CA LEU C 163 24.99 -4.76 65.42
C LEU C 163 26.34 -5.46 65.57
N PRO C 164 26.69 -5.92 66.77
CA PRO C 164 27.97 -6.64 66.93
C PRO C 164 28.07 -7.88 66.06
N ARG C 165 26.96 -8.56 65.82
CA ARG C 165 26.90 -9.74 64.95
C ARG C 165 25.74 -9.61 63.98
N GLY C 166 25.66 -8.46 63.32
CA GLY C 166 24.56 -8.13 62.43
C GLY C 166 24.19 -9.17 61.40
N VAL C 167 25.13 -10.08 61.09
CA VAL C 167 24.82 -11.17 60.18
C VAL C 167 23.75 -12.07 60.77
N SER C 168 23.85 -12.37 62.06
CA SER C 168 22.87 -13.19 62.76
C SER C 168 22.54 -12.57 64.12
N CYS C 169 22.35 -11.26 64.15
CA CYS C 169 22.04 -10.57 65.39
C CYS C 169 20.55 -10.67 65.72
N LEU C 170 20.21 -10.35 66.96
CA LEU C 170 18.82 -10.39 67.39
C LEU C 170 18.07 -9.20 66.82
N PRO C 171 16.98 -9.40 66.09
CA PRO C 171 16.25 -8.28 65.50
C PRO C 171 15.42 -7.56 66.55
N PRO C 172 14.90 -8.28 67.54
CA PRO C 172 14.06 -7.67 68.57
C PRO C 172 14.82 -7.02 69.72
N MET C 173 16.15 -7.07 69.71
CA MET C 173 16.92 -6.44 70.77
C MET C 173 16.74 -4.93 70.77
N LEU C 174 16.75 -4.31 69.60
CA LEU C 174 16.60 -2.87 69.45
C LEU C 174 15.54 -2.56 68.38
N LEU C 175 14.40 -3.24 68.48
CA LEU C 175 13.33 -3.04 67.51
C LEU C 175 12.82 -1.61 67.49
N PRO C 176 12.57 -0.96 68.64
CA PRO C 176 12.12 0.44 68.59
C PRO C 176 13.12 1.38 67.95
N TYR C 177 14.42 1.12 68.11
CA TYR C 177 15.43 1.97 67.49
C TYR C 177 15.33 1.92 65.98
N LEU C 178 15.14 0.73 65.42
CA LEU C 178 14.96 0.62 63.97
C LEU C 178 13.61 1.15 63.52
N GLU C 179 12.57 0.98 64.35
CA GLU C 179 11.24 1.46 64.02
C GLU C 179 11.10 2.98 64.16
N GLN C 180 12.08 3.65 64.77
CA GLN C 180 12.02 5.10 64.88
C GLN C 180 12.04 5.76 63.50
N PHE C 181 12.86 5.23 62.59
CA PHE C 181 12.92 5.76 61.24
C PHE C 181 11.67 5.35 60.46
N LYS C 182 11.58 5.82 59.21
CA LYS C 182 10.43 5.54 58.35
C LYS C 182 10.76 4.59 57.21
N ARG C 183 11.79 4.90 56.41
CA ARG C 183 12.20 4.07 55.30
C ARG C 183 13.60 3.55 55.55
N VAL C 184 13.78 2.23 55.43
CA VAL C 184 15.06 1.58 55.65
C VAL C 184 15.38 0.72 54.44
N THR C 185 16.62 0.79 53.97
CA THR C 185 17.10 0.02 52.83
C THR C 185 17.93 -1.15 53.32
N LEU C 186 17.55 -2.35 52.90
CA LEU C 186 18.28 -3.56 53.29
C LEU C 186 19.50 -3.73 52.40
N TRP C 187 20.66 -3.92 53.02
CA TRP C 187 21.93 -4.07 52.32
C TRP C 187 22.69 -5.28 52.84
N LEU C 188 21.98 -6.42 52.97
CA LEU C 188 22.60 -7.64 53.44
C LEU C 188 23.48 -8.25 52.36
N GLY C 189 24.05 -9.41 52.66
CA GLY C 189 24.91 -10.10 51.71
C GLY C 189 24.22 -10.49 50.43
N HIS C 190 24.87 -10.19 49.30
CA HIS C 190 24.28 -10.49 47.99
C HIS C 190 24.41 -11.97 47.62
N ASP C 191 25.25 -12.73 48.33
CA ASP C 191 25.44 -14.13 48.01
C ASP C 191 24.26 -14.96 48.54
N ILE C 192 24.37 -16.27 48.37
CA ILE C 192 23.31 -17.17 48.83
C ILE C 192 23.28 -17.21 50.35
N ARG C 193 22.17 -17.74 50.88
CA ARG C 193 21.88 -17.89 52.30
C ARG C 193 21.75 -16.56 53.02
N SER C 194 21.87 -15.43 52.33
CA SER C 194 21.72 -14.11 52.93
C SER C 194 20.63 -13.28 52.27
N TRP C 195 20.53 -13.32 50.94
CA TRP C 195 19.49 -12.55 50.26
C TRP C 195 18.10 -13.05 50.62
N GLU C 196 17.91 -14.37 50.66
CA GLU C 196 16.61 -14.93 51.04
C GLU C 196 16.28 -14.56 52.48
N ALA C 197 17.24 -14.70 53.39
CA ALA C 197 17.00 -14.34 54.79
C ALA C 197 16.64 -12.87 54.93
N SER C 198 17.26 -12.01 54.10
CA SER C 198 16.88 -10.61 54.09
C SER C 198 15.40 -10.42 53.80
N LYS C 199 14.86 -11.27 52.92
CA LYS C 199 13.40 -11.23 52.62
C LYS C 199 12.62 -11.57 53.89
N ILE C 200 13.09 -12.54 54.66
CA ILE C 200 12.48 -12.82 55.96
C ILE C 200 12.67 -11.62 56.88
N PHE C 201 13.82 -10.96 56.79
CA PHE C 201 14.05 -9.75 57.57
C PHE C 201 13.04 -8.66 57.23
N SER C 202 12.48 -8.69 56.02
CA SER C 202 11.44 -7.74 55.67
C SER C 202 10.23 -7.91 56.57
N ARG C 203 9.93 -9.13 56.98
CA ARG C 203 8.87 -9.36 57.95
C ARG C 203 9.30 -8.96 59.35
N LYS C 204 10.61 -9.01 59.63
CA LYS C 204 11.10 -8.63 60.95
C LYS C 204 10.86 -7.15 61.23
N LEU C 205 11.12 -6.29 60.24
CA LEU C 205 10.92 -4.86 60.38
C LEU C 205 9.47 -4.51 60.09
N GLY C 206 9.15 -3.22 60.09
CA GLY C 206 7.79 -2.79 59.81
C GLY C 206 7.41 -3.10 58.36
N LEU C 207 6.26 -3.74 58.18
CA LEU C 207 5.78 -4.06 56.85
C LEU C 207 5.44 -2.78 56.09
N ARG C 208 5.69 -2.80 54.78
CA ARG C 208 5.45 -1.66 53.90
C ARG C 208 6.24 -0.43 54.36
N ARG C 209 7.39 -0.66 55.01
CA ARG C 209 8.21 0.44 55.49
C ARG C 209 9.71 0.16 55.28
N CYS C 210 10.06 -0.74 54.37
CA CYS C 210 11.46 -1.07 54.12
C CYS C 210 11.62 -1.54 52.69
N SER C 211 12.86 -1.49 52.21
CA SER C 211 13.20 -1.91 50.86
C SER C 211 14.42 -2.82 50.90
N LEU C 212 14.39 -3.88 50.11
CA LEU C 212 15.49 -4.83 50.05
C LEU C 212 16.46 -4.43 48.93
N VAL C 213 17.41 -5.31 48.63
CA VAL C 213 18.37 -5.08 47.56
C VAL C 213 18.50 -6.38 46.78
N ARG C 214 18.06 -6.38 45.52
CA ARG C 214 18.13 -7.56 44.66
C ARG C 214 18.77 -7.20 43.31
N PRO C 215 19.90 -6.49 43.33
CA PRO C 215 20.55 -6.12 42.06
C PRO C 215 21.56 -7.16 41.60
N GLY C 216 22.15 -6.94 40.44
CA GLY C 216 23.16 -7.83 39.90
C GLY C 216 24.55 -7.62 40.46
N GLU C 217 24.73 -6.65 41.34
CA GLU C 217 26.02 -6.37 41.95
C GLU C 217 26.03 -6.84 43.40
N ASP C 218 27.22 -6.79 44.00
CA ASP C 218 27.40 -7.21 45.38
C ASP C 218 26.96 -6.09 46.32
N ARG C 219 27.32 -6.22 47.61
CA ARG C 219 26.93 -5.25 48.62
C ARG C 219 27.58 -3.89 48.34
N PRO C 220 27.23 -2.87 49.12
CA PRO C 220 27.78 -1.54 48.87
C PRO C 220 29.29 -1.47 48.94
N CYS C 221 29.93 -2.25 49.82
CA CYS C 221 31.38 -2.23 49.91
C CYS C 221 32.05 -2.69 48.61
N PRO C 222 31.69 -3.83 48.03
CA PRO C 222 32.29 -4.21 46.74
C PRO C 222 31.94 -3.23 45.63
N LEU C 223 30.75 -2.63 45.65
CA LEU C 223 30.39 -1.64 44.65
C LEU C 223 31.29 -0.42 44.74
N GLU C 224 31.56 0.06 45.95
CA GLU C 224 32.48 1.18 46.12
C GLU C 224 33.91 0.77 45.75
N ALA C 225 34.30 -0.47 46.04
CA ALA C 225 35.62 -0.94 45.65
C ALA C 225 35.78 -0.95 44.14
N LEU C 226 34.75 -1.36 43.41
CA LEU C 226 34.77 -1.42 41.96
C LEU C 226 34.34 -0.11 41.31
N ALA C 227 34.33 0.99 42.08
CA ALA C 227 33.94 2.31 41.57
C ALA C 227 32.55 2.30 40.95
N ARG C 228 31.63 1.57 41.59
CA ARG C 228 30.24 1.49 41.15
C ARG C 228 29.30 2.16 42.14
N GLY C 229 29.75 3.29 42.71
CA GLY C 229 28.94 3.99 43.69
C GLY C 229 27.66 4.54 43.11
N LYS C 230 27.73 5.13 41.92
CA LYS C 230 26.53 5.68 41.29
C LYS C 230 25.53 4.58 40.95
N ASN C 231 26.02 3.47 40.40
CA ASN C 231 25.12 2.36 40.07
C ASN C 231 24.50 1.77 41.33
N LEU C 232 25.30 1.62 42.39
CA LEU C 232 24.76 1.10 43.65
C LEU C 232 23.71 2.04 44.24
N SER C 233 23.96 3.34 44.20
CA SER C 233 22.97 4.31 44.68
C SER C 233 21.69 4.25 43.86
N ARG C 234 21.82 4.14 42.53
CA ARG C 234 20.64 4.05 41.68
C ARG C 234 19.85 2.78 41.97
N ILE C 235 20.55 1.66 42.18
CA ILE C 235 19.87 0.40 42.49
C ILE C 235 19.15 0.49 43.82
N ILE C 236 19.82 1.06 44.83
CA ILE C 236 19.21 1.21 46.14
C ILE C 236 18.05 2.20 46.11
N LYS C 237 18.06 3.13 45.16
CA LYS C 237 16.98 4.11 45.05
C LYS C 237 15.72 3.55 44.39
N THR C 238 15.77 2.26 43.98
CA THR C 238 14.61 1.61 43.30
C THR C 238 14.45 0.12 43.65
N SER C 239 14.27 -0.22 44.92
CA SER C 239 14.01 -1.65 45.24
C SER C 239 12.84 -1.75 46.22
N ILE C 240 11.76 -0.99 45.97
CA ILE C 240 10.56 -1.00 46.86
C ILE C 240 9.51 -1.97 46.30
N PRO C 241 8.29 -2.06 46.89
CA PRO C 241 8.13 -2.54 48.28
C PRO C 241 7.91 -4.05 48.35
N ALA C 242 6.95 -4.51 49.15
CA ALA C 242 6.62 -5.96 49.25
C ALA C 242 5.12 -6.14 49.05
N ALA C 243 4.30 -5.47 49.87
CA ALA C 243 2.83 -5.53 49.72
C ALA C 243 2.35 -4.26 49.01
N HIS C 244 1.65 -4.41 47.88
CA HIS C 244 1.24 -3.25 47.09
C HIS C 244 -0.01 -3.57 46.26
N LYS C 245 0.08 -4.55 45.36
CA LYS C 245 -1.06 -4.97 44.56
C LYS C 245 -1.19 -6.49 44.61
N SER C 246 -0.07 -7.18 44.82
CA SER C 246 -0.07 -8.63 44.93
C SER C 246 -0.69 -9.03 46.26
N ILE C 247 -1.95 -9.43 46.24
CA ILE C 247 -2.65 -9.80 47.46
C ILE C 247 -2.06 -11.09 48.01
N VAL C 248 -1.66 -11.06 49.28
CA VAL C 248 -1.04 -12.19 49.95
C VAL C 248 -2.11 -13.25 50.18
N SER C 249 -1.73 -14.43 50.63
CA SER C 249 -2.64 -15.55 50.83
C SER C 249 -3.57 -15.24 52.00
N PHE C 250 -4.33 -16.26 52.42
CA PHE C 250 -5.47 -16.09 53.33
C PHE C 250 -5.16 -15.18 54.53
N LYS C 251 -3.90 -15.02 54.90
CA LYS C 251 -3.50 -14.06 55.92
C LYS C 251 -4.21 -12.72 55.74
N GLN C 252 -4.45 -12.32 54.49
CA GLN C 252 -5.23 -11.13 54.18
C GLN C 252 -6.65 -11.44 53.72
N LEU C 253 -7.01 -12.72 53.56
CA LEU C 253 -8.30 -13.08 53.02
C LEU C 253 -9.04 -14.16 53.80
N ARG C 254 -8.50 -14.60 54.95
CA ARG C 254 -9.15 -15.67 55.71
C ARG C 254 -10.51 -15.24 56.25
N GLU C 255 -10.60 -13.99 56.73
CA GLU C 255 -11.83 -13.53 57.37
C GLU C 255 -12.99 -13.49 56.38
N ASP C 256 -12.74 -13.03 55.15
CA ASP C 256 -13.80 -12.96 54.16
C ASP C 256 -14.30 -14.35 53.79
N VAL C 257 -13.37 -15.30 53.61
CA VAL C 257 -13.76 -16.66 53.28
C VAL C 257 -14.57 -17.29 54.41
N TYR C 258 -14.13 -17.08 55.65
CA TYR C 258 -14.88 -17.62 56.79
C TYR C 258 -16.26 -16.99 56.87
N GLY C 259 -16.36 -15.69 56.64
CA GLY C 259 -17.66 -15.03 56.68
C GLY C 259 -18.60 -15.55 55.61
N GLU C 260 -18.08 -15.77 54.39
CA GLU C 260 -18.90 -16.32 53.33
C GLU C 260 -19.34 -17.74 53.67
N LEU C 261 -18.44 -18.55 54.23
CA LEU C 261 -18.79 -19.93 54.56
C LEU C 261 -19.79 -19.99 55.72
N LEU C 262 -19.76 -19.00 56.62
CA LEU C 262 -20.71 -19.00 57.74
C LEU C 262 -22.13 -18.87 57.24
N ASN C 263 -22.36 -18.05 56.22
CA ASN C 263 -23.69 -17.88 55.66
C ASN C 263 -23.72 -18.38 54.21
N THR C 264 -23.07 -19.53 53.97
CA THR C 264 -23.05 -20.10 52.63
C THR C 264 -24.45 -20.44 52.13
N GLU C 265 -25.35 -20.80 53.04
CA GLU C 265 -26.74 -20.98 52.64
C GLU C 265 -27.36 -19.67 52.20
N GLN C 266 -26.92 -18.55 52.80
CA GLN C 266 -27.41 -17.24 52.42
C GLN C 266 -26.72 -16.68 51.19
N VAL C 267 -25.70 -17.37 50.65
CA VAL C 267 -25.10 -16.95 49.39
C VAL C 267 -26.14 -16.97 48.29
N ALA C 268 -26.93 -18.04 48.22
CA ALA C 268 -28.12 -18.06 47.38
C ALA C 268 -29.23 -17.28 48.07
N GLY C 269 -29.65 -16.17 47.46
CA GLY C 269 -30.57 -15.26 48.11
C GLY C 269 -32.02 -15.64 47.97
N VAL C 270 -32.84 -14.69 47.51
CA VAL C 270 -34.28 -14.90 47.43
C VAL C 270 -34.59 -16.02 46.45
N LYS C 271 -35.42 -16.96 46.88
CA LYS C 271 -35.86 -18.05 46.01
C LYS C 271 -37.14 -17.64 45.29
N TRP C 272 -37.72 -18.59 44.55
CA TRP C 272 -38.95 -18.35 43.81
C TRP C 272 -40.12 -19.04 44.50
N THR C 273 -41.30 -18.45 44.35
CA THR C 273 -42.51 -18.95 44.99
C THR C 273 -43.39 -19.76 44.05
N ARG C 274 -43.75 -19.19 42.90
CA ARG C 274 -44.59 -19.89 41.93
C ARG C 274 -43.79 -20.67 40.89
N PHE C 275 -42.46 -20.77 41.04
CA PHE C 275 -41.62 -21.51 40.12
C PHE C 275 -40.77 -22.50 40.92
N PRO C 276 -41.34 -23.63 41.33
CA PRO C 276 -40.54 -24.63 42.07
C PRO C 276 -39.34 -25.13 41.29
N GLU C 277 -39.46 -25.28 39.97
CA GLU C 277 -38.38 -25.86 39.18
C GLU C 277 -37.13 -24.98 39.18
N LEU C 278 -37.32 -23.66 39.18
CA LEU C 278 -36.19 -22.75 39.20
C LEU C 278 -35.38 -22.83 40.49
N ASN C 279 -35.96 -23.36 41.56
CA ASN C 279 -35.25 -23.45 42.83
C ASN C 279 -34.31 -24.64 42.90
N ARG C 280 -34.44 -25.61 41.99
CA ARG C 280 -33.58 -26.78 41.97
C ARG C 280 -32.62 -26.78 40.79
N ILE C 281 -32.58 -25.71 40.01
CA ILE C 281 -31.66 -25.59 38.89
C ILE C 281 -30.73 -24.41 39.13
N LEU C 282 -31.33 -23.22 39.28
CA LEU C 282 -30.56 -22.02 39.61
C LEU C 282 -30.32 -21.86 41.10
N LYS C 283 -30.99 -22.66 41.93
CA LYS C 283 -30.84 -22.67 43.38
C LYS C 283 -31.18 -21.34 44.03
N GLY C 284 -31.90 -20.46 43.33
CA GLY C 284 -32.33 -19.19 43.88
C GLY C 284 -31.81 -18.03 43.05
N HIS C 285 -31.84 -16.85 43.66
CA HIS C 285 -31.39 -15.61 43.02
C HIS C 285 -30.18 -15.08 43.77
N ARG C 286 -29.13 -14.74 43.04
CA ARG C 286 -27.90 -14.22 43.61
C ARG C 286 -27.60 -12.86 42.99
N LYS C 287 -27.29 -11.87 43.83
CA LYS C 287 -26.99 -10.54 43.35
C LYS C 287 -25.60 -10.50 42.71
N GLY C 288 -25.39 -9.51 41.86
CA GLY C 288 -24.11 -9.31 41.22
C GLY C 288 -23.84 -10.18 40.01
N GLU C 289 -24.86 -10.84 39.46
CA GLU C 289 -24.70 -11.70 38.30
C GLU C 289 -25.44 -11.12 37.11
N LEU C 290 -24.87 -11.31 35.92
CA LEU C 290 -25.48 -10.86 34.68
C LEU C 290 -26.04 -12.07 33.93
N THR C 291 -27.30 -11.98 33.53
CA THR C 291 -27.98 -13.06 32.82
C THR C 291 -28.42 -12.57 31.45
N VAL C 292 -28.49 -13.50 30.50
CA VAL C 292 -29.00 -13.23 29.16
C VAL C 292 -30.16 -14.19 28.89
N PHE C 293 -31.22 -13.65 28.28
CA PHE C 293 -32.39 -14.43 27.94
C PHE C 293 -32.67 -14.30 26.45
N THR C 294 -33.10 -15.40 25.84
CA THR C 294 -33.38 -15.41 24.41
C THR C 294 -34.43 -16.48 24.12
N GLY C 295 -35.09 -16.33 22.98
CA GLY C 295 -36.11 -17.25 22.56
C GLY C 295 -36.65 -16.92 21.19
N PRO C 296 -37.48 -17.82 20.64
CA PRO C 296 -38.06 -17.56 19.32
C PRO C 296 -38.94 -16.32 19.32
N THR C 297 -39.00 -15.66 18.17
CA THR C 297 -39.81 -14.46 18.03
C THR C 297 -41.28 -14.78 18.26
N GLY C 298 -41.95 -13.94 19.05
CA GLY C 298 -43.35 -14.16 19.35
C GLY C 298 -43.62 -15.42 20.15
N SER C 299 -42.75 -15.74 21.10
CA SER C 299 -42.92 -16.90 21.96
C SER C 299 -43.36 -16.55 23.37
N GLY C 300 -43.34 -15.28 23.75
CA GLY C 300 -43.74 -14.88 25.07
C GLY C 300 -42.57 -14.65 26.01
N LYS C 301 -41.43 -14.23 25.45
CA LYS C 301 -40.24 -13.98 26.27
C LYS C 301 -40.49 -12.85 27.26
N THR C 302 -41.15 -11.77 26.81
CA THR C 302 -41.43 -10.65 27.71
C THR C 302 -42.38 -11.07 28.82
N THR C 303 -43.37 -11.90 28.50
CA THR C 303 -44.36 -12.33 29.50
C THR C 303 -43.70 -13.14 30.61
N PHE C 304 -42.81 -14.06 30.25
CA PHE C 304 -42.16 -14.89 31.26
C PHE C 304 -41.26 -14.07 32.17
N ILE C 305 -40.51 -13.12 31.60
CA ILE C 305 -39.66 -12.26 32.42
C ILE C 305 -40.51 -11.41 33.34
N SER C 306 -41.68 -10.96 32.85
CA SER C 306 -42.60 -10.23 33.71
C SER C 306 -43.06 -11.07 34.89
N GLU C 307 -43.38 -12.34 34.64
CA GLU C 307 -43.78 -13.23 35.72
C GLU C 307 -42.64 -13.43 36.72
N VAL C 308 -41.41 -13.59 36.22
CA VAL C 308 -40.27 -13.77 37.11
C VAL C 308 -40.07 -12.54 37.98
N ALA C 309 -40.13 -11.35 37.38
CA ALA C 309 -39.98 -10.12 38.14
C ALA C 309 -41.09 -9.94 39.16
N LEU C 310 -42.33 -10.28 38.78
CA LEU C 310 -43.45 -10.18 39.71
C LEU C 310 -43.27 -11.13 40.90
N ASP C 311 -42.82 -12.35 40.63
CA ASP C 311 -42.56 -13.30 41.71
C ASP C 311 -41.43 -12.82 42.62
N LEU C 312 -40.38 -12.25 42.04
CA LEU C 312 -39.22 -11.83 42.82
C LEU C 312 -39.49 -10.58 43.65
N CYS C 313 -40.20 -9.60 43.10
CA CYS C 313 -40.40 -8.31 43.76
C CYS C 313 -41.29 -8.40 44.98
N ILE C 314 -42.00 -9.51 45.19
CA ILE C 314 -42.97 -9.59 46.27
C ILE C 314 -42.27 -9.48 47.63
N GLN C 315 -41.23 -10.28 47.84
CA GLN C 315 -40.65 -10.38 49.19
C GLN C 315 -39.67 -9.25 49.48
N GLY C 316 -38.53 -9.24 48.78
CA GLY C 316 -37.50 -8.26 49.06
C GLY C 316 -36.92 -7.55 47.85
N VAL C 317 -37.11 -8.13 46.67
CA VAL C 317 -36.38 -7.67 45.49
C VAL C 317 -36.97 -6.35 45.00
N ASN C 318 -36.11 -5.37 44.75
CA ASN C 318 -36.51 -4.13 44.12
C ASN C 318 -36.13 -4.19 42.64
N THR C 319 -37.12 -3.99 41.77
CA THR C 319 -36.93 -4.20 40.34
C THR C 319 -37.08 -2.89 39.57
N LEU C 320 -36.32 -2.78 38.49
CA LEU C 320 -36.42 -1.67 37.55
C LEU C 320 -36.59 -2.25 36.15
N TRP C 321 -37.59 -1.76 35.42
CA TRP C 321 -37.96 -2.33 34.14
C TRP C 321 -37.58 -1.38 33.01
N GLY C 322 -36.97 -1.93 31.95
CA GLY C 322 -36.64 -1.17 30.76
C GLY C 322 -37.57 -1.50 29.62
N SER C 323 -38.51 -0.60 29.32
CA SER C 323 -39.56 -0.85 28.33
C SER C 323 -39.13 -0.20 27.00
N PHE C 324 -38.38 -0.96 26.22
CA PHE C 324 -37.90 -0.50 24.92
C PHE C 324 -38.74 -1.00 23.76
N GLN C 325 -39.65 -1.95 23.99
CA GLN C 325 -40.52 -2.49 22.96
C GLN C 325 -41.99 -2.25 23.23
N ILE C 326 -42.46 -2.57 24.44
CA ILE C 326 -43.86 -2.38 24.83
C ILE C 326 -43.94 -1.15 25.70
N ASN C 327 -44.92 -0.29 25.40
CA ASN C 327 -45.08 0.95 26.16
C ASN C 327 -45.42 0.64 27.62
N ASN C 328 -45.20 1.63 28.47
CA ASN C 328 -45.45 1.48 29.91
C ASN C 328 -46.91 1.28 30.24
N VAL C 329 -47.81 1.39 29.26
CA VAL C 329 -49.24 1.17 29.46
C VAL C 329 -49.59 -0.31 29.38
N ARG C 330 -49.30 -0.94 28.24
CA ARG C 330 -49.60 -2.36 28.08
C ARG C 330 -48.77 -3.21 29.02
N LEU C 331 -47.52 -2.81 29.27
CA LEU C 331 -46.69 -3.55 30.21
C LEU C 331 -47.26 -3.52 31.62
N ALA C 332 -47.69 -2.33 32.08
CA ALA C 332 -48.32 -2.24 33.39
C ALA C 332 -49.62 -3.02 33.42
N LYS C 333 -50.39 -2.99 32.32
CA LYS C 333 -51.64 -3.72 32.27
C LYS C 333 -51.40 -5.23 32.39
N ILE C 334 -50.41 -5.74 31.69
CA ILE C 334 -50.14 -7.18 31.76
C ILE C 334 -49.58 -7.55 33.12
N MET C 335 -48.79 -6.67 33.73
CA MET C 335 -48.28 -6.96 35.08
C MET C 335 -49.43 -7.02 36.09
N LEU C 336 -50.36 -6.07 36.03
CA LEU C 336 -51.46 -6.08 36.99
C LEU C 336 -52.41 -7.25 36.71
N THR C 337 -52.59 -7.62 35.43
CA THR C 337 -53.38 -8.80 35.11
C THR C 337 -52.76 -10.06 35.68
N GLN C 338 -51.44 -10.20 35.55
CA GLN C 338 -50.75 -11.35 36.13
C GLN C 338 -50.87 -11.36 37.65
N PHE C 339 -50.71 -10.20 38.28
CA PHE C 339 -50.80 -10.13 39.74
C PHE C 339 -52.22 -10.40 40.23
N ALA C 340 -53.23 -10.12 39.41
CA ALA C 340 -54.61 -10.24 39.83
C ALA C 340 -55.07 -11.69 39.95
N MET C 341 -54.27 -12.65 39.47
CA MET C 341 -54.61 -14.07 39.45
C MET C 341 -55.82 -14.37 38.57
N GLN C 342 -56.32 -13.37 37.85
CA GLN C 342 -57.49 -13.53 37.01
C GLN C 342 -57.63 -12.32 36.10
N ARG C 343 -58.63 -12.37 35.22
CA ARG C 343 -58.91 -11.28 34.31
C ARG C 343 -59.58 -10.14 35.08
N LEU C 344 -58.84 -9.04 35.27
CA LEU C 344 -59.36 -7.91 36.03
C LEU C 344 -60.37 -7.10 35.22
N GLU C 345 -60.39 -7.26 33.90
CA GLU C 345 -61.34 -6.52 33.07
C GLU C 345 -62.78 -6.93 33.36
N GLU C 346 -62.99 -8.17 33.81
CA GLU C 346 -64.34 -8.65 34.07
C GLU C 346 -65.01 -7.87 35.20
N ASN C 347 -64.27 -7.58 36.26
CA ASN C 347 -64.82 -6.92 37.44
C ASN C 347 -64.01 -5.65 37.73
N LEU C 348 -64.56 -4.50 37.37
CA LEU C 348 -63.92 -3.22 37.66
C LEU C 348 -64.01 -2.83 39.13
N GLU C 349 -64.98 -3.37 39.87
CA GLU C 349 -65.12 -3.04 41.29
C GLU C 349 -63.91 -3.52 42.08
N GLN C 350 -63.37 -4.69 41.76
CA GLN C 350 -62.22 -5.25 42.45
C GLN C 350 -60.91 -4.59 42.01
N TYR C 351 -60.95 -3.75 40.97
CA TYR C 351 -59.73 -3.10 40.50
C TYR C 351 -59.13 -2.18 41.56
N ASP C 352 -59.98 -1.45 42.28
CA ASP C 352 -59.48 -0.45 43.23
C ASP C 352 -58.70 -1.11 44.36
N PHE C 353 -59.23 -2.20 44.92
CA PHE C 353 -58.60 -2.82 46.08
C PHE C 353 -57.23 -3.40 45.73
N TRP C 354 -57.17 -4.19 44.66
CA TRP C 354 -55.90 -4.78 44.25
C TRP C 354 -54.92 -3.72 43.75
N ALA C 355 -55.42 -2.69 43.08
CA ALA C 355 -54.56 -1.58 42.67
C ALA C 355 -53.94 -0.90 43.88
N ASP C 356 -54.74 -0.65 44.93
CA ASP C 356 -54.19 -0.11 46.17
C ASP C 356 -53.17 -1.06 46.78
N LYS C 357 -53.44 -2.36 46.71
CA LYS C 357 -52.48 -3.34 47.21
C LYS C 357 -51.23 -3.39 46.34
N PHE C 358 -51.26 -2.77 45.16
CA PHE C 358 -50.17 -2.89 44.21
C PHE C 358 -49.07 -1.84 44.37
N GLU C 359 -49.38 -0.63 44.85
CA GLU C 359 -48.36 0.42 44.87
C GLU C 359 -47.24 0.15 45.85
N GLU C 360 -47.54 -0.44 47.01
CA GLU C 360 -46.52 -0.64 48.04
C GLU C 360 -45.40 -1.56 47.60
N LEU C 361 -45.60 -2.34 46.54
CA LEU C 361 -44.50 -3.13 45.98
C LEU C 361 -43.45 -2.20 45.37
N PRO C 362 -42.17 -2.50 45.56
CA PRO C 362 -41.12 -1.64 44.99
C PRO C 362 -40.98 -1.80 43.48
N LEU C 363 -41.87 -1.15 42.73
CA LEU C 363 -41.89 -1.23 41.28
C LEU C 363 -41.55 0.13 40.68
N TYR C 364 -40.60 0.14 39.74
CA TYR C 364 -40.18 1.36 39.08
C TYR C 364 -39.98 1.09 37.59
N PHE C 365 -40.05 2.15 36.80
CA PHE C 365 -39.93 2.05 35.35
C PHE C 365 -39.09 3.20 34.81
N MET C 366 -38.65 3.02 33.56
CA MET C 366 -37.91 4.04 32.83
C MET C 366 -38.74 4.53 31.65
N THR C 367 -38.71 5.84 31.44
CA THR C 367 -39.61 6.48 30.48
C THR C 367 -39.18 6.29 29.03
N PHE C 368 -37.96 5.83 28.78
CA PHE C 368 -37.49 5.71 27.40
C PHE C 368 -38.23 4.58 26.67
N HIS C 369 -38.49 4.81 25.39
CA HIS C 369 -39.12 3.82 24.53
C HIS C 369 -38.44 3.65 23.18
N GLY C 370 -37.63 4.60 22.73
CA GLY C 370 -36.98 4.49 21.44
C GLY C 370 -35.51 4.13 21.55
N GLN C 371 -34.77 4.31 20.46
CA GLN C 371 -33.34 4.02 20.48
C GLN C 371 -32.62 5.03 21.36
N GLN C 372 -31.78 4.53 22.26
CA GLN C 372 -31.00 5.37 23.15
C GLN C 372 -29.57 4.84 23.23
N ASN C 373 -28.63 5.77 23.32
CA ASN C 373 -27.22 5.39 23.46
C ASN C 373 -26.93 4.96 24.89
N ILE C 374 -25.83 4.22 25.04
CA ILE C 374 -25.48 3.66 26.35
C ILE C 374 -25.10 4.73 27.35
N LYS C 375 -24.57 5.87 26.90
CA LYS C 375 -24.08 6.90 27.82
C LYS C 375 -25.20 7.61 28.56
N THR C 376 -26.41 7.66 27.99
CA THR C 376 -27.54 8.32 28.62
C THR C 376 -28.40 7.36 29.45
N VAL C 377 -28.64 6.15 28.94
CA VAL C 377 -29.46 5.19 29.67
C VAL C 377 -28.74 4.71 30.93
N LEU C 378 -27.42 4.52 30.85
CA LEU C 378 -26.68 3.98 31.98
C LEU C 378 -26.74 4.92 33.18
N ASP C 379 -26.86 6.23 32.93
CA ASP C 379 -26.98 7.19 34.02
C ASP C 379 -28.28 6.98 34.79
N THR C 380 -29.31 6.49 34.12
CA THR C 380 -30.62 6.33 34.76
C THR C 380 -30.57 5.30 35.87
N MET C 381 -30.06 4.09 35.58
CA MET C 381 -29.97 3.07 36.63
C MET C 381 -28.93 3.46 37.68
N GLN C 382 -27.90 4.21 37.29
CA GLN C 382 -26.96 4.73 38.28
C GLN C 382 -27.67 5.62 39.30
N HIS C 383 -28.42 6.60 38.82
CA HIS C 383 -29.14 7.50 39.72
C HIS C 383 -30.24 6.76 40.48
N ALA C 384 -30.80 5.70 39.87
CA ALA C 384 -31.80 4.89 40.55
C ALA C 384 -31.20 4.05 41.67
N VAL C 385 -30.00 3.52 41.47
CA VAL C 385 -29.35 2.76 42.53
C VAL C 385 -28.98 3.67 43.69
N TYR C 386 -28.46 4.86 43.40
CA TYR C 386 -28.15 5.77 44.51
C TYR C 386 -29.38 6.37 45.20
N LEU C 387 -30.61 6.12 44.72
CA LEU C 387 -31.78 6.61 45.43
C LEU C 387 -32.67 5.50 45.97
N TYR C 388 -33.17 4.61 45.11
CA TYR C 388 -34.16 3.61 45.50
C TYR C 388 -33.55 2.27 45.87
N ASP C 389 -32.25 2.08 45.64
CA ASP C 389 -31.56 0.83 45.97
C ASP C 389 -32.19 -0.36 45.24
N ILE C 390 -32.09 -0.34 43.92
CA ILE C 390 -32.55 -1.43 43.08
C ILE C 390 -31.48 -2.51 43.03
N ASN C 391 -31.92 -3.76 43.10
CA ASN C 391 -31.01 -4.91 42.98
C ASN C 391 -31.41 -5.82 41.82
N HIS C 392 -32.26 -5.35 40.92
CA HIS C 392 -32.71 -6.15 39.78
C HIS C 392 -33.11 -5.19 38.67
N VAL C 393 -32.27 -5.10 37.64
CA VAL C 393 -32.51 -4.25 36.48
C VAL C 393 -32.74 -5.15 35.27
N ILE C 394 -33.81 -4.87 34.53
CA ILE C 394 -34.19 -5.67 33.37
C ILE C 394 -34.17 -4.77 32.14
N ILE C 395 -33.47 -5.20 31.10
CA ILE C 395 -33.40 -4.50 29.83
C ILE C 395 -33.91 -5.44 28.75
N ASP C 396 -34.87 -4.96 27.95
CA ASP C 396 -35.55 -5.78 26.97
C ASP C 396 -35.10 -5.42 25.56
N ASN C 397 -34.88 -6.44 24.73
CA ASN C 397 -34.67 -6.28 23.29
C ASN C 397 -33.45 -5.39 23.01
N LEU C 398 -32.29 -5.95 23.34
CA LEU C 398 -31.03 -5.22 23.20
C LEU C 398 -30.83 -4.67 21.79
N GLN C 399 -31.23 -5.43 20.76
CA GLN C 399 -31.02 -4.96 19.39
C GLN C 399 -31.78 -3.69 19.07
N PHE C 400 -32.86 -3.39 19.79
CA PHE C 400 -33.62 -2.18 19.52
C PHE C 400 -32.86 -0.94 19.96
N MET C 401 -32.31 -0.96 21.17
CA MET C 401 -31.52 0.16 21.65
C MET C 401 -30.14 0.19 20.98
N MET C 402 -29.60 -0.99 20.66
CA MET C 402 -28.28 -1.04 20.03
C MET C 402 -28.35 -0.60 18.58
N GLY C 403 -29.45 -0.87 17.88
CA GLY C 403 -29.60 -0.53 16.48
C GLY C 403 -29.45 0.94 16.19
N GLN C 404 -28.38 1.31 15.51
CA GLN C 404 -28.12 2.70 15.15
C GLN C 404 -28.36 2.95 13.67
N ASP C 410 -19.03 0.17 12.21
CA ASP C 410 -18.57 -1.19 12.47
C ASP C 410 -19.53 -1.93 13.38
N LYS C 411 -20.37 -2.79 12.78
CA LYS C 411 -21.31 -3.58 13.56
C LYS C 411 -20.59 -4.72 14.27
N TYR C 412 -21.32 -5.38 15.17
CA TYR C 412 -20.82 -6.47 16.00
C TYR C 412 -19.70 -6.03 16.94
N ALA C 413 -19.51 -4.73 17.12
CA ALA C 413 -18.52 -4.20 18.04
C ALA C 413 -19.12 -3.27 19.07
N VAL C 414 -20.10 -2.44 18.68
CA VAL C 414 -20.81 -1.63 19.66
C VAL C 414 -21.62 -2.51 20.60
N GLN C 415 -22.17 -3.61 20.08
CA GLN C 415 -22.87 -4.57 20.93
C GLN C 415 -21.94 -5.15 21.99
N ASP C 416 -20.73 -5.54 21.59
CA ASP C 416 -19.77 -6.03 22.56
C ASP C 416 -19.42 -4.96 23.58
N HIS C 417 -19.31 -3.71 23.13
CA HIS C 417 -18.99 -2.61 24.04
C HIS C 417 -20.10 -2.44 25.08
N ILE C 418 -21.36 -2.48 24.65
CA ILE C 418 -22.45 -2.27 25.60
C ILE C 418 -22.60 -3.47 26.54
N ILE C 419 -22.36 -4.69 26.06
CA ILE C 419 -22.39 -5.84 26.97
C ILE C 419 -21.26 -5.74 27.99
N GLY C 420 -20.07 -5.31 27.57
CA GLY C 420 -18.99 -5.11 28.52
C GLY C 420 -19.31 -4.04 29.53
N ALA C 421 -19.92 -2.94 29.09
CA ALA C 421 -20.32 -1.88 30.02
C ALA C 421 -21.35 -2.39 31.01
N PHE C 422 -22.33 -3.17 30.55
CA PHE C 422 -23.32 -3.72 31.45
C PHE C 422 -22.68 -4.68 32.47
N ARG C 423 -21.74 -5.50 32.02
CA ARG C 423 -21.06 -6.42 32.93
C ARG C 423 -20.26 -5.65 33.97
N LYS C 424 -19.56 -4.59 33.55
CA LYS C 424 -18.81 -3.76 34.50
C LYS C 424 -19.74 -3.10 35.50
N PHE C 425 -20.88 -2.60 35.03
CA PHE C 425 -21.85 -1.98 35.94
C PHE C 425 -22.39 -3.00 36.94
N ALA C 426 -22.69 -4.21 36.48
CA ALA C 426 -23.20 -5.24 37.37
C ALA C 426 -22.15 -5.65 38.41
N THR C 427 -20.89 -5.77 37.99
CA THR C 427 -19.84 -6.18 38.92
C THR C 427 -19.53 -5.09 39.94
N ASN C 428 -19.47 -3.83 39.49
CA ASN C 428 -19.10 -2.74 40.38
C ASN C 428 -20.23 -2.32 41.32
N THR C 429 -21.47 -2.69 41.02
CA THR C 429 -22.62 -2.28 41.80
C THR C 429 -23.35 -3.44 42.47
N SER C 430 -23.14 -4.67 42.01
CA SER C 430 -23.78 -5.87 42.56
C SER C 430 -25.29 -5.81 42.36
N CYS C 431 -25.70 -5.65 41.10
CA CYS C 431 -27.09 -5.65 40.71
C CYS C 431 -27.29 -6.65 39.57
N HIS C 432 -28.37 -7.41 39.65
CA HIS C 432 -28.64 -8.47 38.67
C HIS C 432 -29.24 -7.85 37.43
N VAL C 433 -28.47 -7.83 36.34
CA VAL C 433 -28.92 -7.23 35.08
C VAL C 433 -29.46 -8.34 34.19
N THR C 434 -30.70 -8.18 33.73
CA THR C 434 -31.35 -9.12 32.83
C THR C 434 -31.41 -8.52 31.43
N LEU C 435 -30.94 -9.27 30.45
CA LEU C 435 -30.88 -8.82 29.06
C LEU C 435 -31.63 -9.81 28.18
N ILE C 436 -32.48 -9.27 27.31
CA ILE C 436 -33.23 -10.07 26.34
C ILE C 436 -32.60 -9.82 24.98
N ILE C 437 -32.00 -10.86 24.41
CA ILE C 437 -31.28 -10.76 23.14
C ILE C 437 -32.01 -11.62 22.11
N HIS C 438 -32.28 -11.05 20.94
CA HIS C 438 -32.93 -11.80 19.89
C HIS C 438 -31.98 -12.87 19.33
N PRO C 439 -32.50 -14.01 18.89
CA PRO C 439 -31.66 -15.02 18.26
C PRO C 439 -31.48 -14.76 16.78
N ARG C 440 -30.53 -15.49 16.19
CA ARG C 440 -30.26 -15.36 14.77
C ARG C 440 -31.33 -16.10 13.96
N LYS C 441 -31.31 -15.88 12.65
CA LYS C 441 -32.32 -16.44 11.76
C LYS C 441 -32.15 -17.95 11.66
N GLU C 442 -33.02 -18.68 12.32
CA GLU C 442 -33.01 -20.14 12.29
C GLU C 442 -34.07 -20.64 11.31
N GLU C 443 -33.91 -21.87 10.82
CA GLU C 443 -34.78 -22.43 9.79
C GLU C 443 -36.05 -23.06 10.36
N ASP C 444 -36.39 -22.75 11.61
CA ASP C 444 -37.65 -23.09 12.26
C ASP C 444 -37.77 -24.60 12.50
N ASP C 445 -36.69 -25.37 12.39
CA ASP C 445 -36.75 -26.80 12.69
C ASP C 445 -35.48 -27.24 13.40
N ARG C 446 -34.90 -26.40 14.24
CA ARG C 446 -33.75 -26.74 15.07
C ARG C 446 -33.92 -26.11 16.45
N GLU C 447 -33.59 -26.88 17.49
CA GLU C 447 -33.66 -26.34 18.84
C GLU C 447 -32.61 -25.25 19.02
N LEU C 448 -32.99 -24.19 19.74
CA LEU C 448 -32.13 -23.03 19.92
C LEU C 448 -30.99 -23.38 20.87
N GLN C 449 -29.75 -23.34 20.37
CA GLN C 449 -28.59 -23.62 21.19
C GLN C 449 -28.06 -22.35 21.84
N THR C 450 -27.03 -22.51 22.65
CA THR C 450 -26.36 -21.36 23.27
C THR C 450 -25.58 -20.54 22.26
N ALA C 451 -25.33 -21.07 21.07
CA ALA C 451 -24.60 -20.36 20.03
C ALA C 451 -25.51 -19.60 19.08
N SER C 452 -26.81 -19.58 19.35
CA SER C 452 -27.78 -18.91 18.49
C SER C 452 -27.94 -17.44 18.84
N ILE C 453 -27.15 -16.92 19.79
CA ILE C 453 -27.24 -15.51 20.15
C ILE C 453 -26.79 -14.66 18.97
N PHE C 454 -27.58 -13.64 18.64
CA PHE C 454 -27.24 -12.74 17.56
C PHE C 454 -26.07 -11.85 17.97
N GLY C 455 -25.04 -11.78 17.14
CA GLY C 455 -23.87 -10.98 17.43
C GLY C 455 -22.63 -11.81 17.66
N SER C 456 -21.70 -11.28 18.44
CA SER C 456 -20.48 -12.00 18.76
C SER C 456 -20.75 -13.05 19.84
N ALA C 457 -19.72 -13.83 20.17
CA ALA C 457 -19.85 -14.86 21.19
C ALA C 457 -19.70 -14.32 22.60
N LYS C 458 -19.40 -13.03 22.77
CA LYS C 458 -19.19 -12.49 24.10
C LYS C 458 -20.48 -12.54 24.93
N ALA C 459 -21.63 -12.44 24.27
CA ALA C 459 -22.90 -12.42 24.99
C ALA C 459 -23.04 -13.63 25.90
N SER C 460 -22.55 -14.79 25.46
CA SER C 460 -22.50 -15.96 26.33
C SER C 460 -21.31 -15.94 27.27
N GLN C 461 -20.21 -15.30 26.88
CA GLN C 461 -18.97 -15.40 27.65
C GLN C 461 -19.03 -14.59 28.94
N GLU C 462 -19.57 -13.37 28.89
CA GLU C 462 -19.74 -12.57 30.09
C GLU C 462 -21.09 -12.79 30.76
N ALA C 463 -21.86 -13.78 30.31
CA ALA C 463 -23.13 -14.09 30.95
C ALA C 463 -22.94 -15.15 32.04
N ASP C 464 -23.71 -15.00 33.10
CA ASP C 464 -23.71 -15.98 34.19
C ASP C 464 -24.89 -16.94 34.13
N ASN C 465 -25.98 -16.54 33.48
CA ASN C 465 -27.14 -17.39 33.28
C ASN C 465 -27.67 -17.18 31.87
N VAL C 466 -27.85 -18.29 31.15
CA VAL C 466 -28.15 -18.22 29.72
C VAL C 466 -29.49 -18.90 29.48
N LEU C 467 -30.41 -18.74 30.42
CA LEU C 467 -31.77 -19.27 30.30
C LEU C 467 -32.35 -18.98 28.94
N ILE C 468 -32.71 -20.05 28.20
CA ILE C 468 -33.15 -19.96 26.82
C ILE C 468 -34.46 -20.73 26.68
N LEU C 469 -35.40 -20.16 25.94
CA LEU C 469 -36.69 -20.79 25.71
C LEU C 469 -36.64 -21.68 24.47
N GLN C 470 -37.55 -22.66 24.44
CA GLN C 470 -37.70 -23.55 23.31
C GLN C 470 -39.16 -23.57 22.87
N GLU C 471 -39.38 -23.56 21.56
CA GLU C 471 -40.72 -23.54 20.99
C GLU C 471 -40.95 -24.77 20.12
N LYS C 472 -42.10 -25.41 20.32
CA LYS C 472 -42.54 -26.53 19.51
C LYS C 472 -43.67 -26.02 18.61
N LYS C 473 -43.31 -25.64 17.39
CA LYS C 473 -44.24 -24.98 16.48
C LYS C 473 -45.27 -26.00 15.97
N LEU C 474 -46.51 -25.84 16.42
CA LEU C 474 -47.63 -26.61 15.89
C LEU C 474 -48.30 -25.82 14.78
N VAL C 475 -49.48 -26.25 14.35
CA VAL C 475 -50.19 -25.60 13.26
C VAL C 475 -51.19 -24.59 13.84
N THR C 476 -51.73 -24.89 15.03
CA THR C 476 -52.72 -24.03 15.67
C THR C 476 -52.52 -24.11 17.19
N CYS C 477 -52.18 -22.97 17.79
CA CYS C 477 -51.99 -22.85 19.24
C CYS C 477 -50.97 -23.85 19.73
N PRO C 478 -49.68 -23.68 19.41
CA PRO C 478 -48.66 -24.67 19.80
C PRO C 478 -48.57 -24.88 21.29
N GLY C 479 -48.30 -23.81 22.06
CA GLY C 479 -48.18 -23.94 23.48
C GLY C 479 -47.01 -24.84 23.88
N ARG C 480 -47.09 -25.37 25.10
CA ARG C 480 -46.10 -26.30 25.63
C ARG C 480 -44.69 -25.75 25.52
N ARG C 481 -44.51 -24.52 26.00
CA ARG C 481 -43.20 -23.89 25.97
C ARG C 481 -42.24 -24.62 26.90
N SER C 482 -40.99 -24.75 26.46
CA SER C 482 -39.96 -25.46 27.21
C SER C 482 -38.80 -24.51 27.51
N LEU C 483 -38.28 -24.61 28.72
CA LEU C 483 -37.16 -23.77 29.17
C LEU C 483 -35.95 -24.65 29.43
N GLN C 484 -34.79 -24.22 28.93
CA GLN C 484 -33.54 -24.93 29.10
C GLN C 484 -32.47 -23.94 29.54
N VAL C 485 -31.52 -24.43 30.35
CA VAL C 485 -30.47 -23.59 30.93
C VAL C 485 -29.14 -24.20 30.49
N THR C 486 -28.45 -23.51 29.57
CA THR C 486 -27.16 -24.01 29.09
C THR C 486 -26.06 -23.81 30.13
N LYS C 487 -26.03 -22.66 30.80
CA LYS C 487 -24.91 -22.29 31.66
C LYS C 487 -25.42 -21.85 33.03
N ASN C 488 -24.64 -22.17 34.06
CA ASN C 488 -24.95 -21.78 35.43
C ASN C 488 -23.62 -21.64 36.17
N ARG C 489 -23.19 -20.40 36.39
CA ARG C 489 -21.86 -20.17 36.95
C ARG C 489 -21.77 -20.69 38.39
N PHE C 490 -22.81 -20.47 39.19
CA PHE C 490 -22.83 -20.97 40.56
C PHE C 490 -23.64 -22.27 40.59
N ASP C 491 -23.03 -23.34 41.08
CA ASP C 491 -23.67 -24.65 41.16
C ASP C 491 -24.15 -25.10 39.78
N GLY C 492 -23.18 -25.31 38.89
CA GLY C 492 -23.46 -25.68 37.51
C GLY C 492 -24.40 -26.84 37.34
N ASP C 493 -25.59 -26.57 36.79
CA ASP C 493 -26.59 -27.60 36.57
C ASP C 493 -27.38 -27.25 35.32
N VAL C 494 -27.67 -28.27 34.51
CA VAL C 494 -28.43 -28.11 33.28
C VAL C 494 -29.67 -28.99 33.36
N GLY C 495 -30.83 -28.41 33.07
CA GLY C 495 -32.07 -29.16 33.12
C GLY C 495 -33.16 -28.46 32.35
N ILE C 496 -34.24 -29.19 32.10
CA ILE C 496 -35.38 -28.69 31.35
C ILE C 496 -36.65 -29.01 32.12
N PHE C 497 -37.71 -28.26 31.81
CA PHE C 497 -39.03 -28.49 32.40
C PHE C 497 -40.09 -27.80 31.55
N PRO C 498 -41.14 -28.52 31.17
CA PRO C 498 -42.20 -27.90 30.37
C PRO C 498 -43.00 -26.91 31.20
N LEU C 499 -43.59 -25.94 30.50
CA LEU C 499 -44.42 -24.92 31.13
C LEU C 499 -45.72 -24.76 30.34
N ASP C 500 -46.79 -24.41 31.06
CA ASP C 500 -48.10 -24.18 30.47
C ASP C 500 -48.49 -22.72 30.63
N PHE C 501 -49.45 -22.30 29.82
CA PHE C 501 -49.89 -20.90 29.79
C PHE C 501 -51.38 -20.86 30.09
N ILE C 502 -51.75 -20.17 31.16
CA ILE C 502 -53.15 -19.95 31.50
C ILE C 502 -53.63 -18.71 30.75
N LYS C 503 -54.53 -18.91 29.77
CA LYS C 503 -55.00 -17.79 28.98
C LYS C 503 -55.87 -16.84 29.78
N SER C 504 -56.61 -17.35 30.77
CA SER C 504 -57.49 -16.51 31.57
C SER C 504 -56.68 -15.51 32.41
N SER C 505 -55.60 -15.98 33.04
CA SER C 505 -54.80 -15.14 33.93
C SER C 505 -53.56 -14.56 33.26
N LEU C 506 -53.30 -14.90 32.00
CA LEU C 506 -52.13 -14.40 31.26
C LEU C 506 -50.83 -14.69 31.98
N THR C 507 -50.73 -15.85 32.61
CA THR C 507 -49.53 -16.21 33.37
C THR C 507 -49.07 -17.61 33.00
N PHE C 508 -47.77 -17.85 33.18
CA PHE C 508 -47.19 -19.17 32.94
C PHE C 508 -47.35 -20.02 34.20
N SER C 509 -48.15 -21.07 34.10
CA SER C 509 -48.45 -21.89 35.26
C SER C 509 -47.29 -22.83 35.59
N ALA C 510 -47.46 -23.59 36.66
CA ALA C 510 -46.47 -24.56 37.07
C ALA C 510 -46.40 -25.70 36.07
N PRO C 511 -45.26 -26.40 35.99
CA PRO C 511 -45.16 -27.54 35.07
C PRO C 511 -46.22 -28.59 35.35
N ILE C 512 -46.78 -29.14 34.28
CA ILE C 512 -47.83 -30.15 34.39
C ILE C 512 -47.44 -31.39 33.61
N PRO D 48 79.27 -14.64 7.15
CA PRO D 48 78.67 -13.79 8.18
C PRO D 48 77.72 -12.74 7.60
N GLU D 49 77.19 -11.88 8.46
CA GLU D 49 76.27 -10.83 8.02
C GLU D 49 76.93 -9.46 7.90
N ASP D 50 78.01 -9.22 8.64
CA ASP D 50 78.69 -7.93 8.57
C ASP D 50 79.39 -7.71 7.23
N GLU D 51 79.66 -8.79 6.48
CA GLU D 51 80.29 -8.65 5.18
C GLU D 51 79.42 -7.90 4.18
N ALA D 52 78.10 -7.92 4.37
CA ALA D 52 77.21 -7.21 3.46
C ALA D 52 77.44 -5.71 3.54
N GLN D 53 77.48 -5.06 2.38
CA GLN D 53 77.71 -3.63 2.29
C GLN D 53 76.38 -2.89 2.42
N LEU D 54 76.40 -1.58 2.17
CA LEU D 54 75.21 -0.75 2.24
C LEU D 54 75.26 0.29 1.13
N ILE D 55 74.13 0.49 0.46
CA ILE D 55 74.01 1.47 -0.60
C ILE D 55 72.55 1.88 -0.73
N LYS D 56 72.33 3.16 -1.02
CA LYS D 56 70.99 3.72 -1.17
C LYS D 56 70.91 4.57 -2.43
N THR D 57 71.43 4.05 -3.54
CA THR D 57 71.42 4.76 -4.80
C THR D 57 70.03 4.66 -5.45
N MET D 58 69.90 5.22 -6.64
CA MET D 58 68.65 5.22 -7.39
C MET D 58 68.66 4.06 -8.38
N PHE D 59 67.66 3.18 -8.28
CA PHE D 59 67.54 2.04 -9.17
C PHE D 59 66.07 1.79 -9.44
N GLN D 60 65.80 1.13 -10.58
CA GLN D 60 64.45 0.81 -11.00
C GLN D 60 64.28 -0.68 -11.26
N ILE D 61 65.05 -1.51 -10.54
CA ILE D 61 64.93 -2.96 -10.69
C ILE D 61 63.55 -3.42 -10.25
N THR D 62 63.07 -2.91 -9.12
CA THR D 62 61.75 -3.23 -8.60
C THR D 62 60.85 -2.02 -8.77
N LYS D 63 59.66 -2.23 -9.33
CA LYS D 63 58.70 -1.15 -9.56
C LYS D 63 58.03 -0.76 -8.24
N VAL D 64 58.81 -0.09 -7.41
CA VAL D 64 58.37 0.37 -6.09
C VAL D 64 59.02 1.71 -5.80
N SER D 65 58.69 2.27 -4.64
CA SER D 65 59.24 3.54 -4.20
C SER D 65 60.21 3.31 -3.05
N ASN D 66 61.41 3.90 -3.15
CA ASN D 66 62.45 3.73 -2.15
C ASN D 66 62.33 4.73 -1.00
N ALA D 67 61.17 5.37 -0.84
CA ALA D 67 60.99 6.35 0.22
C ALA D 67 61.19 5.72 1.60
N THR D 68 60.70 4.50 1.78
CA THR D 68 60.89 3.75 3.01
C THR D 68 62.20 2.97 3.03
N LEU D 69 63.00 3.06 1.97
CA LEU D 69 64.24 2.29 1.90
C LEU D 69 65.17 2.66 3.04
N LYS D 70 65.30 3.96 3.33
CA LYS D 70 66.07 4.38 4.50
C LYS D 70 65.36 4.01 5.79
N LYS D 71 64.03 4.01 5.79
CA LYS D 71 63.29 3.69 7.00
C LYS D 71 63.31 2.20 7.30
N PHE D 72 63.20 1.36 6.28
CA PHE D 72 63.15 -0.09 6.46
C PHE D 72 64.53 -0.71 6.66
N GLY D 73 65.60 0.01 6.35
CA GLY D 73 66.94 -0.49 6.52
C GLY D 73 67.45 -1.36 5.38
N VAL D 74 66.65 -1.56 4.34
CA VAL D 74 67.09 -2.35 3.19
C VAL D 74 68.15 -1.56 2.43
N ARG D 75 69.28 -2.21 2.16
CA ARG D 75 70.41 -1.54 1.52
C ARG D 75 70.83 -2.31 0.29
N LEU D 76 71.31 -1.58 -0.72
CA LEU D 76 71.74 -2.18 -1.98
C LEU D 76 73.14 -2.78 -1.78
N PHE D 77 73.19 -3.82 -0.96
CA PHE D 77 74.44 -4.50 -0.67
C PHE D 77 74.96 -5.22 -1.91
N LYS D 78 76.28 -5.24 -2.06
CA LYS D 78 76.90 -5.91 -3.20
C LYS D 78 77.98 -6.86 -2.72
N PRO D 79 77.72 -7.69 -1.71
CA PRO D 79 78.72 -8.67 -1.28
C PRO D 79 78.72 -9.90 -2.18
N THR D 80 77.53 -10.31 -2.63
CA THR D 80 77.38 -11.42 -3.56
C THR D 80 76.73 -10.99 -4.86
N LYS D 81 75.64 -10.24 -4.79
CA LYS D 81 74.93 -9.77 -5.98
C LYS D 81 74.51 -8.32 -5.77
N SER D 82 74.13 -7.68 -6.86
CA SER D 82 73.72 -6.28 -6.83
C SER D 82 72.30 -6.09 -6.31
N LEU D 83 71.56 -7.16 -6.08
CA LEU D 83 70.20 -7.04 -5.56
C LEU D 83 70.21 -6.48 -4.15
N VAL D 84 69.16 -5.71 -3.84
CA VAL D 84 69.08 -5.04 -2.54
C VAL D 84 68.76 -6.07 -1.46
N PHE D 85 69.57 -6.08 -0.40
CA PHE D 85 69.37 -6.96 0.73
C PHE D 85 68.65 -6.21 1.85
N PRO D 86 67.50 -6.69 2.33
CA PRO D 86 66.88 -6.07 3.49
C PRO D 86 67.66 -6.36 4.76
N TRP D 87 67.51 -5.46 5.74
CA TRP D 87 68.16 -5.60 7.03
C TRP D 87 67.33 -6.52 7.93
N PHE D 88 67.36 -7.81 7.59
CA PHE D 88 66.60 -8.83 8.31
C PHE D 88 67.40 -9.30 9.53
N ALA D 89 67.48 -8.43 10.53
CA ALA D 89 68.18 -8.72 11.77
C ALA D 89 67.44 -8.08 12.92
N GLY D 90 67.64 -8.65 14.11
CA GLY D 90 67.01 -8.14 15.31
C GLY D 90 67.79 -6.99 15.92
N PRO D 91 67.79 -6.91 17.26
CA PRO D 91 68.60 -5.87 17.91
C PRO D 91 70.08 -5.97 17.61
N ASP D 92 70.61 -7.18 17.44
CA ASP D 92 72.00 -7.41 17.08
C ASP D 92 72.06 -7.99 15.67
N SER D 93 73.28 -8.35 15.25
CA SER D 93 73.51 -8.93 13.93
C SER D 93 73.17 -10.43 13.98
N SER D 94 71.87 -10.70 14.04
CA SER D 94 71.39 -12.07 14.09
C SER D 94 71.67 -12.78 12.77
N LEU D 95 72.04 -14.05 12.86
CA LEU D 95 72.36 -14.86 11.68
C LEU D 95 71.09 -15.54 11.16
N LYS D 96 70.09 -14.72 10.86
CA LYS D 96 68.82 -15.19 10.32
C LYS D 96 68.78 -15.11 8.79
N GLY D 97 69.88 -14.73 8.15
CA GLY D 97 69.91 -14.60 6.71
C GLY D 97 69.95 -13.16 6.25
N LEU D 98 71.14 -12.69 5.86
CA LEU D 98 71.34 -11.33 5.40
C LEU D 98 71.60 -11.25 3.89
N LYS D 99 71.18 -12.26 3.15
CA LYS D 99 71.41 -12.29 1.71
C LYS D 99 70.49 -11.28 1.00
N LEU D 100 70.65 -11.20 -0.31
CA LEU D 100 69.86 -10.27 -1.11
C LEU D 100 68.40 -10.69 -1.11
N LEU D 101 67.51 -9.70 -1.08
CA LEU D 101 66.08 -9.96 -1.06
C LEU D 101 65.57 -10.28 -2.48
N SER D 102 64.26 -10.45 -2.60
CA SER D 102 63.63 -10.78 -3.88
C SER D 102 63.37 -9.48 -4.63
N ALA D 103 64.38 -9.02 -5.35
CA ALA D 103 64.23 -7.81 -6.15
C ALA D 103 63.27 -8.04 -7.29
N GLN D 104 62.38 -7.07 -7.51
CA GLN D 104 61.37 -7.12 -8.57
C GLN D 104 60.38 -8.26 -8.34
N ASN D 105 60.50 -8.96 -7.21
CA ASN D 105 59.59 -10.01 -6.77
C ASN D 105 59.57 -11.22 -7.71
N THR D 106 60.41 -11.23 -8.74
CA THR D 106 60.42 -12.34 -9.70
C THR D 106 61.80 -12.85 -10.07
N ASP D 107 62.87 -12.10 -9.81
CA ASP D 107 64.22 -12.52 -10.19
C ASP D 107 65.20 -11.92 -9.19
N THR D 108 66.49 -11.95 -9.53
CA THR D 108 67.56 -11.37 -8.71
C THR D 108 67.54 -11.94 -7.29
N GLU D 109 67.78 -13.25 -7.21
CA GLU D 109 67.83 -13.98 -5.94
C GLU D 109 66.50 -13.85 -5.18
N LYS D 110 65.45 -14.40 -5.78
CA LYS D 110 64.14 -14.39 -5.15
C LYS D 110 64.16 -15.15 -3.83
N VAL D 111 64.83 -16.29 -3.79
CA VAL D 111 64.99 -17.08 -2.57
C VAL D 111 66.37 -16.82 -2.01
N THR D 112 66.43 -16.42 -0.74
CA THR D 112 67.67 -16.09 -0.07
C THR D 112 67.99 -17.13 0.99
N TYR D 113 69.24 -17.11 1.44
CA TYR D 113 69.69 -18.05 2.46
C TYR D 113 69.01 -17.76 3.79
N ASN D 114 68.78 -18.82 4.56
CA ASN D 114 68.16 -18.71 5.87
C ASN D 114 69.16 -18.36 6.98
N GLU D 115 70.45 -18.25 6.65
CA GLU D 115 71.46 -17.93 7.63
C GLU D 115 72.57 -17.12 6.96
N ALA D 116 73.32 -16.39 7.78
CA ALA D 116 74.41 -15.55 7.30
C ALA D 116 75.78 -16.15 7.57
N THR D 117 75.99 -16.73 8.75
CA THR D 117 77.27 -17.33 9.09
C THR D 117 77.49 -18.60 8.26
N VAL D 118 78.76 -19.00 8.17
CA VAL D 118 79.14 -20.20 7.43
C VAL D 118 78.55 -21.42 8.10
N PRO D 119 78.94 -21.74 9.33
CA PRO D 119 78.38 -22.89 10.03
C PRO D 119 77.18 -22.50 10.89
N LYS D 120 76.53 -23.53 11.43
CA LYS D 120 75.37 -23.36 12.31
C LYS D 120 74.26 -22.56 11.62
N ILE D 121 73.73 -23.16 10.54
CA ILE D 121 72.65 -22.52 9.80
C ILE D 121 71.41 -22.43 10.67
N SER D 122 70.77 -21.26 10.66
CA SER D 122 69.60 -21.00 11.47
C SER D 122 68.33 -21.11 10.63
N SER D 123 67.23 -21.44 11.29
CA SER D 123 65.94 -21.57 10.63
C SER D 123 65.26 -20.21 10.58
N TYR D 124 63.98 -20.20 10.19
CA TYR D 124 63.20 -18.97 10.07
C TYR D 124 62.46 -18.61 11.35
N TYR D 125 62.93 -19.09 12.51
CA TYR D 125 62.27 -18.78 13.77
C TYR D 125 62.44 -17.32 14.16
N ASN D 126 63.40 -16.61 13.56
CA ASN D 126 63.63 -15.21 13.88
C ASN D 126 62.58 -14.34 13.20
N LEU D 127 62.68 -13.03 13.40
CA LEU D 127 61.74 -12.07 12.84
C LEU D 127 62.50 -10.86 12.32
N PHE D 128 61.87 -10.16 11.38
CA PHE D 128 62.44 -8.96 10.79
C PHE D 128 61.34 -7.91 10.65
N GLY D 129 61.75 -6.70 10.30
CA GLY D 129 60.80 -5.60 10.15
C GLY D 129 60.37 -4.94 11.45
N LEU D 130 59.94 -5.75 12.43
CA LEU D 130 59.57 -5.20 13.72
C LEU D 130 60.77 -4.55 14.41
N THR D 131 61.95 -5.20 14.31
CA THR D 131 63.17 -4.61 14.87
C THR D 131 63.58 -3.34 14.14
N LEU D 132 63.12 -3.14 12.90
CA LEU D 132 63.42 -1.95 12.13
C LEU D 132 62.41 -0.83 12.37
N VAL D 133 61.42 -1.05 13.24
CA VAL D 133 60.42 -0.05 13.56
C VAL D 133 60.29 0.04 15.08
N GLY D 134 59.57 1.08 15.53
CA GLY D 134 59.37 1.26 16.95
C GLY D 134 58.59 0.11 17.58
N ARG D 135 57.56 -0.37 16.90
CA ARG D 135 56.73 -1.50 17.32
C ARG D 135 55.97 -1.24 18.62
N MET D 136 56.02 -0.02 19.15
CA MET D 136 55.30 0.33 20.37
C MET D 136 54.02 1.06 19.99
N ASP D 137 53.02 0.28 19.61
CA ASP D 137 51.73 0.83 19.20
C ASP D 137 50.67 -0.26 19.35
N SER D 138 49.41 0.18 19.35
CA SER D 138 48.28 -0.73 19.46
C SER D 138 47.77 -1.21 18.11
N GLU D 139 48.35 -0.73 17.01
CA GLU D 139 47.96 -1.13 15.67
C GLU D 139 49.18 -1.51 14.85
N VAL D 140 49.08 -2.62 14.12
CA VAL D 140 50.17 -3.10 13.30
C VAL D 140 49.58 -3.94 12.18
N VAL D 141 50.20 -3.86 11.00
CA VAL D 141 49.77 -4.63 9.84
C VAL D 141 50.84 -5.68 9.55
N LEU D 142 50.47 -6.96 9.68
CA LEU D 142 51.40 -8.06 9.49
C LEU D 142 51.33 -8.53 8.04
N THR D 143 52.38 -8.28 7.28
CA THR D 143 52.47 -8.69 5.89
C THR D 143 53.66 -9.64 5.73
N GLY D 144 53.41 -10.80 5.12
CA GLY D 144 54.48 -11.78 4.97
C GLY D 144 55.57 -11.31 4.02
N HIS D 145 55.19 -10.71 2.90
CA HIS D 145 56.16 -10.27 1.91
C HIS D 145 56.96 -9.08 2.44
N GLU D 146 58.27 -9.10 2.15
CA GLU D 146 59.12 -7.99 2.56
C GLU D 146 58.74 -6.70 1.85
N LEU D 147 58.42 -6.79 0.56
CA LEU D 147 57.97 -5.61 -0.17
C LEU D 147 56.66 -5.09 0.39
N ASP D 148 55.74 -5.98 0.74
CA ASP D 148 54.48 -5.56 1.35
C ASP D 148 54.73 -4.89 2.69
N THR D 149 55.65 -5.43 3.50
CA THR D 149 55.98 -4.81 4.77
C THR D 149 56.58 -3.42 4.56
N LEU D 150 57.46 -3.26 3.58
CA LEU D 150 58.03 -1.95 3.28
C LEU D 150 56.96 -0.97 2.84
N ALA D 151 56.02 -1.42 2.02
CA ALA D 151 54.93 -0.56 1.58
C ALA D 151 54.05 -0.15 2.75
N VAL D 152 53.77 -1.08 3.66
CA VAL D 152 52.97 -0.75 4.84
C VAL D 152 53.70 0.24 5.73
N SER D 153 55.03 0.09 5.85
CA SER D 153 55.81 1.07 6.59
C SER D 153 55.75 2.43 5.93
N GLN D 154 55.80 2.47 4.59
CA GLN D 154 55.67 3.72 3.87
C GLN D 154 54.22 4.23 3.83
N ALA D 155 53.27 3.43 4.31
CA ALA D 155 51.86 3.83 4.31
C ALA D 155 51.60 4.79 5.47
N THR D 156 50.33 5.04 5.76
CA THR D 156 49.95 6.01 6.79
C THR D 156 50.18 5.48 8.19
N GLY D 157 51.46 5.32 8.57
CA GLY D 157 51.79 4.94 9.93
C GLY D 157 51.41 3.54 10.33
N LEU D 158 51.26 2.63 9.38
CA LEU D 158 50.90 1.26 9.70
C LEU D 158 52.17 0.46 9.99
N PRO D 159 52.34 -0.06 11.21
CA PRO D 159 53.51 -0.88 11.50
C PRO D 159 53.50 -2.18 10.72
N SER D 160 54.68 -2.67 10.40
CA SER D 160 54.85 -3.89 9.62
C SER D 160 55.89 -4.78 10.27
N VAL D 161 55.71 -6.09 10.07
CA VAL D 161 56.65 -7.08 10.60
C VAL D 161 56.55 -8.33 9.72
N ALA D 162 57.69 -8.99 9.52
CA ALA D 162 57.74 -10.19 8.69
C ALA D 162 58.95 -11.02 9.10
N LEU D 163 58.73 -12.31 9.35
CA LEU D 163 59.80 -13.21 9.73
C LEU D 163 60.67 -13.53 8.52
N PRO D 164 61.75 -14.30 8.70
CA PRO D 164 62.59 -14.65 7.54
C PRO D 164 61.83 -15.40 6.46
N ARG D 165 60.84 -16.21 6.84
CA ARG D 165 59.99 -16.95 5.91
C ARG D 165 58.53 -16.78 6.29
N GLY D 166 58.13 -15.53 6.51
CA GLY D 166 56.80 -15.19 6.98
C GLY D 166 55.65 -15.83 6.24
N VAL D 167 55.88 -16.26 5.00
CA VAL D 167 54.85 -16.98 4.26
C VAL D 167 54.49 -18.28 4.96
N SER D 168 55.51 -19.01 5.44
CA SER D 168 55.31 -20.26 6.16
C SER D 168 56.21 -20.32 7.38
N CYS D 169 56.29 -19.21 8.12
CA CYS D 169 57.13 -19.14 9.30
C CYS D 169 56.42 -19.75 10.50
N LEU D 170 57.19 -20.03 11.54
CA LEU D 170 56.64 -20.59 12.78
C LEU D 170 55.88 -19.52 13.54
N PRO D 171 54.61 -19.71 13.86
CA PRO D 171 53.85 -18.69 14.57
C PRO D 171 54.21 -18.67 16.04
N PRO D 172 54.54 -19.82 16.62
CA PRO D 172 54.87 -19.87 18.05
C PRO D 172 56.31 -19.53 18.39
N MET D 173 57.15 -19.21 17.39
CA MET D 173 58.53 -18.86 17.68
C MET D 173 58.62 -17.57 18.48
N LEU D 174 57.81 -16.57 18.12
CA LEU D 174 57.79 -15.27 18.79
C LEU D 174 56.36 -14.88 19.13
N LEU D 175 55.61 -15.82 19.71
CA LEU D 175 54.22 -15.56 20.06
C LEU D 175 54.07 -14.43 21.06
N PRO D 176 54.87 -14.35 22.12
CA PRO D 176 54.74 -13.20 23.05
C PRO D 176 55.01 -11.86 22.39
N TYR D 177 55.93 -11.81 21.42
CA TYR D 177 56.20 -10.55 20.73
C TYR D 177 54.98 -10.05 19.98
N LEU D 178 54.27 -10.95 19.30
CA LEU D 178 53.04 -10.56 18.61
C LEU D 178 51.91 -10.28 19.60
N GLU D 179 51.87 -11.00 20.71
CA GLU D 179 50.84 -10.81 21.72
C GLU D 179 51.05 -9.55 22.57
N GLN D 180 52.23 -8.94 22.47
CA GLN D 180 52.47 -7.69 23.22
C GLN D 180 51.52 -6.59 22.75
N PHE D 181 51.28 -6.50 21.46
CA PHE D 181 50.35 -5.50 20.93
C PHE D 181 48.91 -5.91 21.24
N LYS D 182 47.98 -5.05 20.85
CA LYS D 182 46.55 -5.26 21.11
C LYS D 182 45.77 -5.60 19.85
N ARG D 183 45.85 -4.75 18.82
CA ARG D 183 45.15 -4.97 17.57
C ARG D 183 46.17 -5.14 16.44
N VAL D 184 46.01 -6.22 15.67
CA VAL D 184 46.91 -6.54 14.57
C VAL D 184 46.07 -6.76 13.32
N THR D 185 46.52 -6.19 12.21
CA THR D 185 45.83 -6.33 10.92
C THR D 185 46.58 -7.33 10.06
N LEU D 186 45.86 -8.34 9.59
CA LEU D 186 46.46 -9.36 8.73
C LEU D 186 46.54 -8.85 7.30
N TRP D 187 47.72 -8.95 6.69
CA TRP D 187 47.98 -8.48 5.34
C TRP D 187 48.69 -9.56 4.53
N LEU D 188 48.19 -10.79 4.61
CA LEU D 188 48.78 -11.89 3.87
C LEU D 188 48.43 -11.79 2.39
N GLY D 189 48.87 -12.79 1.63
CA GLY D 189 48.61 -12.83 0.20
C GLY D 189 47.13 -12.86 -0.14
N HIS D 190 46.72 -12.00 -1.08
CA HIS D 190 45.32 -11.93 -1.48
C HIS D 190 44.91 -13.07 -2.42
N ASP D 191 45.88 -13.79 -2.98
CA ASP D 191 45.59 -14.86 -3.92
C ASP D 191 45.13 -16.10 -3.16
N ILE D 192 44.90 -17.19 -3.89
CA ILE D 192 44.45 -18.43 -3.28
C ILE D 192 45.58 -19.05 -2.46
N ARG D 193 45.21 -20.01 -1.62
CA ARG D 193 46.09 -20.75 -0.72
C ARG D 193 46.74 -19.88 0.34
N SER D 194 46.43 -18.59 0.39
CA SER D 194 46.96 -17.68 1.39
C SER D 194 45.89 -16.98 2.20
N TRP D 195 44.80 -16.55 1.56
CA TRP D 195 43.73 -15.88 2.29
C TRP D 195 43.05 -16.84 3.27
N GLU D 196 42.79 -18.07 2.84
CA GLU D 196 42.18 -19.04 3.74
C GLU D 196 43.11 -19.36 4.91
N ALA D 197 44.40 -19.56 4.63
CA ALA D 197 45.36 -19.84 5.69
C ALA D 197 45.43 -18.69 6.68
N SER D 198 45.31 -17.45 6.18
CA SER D 198 45.26 -16.29 7.07
C SER D 198 44.12 -16.42 8.06
N LYS D 199 42.98 -16.98 7.62
CA LYS D 199 41.83 -17.21 8.54
C LYS D 199 42.26 -18.20 9.62
N ILE D 200 43.01 -19.23 9.26
CA ILE D 200 43.59 -20.12 10.27
C ILE D 200 44.56 -19.36 11.15
N PHE D 201 45.32 -18.42 10.55
CA PHE D 201 46.22 -17.59 11.32
C PHE D 201 45.47 -16.76 12.37
N SER D 202 44.19 -16.48 12.11
CA SER D 202 43.38 -15.78 13.11
C SER D 202 43.28 -16.59 14.39
N ARG D 203 43.23 -17.91 14.28
CA ARG D 203 43.26 -18.76 15.47
C ARG D 203 44.67 -18.82 16.07
N LYS D 204 45.70 -18.62 15.24
CA LYS D 204 47.07 -18.65 15.75
C LYS D 204 47.32 -17.50 16.72
N LEU D 205 46.84 -16.31 16.39
CA LEU D 205 47.02 -15.14 17.24
C LEU D 205 45.92 -15.10 18.30
N GLY D 206 45.89 -14.03 19.09
CA GLY D 206 44.86 -13.91 20.12
C GLY D 206 43.48 -13.74 19.50
N LEU D 207 42.53 -14.55 19.96
CA LEU D 207 41.17 -14.46 19.46
C LEU D 207 40.54 -13.14 19.87
N ARG D 208 39.70 -12.59 18.99
CA ARG D 208 39.04 -11.30 19.20
C ARG D 208 40.05 -10.17 19.40
N ARG D 209 41.25 -10.33 18.82
CA ARG D 209 42.29 -9.31 18.96
C ARG D 209 43.04 -9.08 17.65
N CYS D 210 42.44 -9.45 16.51
CA CYS D 210 43.10 -9.28 15.23
C CYS D 210 42.05 -9.11 14.14
N SER D 211 42.48 -8.56 13.00
CA SER D 211 41.61 -8.33 11.87
C SER D 211 42.30 -8.82 10.60
N LEU D 212 41.54 -9.49 9.73
CA LEU D 212 42.06 -10.02 8.48
C LEU D 212 41.87 -8.99 7.37
N VAL D 213 42.12 -9.39 6.14
CA VAL D 213 41.95 -8.53 4.97
C VAL D 213 41.27 -9.35 3.88
N ARG D 214 40.03 -9.00 3.54
CA ARG D 214 39.26 -9.71 2.51
C ARG D 214 38.70 -8.72 1.49
N PRO D 215 39.51 -7.79 1.00
CA PRO D 215 39.02 -6.81 0.03
C PRO D 215 39.16 -7.30 -1.40
N GLY D 216 38.68 -6.50 -2.36
CA GLY D 216 38.81 -6.82 -3.76
C GLY D 216 40.13 -6.48 -4.39
N GLU D 217 41.05 -5.90 -3.63
CA GLU D 217 42.37 -5.54 -4.11
C GLU D 217 43.41 -6.49 -3.57
N ASP D 218 44.64 -6.36 -4.09
CA ASP D 218 45.74 -7.21 -3.68
C ASP D 218 46.33 -6.69 -2.36
N ARG D 219 47.52 -7.19 -2.01
CA ARG D 219 48.16 -6.81 -0.77
C ARG D 219 48.55 -5.33 -0.79
N PRO D 220 49.06 -4.81 0.33
CA PRO D 220 49.40 -3.38 0.39
C PRO D 220 50.43 -2.95 -0.64
N CYS D 221 51.39 -3.81 -0.98
CA CYS D 221 52.38 -3.44 -1.98
C CYS D 221 51.76 -3.18 -3.35
N PRO D 222 50.94 -4.07 -3.90
CA PRO D 222 50.28 -3.75 -5.18
C PRO D 222 49.34 -2.56 -5.09
N LEU D 223 48.69 -2.36 -3.94
CA LEU D 223 47.83 -1.19 -3.78
C LEU D 223 48.62 0.10 -3.86
N GLU D 224 49.78 0.14 -3.19
CA GLU D 224 50.65 1.31 -3.28
C GLU D 224 51.22 1.47 -4.69
N ALA D 225 51.52 0.36 -5.37
CA ALA D 225 52.00 0.44 -6.74
C ALA D 225 50.95 1.04 -7.66
N LEU D 226 49.68 0.67 -7.47
CA LEU D 226 48.58 1.18 -8.28
C LEU D 226 47.99 2.47 -7.73
N ALA D 227 48.71 3.15 -6.84
CA ALA D 227 48.27 4.42 -6.25
C ALA D 227 46.91 4.27 -5.57
N ARG D 228 46.71 3.14 -4.88
CA ARG D 228 45.48 2.85 -4.15
C ARG D 228 45.74 2.84 -2.65
N GLY D 229 46.60 3.75 -2.17
CA GLY D 229 46.93 3.78 -0.76
C GLY D 229 45.74 4.14 0.12
N LYS D 230 44.96 5.14 -0.31
CA LYS D 230 43.80 5.55 0.48
C LYS D 230 42.75 4.43 0.54
N ASN D 231 42.49 3.78 -0.60
CA ASN D 231 41.53 2.67 -0.61
C ASN D 231 42.02 1.52 0.24
N LEU D 232 43.31 1.19 0.17
CA LEU D 232 43.86 0.12 0.99
C LEU D 232 43.76 0.45 2.47
N SER D 233 44.06 1.70 2.85
CA SER D 233 43.94 2.10 4.24
C SER D 233 42.49 2.02 4.71
N ARG D 234 41.54 2.47 3.87
CA ARG D 234 40.13 2.38 4.23
C ARG D 234 39.69 0.94 4.40
N ILE D 235 40.13 0.05 3.51
CA ILE D 235 39.77 -1.36 3.62
C ILE D 235 40.35 -1.97 4.88
N ILE D 236 41.62 -1.68 5.17
CA ILE D 236 42.26 -2.19 6.38
C ILE D 236 41.62 -1.60 7.64
N LYS D 237 41.02 -0.42 7.54
CA LYS D 237 40.39 0.20 8.70
C LYS D 237 39.02 -0.39 9.02
N THR D 238 38.46 -1.23 8.14
CA THR D 238 37.16 -1.87 8.35
C THR D 238 37.32 -3.37 8.14
N SER D 239 37.73 -4.08 9.18
CA SER D 239 37.81 -5.54 9.15
C SER D 239 37.35 -6.22 10.42
N ILE D 240 37.10 -5.48 11.50
CA ILE D 240 36.70 -6.04 12.78
C ILE D 240 35.30 -6.64 12.65
N PRO D 241 34.94 -7.65 13.47
CA PRO D 241 35.76 -8.26 14.52
C PRO D 241 36.65 -9.38 14.01
N ALA D 242 37.13 -10.23 14.92
CA ALA D 242 37.95 -11.37 14.50
C ALA D 242 37.17 -12.30 13.59
N ALA D 243 36.13 -12.94 14.13
CA ALA D 243 35.19 -13.70 13.30
C ALA D 243 33.80 -13.10 13.32
N HIS D 244 33.15 -13.04 14.47
CA HIS D 244 31.87 -12.34 14.68
C HIS D 244 31.49 -12.59 16.13
N LYS D 245 30.41 -11.94 16.58
CA LYS D 245 29.80 -12.23 17.87
C LYS D 245 28.73 -13.31 17.78
N SER D 246 28.83 -14.21 16.81
CA SER D 246 27.88 -15.30 16.64
C SER D 246 28.36 -16.55 17.36
N ILE D 247 27.40 -17.35 17.81
CA ILE D 247 27.72 -18.58 18.54
C ILE D 247 28.32 -19.58 17.56
N VAL D 248 29.61 -19.85 17.72
CA VAL D 248 30.32 -20.86 16.94
C VAL D 248 29.81 -22.23 17.40
N SER D 249 30.22 -23.29 16.72
CA SER D 249 29.66 -24.62 16.95
C SER D 249 30.17 -25.21 18.27
N PHE D 250 30.00 -26.52 18.43
CA PHE D 250 30.10 -27.23 19.70
C PHE D 250 31.26 -26.80 20.59
N LYS D 251 32.32 -26.25 20.00
CA LYS D 251 33.43 -25.69 20.77
C LYS D 251 32.95 -24.88 21.98
N GLN D 252 31.95 -24.03 21.78
CA GLN D 252 31.40 -23.21 22.85
C GLN D 252 30.05 -23.73 23.36
N LEU D 253 29.62 -24.91 22.92
CA LEU D 253 28.35 -25.47 23.36
C LEU D 253 28.45 -26.91 23.86
N ARG D 254 29.64 -27.51 23.86
CA ARG D 254 29.77 -28.91 24.26
C ARG D 254 29.37 -29.11 25.71
N GLU D 255 29.84 -28.24 26.59
CA GLU D 255 29.56 -28.40 28.02
C GLU D 255 28.07 -28.27 28.32
N ASP D 256 27.40 -27.32 27.67
CA ASP D 256 25.97 -27.14 27.91
C ASP D 256 25.17 -28.37 27.44
N VAL D 257 25.51 -28.90 26.27
CA VAL D 257 24.83 -30.09 25.77
C VAL D 257 25.07 -31.28 26.69
N TYR D 258 26.31 -31.45 27.14
CA TYR D 258 26.61 -32.55 28.06
C TYR D 258 25.85 -32.41 29.36
N GLY D 259 25.79 -31.19 29.91
CA GLY D 259 25.05 -30.97 31.14
C GLY D 259 23.56 -31.25 30.97
N GLU D 260 22.98 -30.80 29.86
CA GLU D 260 21.57 -31.07 29.61
C GLU D 260 21.31 -32.56 29.45
N LEU D 261 22.22 -33.28 28.79
CA LEU D 261 22.06 -34.72 28.63
C LEU D 261 22.22 -35.44 29.97
N LEU D 262 23.01 -34.89 30.89
CA LEU D 262 23.18 -35.51 32.19
C LEU D 262 21.85 -35.58 32.94
N ASN D 263 21.26 -34.44 33.26
CA ASN D 263 20.02 -34.38 34.02
C ASN D 263 18.81 -34.47 33.08
N THR D 264 18.63 -35.66 32.52
CA THR D 264 17.52 -35.90 31.60
C THR D 264 16.18 -35.75 32.31
N GLU D 265 16.11 -36.23 33.55
CA GLU D 265 14.89 -36.16 34.33
C GLU D 265 14.61 -34.76 34.87
N GLN D 266 15.57 -33.84 34.76
CA GLN D 266 15.39 -32.47 35.22
C GLN D 266 14.77 -31.56 34.17
N VAL D 267 14.96 -31.86 32.88
CA VAL D 267 14.35 -31.04 31.83
C VAL D 267 12.83 -31.11 31.93
N ALA D 268 12.29 -32.31 32.11
CA ALA D 268 10.89 -32.48 32.45
C ALA D 268 10.74 -32.30 33.95
N GLY D 269 10.12 -31.20 34.36
CA GLY D 269 10.12 -30.81 35.75
C GLY D 269 9.11 -31.52 36.62
N VAL D 270 8.37 -30.76 37.43
CA VAL D 270 7.46 -31.37 38.39
C VAL D 270 6.35 -32.10 37.66
N LYS D 271 6.11 -33.34 38.07
CA LYS D 271 5.02 -34.14 37.52
C LYS D 271 3.73 -33.85 38.29
N TRP D 272 2.67 -34.57 37.94
CA TRP D 272 1.38 -34.40 38.58
C TRP D 272 1.05 -35.61 39.44
N THR D 273 0.36 -35.35 40.54
CA THR D 273 -0.01 -36.39 41.50
C THR D 273 -1.45 -36.85 41.32
N ARG D 274 -2.39 -35.92 41.16
CA ARG D 274 -3.80 -36.27 40.97
C ARG D 274 -4.16 -36.51 39.51
N PHE D 275 -3.23 -36.34 38.59
CA PHE D 275 -3.49 -36.50 37.16
C PHE D 275 -2.44 -37.43 36.56
N PRO D 276 -2.64 -38.75 36.68
CA PRO D 276 -1.68 -39.67 36.07
C PRO D 276 -1.60 -39.57 34.56
N GLU D 277 -2.71 -39.22 33.89
CA GLU D 277 -2.71 -39.16 32.44
C GLU D 277 -1.79 -38.07 31.92
N LEU D 278 -1.75 -36.91 32.58
CA LEU D 278 -0.87 -35.84 32.14
C LEU D 278 0.61 -36.17 32.30
N ASN D 279 0.94 -37.22 33.05
CA ASN D 279 2.33 -37.63 33.19
C ASN D 279 2.84 -38.40 32.00
N ARG D 280 1.95 -38.88 31.13
CA ARG D 280 2.34 -39.65 29.95
C ARG D 280 2.04 -38.93 28.65
N ILE D 281 1.58 -37.68 28.71
CA ILE D 281 1.26 -36.92 27.50
C ILE D 281 2.17 -35.70 27.43
N LEU D 282 2.10 -34.83 28.42
CA LEU D 282 2.97 -33.67 28.51
C LEU D 282 4.32 -33.99 29.15
N LYS D 283 4.48 -35.19 29.70
CA LYS D 283 5.70 -35.64 30.35
C LYS D 283 6.10 -34.78 31.54
N GLY D 284 5.15 -34.03 32.11
CA GLY D 284 5.40 -33.22 33.27
C GLY D 284 5.18 -31.76 32.97
N HIS D 285 5.70 -30.91 33.86
CA HIS D 285 5.60 -29.47 33.75
C HIS D 285 6.99 -28.87 33.64
N ARG D 286 7.26 -28.17 32.54
CA ARG D 286 8.57 -27.61 32.26
C ARG D 286 8.50 -26.10 32.32
N LYS D 287 9.49 -25.49 32.97
CA LYS D 287 9.55 -24.04 33.04
C LYS D 287 9.97 -23.44 31.71
N GLY D 288 9.58 -22.20 31.49
CA GLY D 288 9.96 -21.49 30.28
C GLY D 288 9.07 -21.74 29.08
N GLU D 289 7.91 -22.35 29.25
CA GLU D 289 6.99 -22.63 28.16
C GLU D 289 5.70 -21.84 28.36
N LEU D 290 5.16 -21.32 27.26
CA LEU D 290 3.90 -20.59 27.28
C LEU D 290 2.81 -21.50 26.75
N THR D 291 1.75 -21.68 27.55
CA THR D 291 0.65 -22.57 27.21
C THR D 291 -0.66 -21.79 27.14
N VAL D 292 -1.57 -22.26 26.31
CA VAL D 292 -2.88 -21.64 26.12
C VAL D 292 -3.96 -22.66 26.45
N PHE D 293 -5.03 -22.19 27.09
CA PHE D 293 -6.15 -23.03 27.48
C PHE D 293 -7.42 -22.49 26.85
N THR D 294 -8.29 -23.39 26.42
CA THR D 294 -9.55 -22.99 25.80
C THR D 294 -10.55 -24.12 25.93
N GLY D 295 -11.82 -23.77 25.77
CA GLY D 295 -12.90 -24.72 25.84
C GLY D 295 -14.25 -24.07 25.66
N PRO D 296 -15.30 -24.88 25.55
CA PRO D 296 -16.64 -24.32 25.38
C PRO D 296 -17.05 -23.50 26.60
N THR D 297 -17.89 -22.49 26.35
CA THR D 297 -18.32 -21.60 27.41
C THR D 297 -19.11 -22.37 28.47
N GLY D 298 -18.83 -22.09 29.73
CA GLY D 298 -19.51 -22.77 30.82
C GLY D 298 -19.23 -24.26 30.91
N SER D 299 -17.99 -24.66 30.62
CA SER D 299 -17.59 -26.05 30.69
C SER D 299 -16.74 -26.37 31.92
N GLY D 300 -16.20 -25.36 32.59
CA GLY D 300 -15.40 -25.59 33.76
C GLY D 300 -13.92 -25.36 33.55
N LYS D 301 -13.58 -24.39 32.69
CA LYS D 301 -12.18 -24.10 32.44
C LYS D 301 -11.48 -23.62 33.69
N THR D 302 -12.11 -22.71 34.44
CA THR D 302 -11.50 -22.20 35.66
C THR D 302 -11.35 -23.28 36.72
N THR D 303 -12.35 -24.16 36.85
CA THR D 303 -12.28 -25.21 37.86
C THR D 303 -11.14 -26.17 37.57
N PHE D 304 -10.95 -26.56 36.31
CA PHE D 304 -9.89 -27.50 35.98
C PHE D 304 -8.51 -26.90 36.18
N ILE D 305 -8.31 -25.68 35.69
CA ILE D 305 -6.99 -25.05 35.82
C ILE D 305 -6.67 -24.79 37.28
N SER D 306 -7.70 -24.50 38.08
CA SER D 306 -7.49 -24.34 39.52
C SER D 306 -6.98 -25.64 40.13
N GLU D 307 -7.56 -26.78 39.75
CA GLU D 307 -7.10 -28.06 40.27
C GLU D 307 -5.68 -28.35 39.82
N VAL D 308 -5.35 -28.05 38.56
CA VAL D 308 -4.00 -28.29 38.07
C VAL D 308 -2.99 -27.43 38.84
N ALA D 309 -3.31 -26.16 39.04
CA ALA D 309 -2.41 -25.27 39.77
C ALA D 309 -2.26 -25.71 41.22
N LEU D 310 -3.35 -26.16 41.85
CA LEU D 310 -3.27 -26.66 43.21
C LEU D 310 -2.39 -27.91 43.29
N ASP D 311 -2.53 -28.81 42.31
CA ASP D 311 -1.70 -30.01 42.30
C ASP D 311 -0.22 -29.66 42.12
N LEU D 312 0.08 -28.71 41.24
CA LEU D 312 1.48 -28.34 41.01
C LEU D 312 2.09 -27.55 42.16
N CYS D 313 1.29 -26.71 42.84
CA CYS D 313 1.82 -25.85 43.90
C CYS D 313 2.19 -26.63 45.16
N ILE D 314 1.72 -27.86 45.30
CA ILE D 314 1.95 -28.60 46.54
C ILE D 314 3.44 -28.83 46.77
N GLN D 315 4.14 -29.35 45.74
CA GLN D 315 5.52 -29.76 45.94
C GLN D 315 6.50 -28.60 45.85
N GLY D 316 6.65 -28.02 44.65
CA GLY D 316 7.65 -26.99 44.45
C GLY D 316 7.18 -25.70 43.82
N VAL D 317 6.08 -25.76 43.07
CA VAL D 317 5.72 -24.65 42.18
C VAL D 317 5.13 -23.51 43.00
N ASN D 318 5.66 -22.31 42.78
CA ASN D 318 5.09 -21.09 43.35
C ASN D 318 4.22 -20.42 42.28
N THR D 319 2.94 -20.29 42.55
CA THR D 319 1.98 -19.87 41.54
C THR D 319 1.44 -18.48 41.84
N LEU D 320 1.00 -17.80 40.78
CA LEU D 320 0.34 -16.51 40.88
C LEU D 320 -0.92 -16.55 40.03
N TRP D 321 -2.02 -16.04 40.57
CA TRP D 321 -3.33 -16.13 39.95
C TRP D 321 -3.79 -14.75 39.50
N GLY D 322 -4.23 -14.65 38.24
CA GLY D 322 -4.88 -13.45 37.76
C GLY D 322 -6.38 -13.65 37.68
N SER D 323 -7.11 -13.10 38.65
CA SER D 323 -8.55 -13.33 38.77
C SER D 323 -9.28 -12.18 38.07
N PHE D 324 -9.39 -12.29 36.75
CA PHE D 324 -10.02 -11.26 35.94
C PHE D 324 -11.51 -11.50 35.71
N GLN D 325 -12.04 -12.64 36.14
CA GLN D 325 -13.46 -12.94 35.99
C GLN D 325 -14.15 -13.26 37.31
N ILE D 326 -13.48 -13.99 38.19
CA ILE D 326 -14.02 -14.37 39.49
C ILE D 326 -13.28 -13.59 40.56
N ASN D 327 -14.02 -12.99 41.48
CA ASN D 327 -13.40 -12.22 42.54
C ASN D 327 -12.54 -13.12 43.43
N ASN D 328 -11.54 -12.52 44.06
CA ASN D 328 -10.53 -13.26 44.81
C ASN D 328 -11.09 -13.98 46.03
N VAL D 329 -12.38 -13.87 46.32
CA VAL D 329 -12.99 -14.56 47.44
C VAL D 329 -13.63 -15.87 47.00
N ARG D 330 -14.42 -15.84 45.92
CA ARG D 330 -15.04 -17.07 45.43
C ARG D 330 -14.00 -18.06 44.91
N LEU D 331 -12.98 -17.56 44.22
CA LEU D 331 -11.90 -18.43 43.75
C LEU D 331 -11.16 -19.07 44.92
N ALA D 332 -10.88 -18.27 45.96
CA ALA D 332 -10.22 -18.81 47.14
C ALA D 332 -11.09 -19.88 47.80
N LYS D 333 -12.39 -19.63 47.90
CA LYS D 333 -13.29 -20.61 48.49
C LYS D 333 -13.30 -21.90 47.69
N ILE D 334 -13.37 -21.80 46.36
CA ILE D 334 -13.41 -22.98 45.51
C ILE D 334 -12.11 -23.77 45.64
N MET D 335 -10.98 -23.08 45.64
CA MET D 335 -9.70 -23.78 45.72
C MET D 335 -9.49 -24.40 47.09
N LEU D 336 -9.94 -23.73 48.16
CA LEU D 336 -9.90 -24.33 49.48
C LEU D 336 -10.78 -25.56 49.56
N THR D 337 -11.98 -25.51 48.94
CA THR D 337 -12.84 -26.69 48.93
C THR D 337 -12.18 -27.84 48.18
N GLN D 338 -11.53 -27.55 47.05
CA GLN D 338 -10.82 -28.59 46.31
C GLN D 338 -9.69 -29.18 47.14
N PHE D 339 -8.95 -28.34 47.86
CA PHE D 339 -7.85 -28.83 48.68
C PHE D 339 -8.37 -29.65 49.87
N ALA D 340 -9.53 -29.30 50.40
CA ALA D 340 -10.05 -29.98 51.59
C ALA D 340 -10.61 -31.36 51.28
N MET D 341 -10.81 -31.69 50.00
CA MET D 341 -11.33 -32.99 49.58
C MET D 341 -12.72 -33.27 50.12
N GLN D 342 -13.41 -32.25 50.61
CA GLN D 342 -14.75 -32.43 51.17
C GLN D 342 -15.45 -31.08 51.21
N ARG D 343 -16.77 -31.14 51.41
CA ARG D 343 -17.59 -29.93 51.53
C ARG D 343 -17.24 -29.27 52.85
N LEU D 344 -16.45 -28.19 52.78
CA LEU D 344 -16.03 -27.50 54.00
C LEU D 344 -17.17 -26.82 54.73
N GLU D 345 -18.27 -26.53 54.03
CA GLU D 345 -19.42 -25.91 54.68
C GLU D 345 -20.09 -26.85 55.66
N GLU D 346 -19.96 -28.16 55.47
CA GLU D 346 -20.61 -29.11 56.37
C GLU D 346 -20.03 -29.02 57.78
N ASN D 347 -18.72 -28.89 57.90
CA ASN D 347 -18.04 -28.90 59.19
C ASN D 347 -17.12 -27.68 59.27
N LEU D 348 -17.60 -26.61 59.91
CA LEU D 348 -16.78 -25.43 60.15
C LEU D 348 -15.79 -25.63 61.29
N GLU D 349 -15.98 -26.66 62.12
CA GLU D 349 -15.04 -26.91 63.21
C GLU D 349 -13.66 -27.32 62.68
N GLN D 350 -13.62 -28.01 61.55
CA GLN D 350 -12.38 -28.39 60.91
C GLN D 350 -11.82 -27.30 60.01
N TYR D 351 -12.53 -26.17 59.88
CA TYR D 351 -12.06 -25.10 58.99
C TYR D 351 -10.73 -24.54 59.46
N ASP D 352 -10.57 -24.36 60.77
CA ASP D 352 -9.33 -23.77 61.28
C ASP D 352 -8.12 -24.64 60.96
N PHE D 353 -8.25 -25.95 61.15
CA PHE D 353 -7.12 -26.86 60.92
C PHE D 353 -6.69 -26.84 59.46
N TRP D 354 -7.65 -26.97 58.54
CA TRP D 354 -7.27 -27.03 57.13
C TRP D 354 -6.85 -25.67 56.61
N ALA D 355 -7.41 -24.58 57.16
CA ALA D 355 -6.94 -23.26 56.81
C ALA D 355 -5.49 -23.05 57.24
N ASP D 356 -5.14 -23.50 58.45
CA ASP D 356 -3.76 -23.41 58.89
C ASP D 356 -2.84 -24.28 58.04
N LYS D 357 -3.31 -25.48 57.67
CA LYS D 357 -2.50 -26.37 56.85
C LYS D 357 -2.28 -25.79 55.46
N PHE D 358 -3.28 -25.14 54.89
CA PHE D 358 -3.22 -24.56 53.56
C PHE D 358 -2.58 -23.18 53.55
N GLU D 359 -2.36 -22.60 54.73
CA GLU D 359 -1.84 -21.24 54.82
C GLU D 359 -0.40 -21.14 54.34
N GLU D 360 0.42 -22.16 54.57
CA GLU D 360 1.85 -22.08 54.29
C GLU D 360 2.21 -22.40 52.84
N LEU D 361 1.24 -22.73 51.99
CA LEU D 361 1.54 -23.01 50.60
C LEU D 361 1.97 -21.73 49.88
N PRO D 362 2.90 -21.84 48.92
CA PRO D 362 3.34 -20.64 48.19
C PRO D 362 2.29 -20.16 47.21
N LEU D 363 1.31 -19.42 47.71
CA LEU D 363 0.16 -18.97 46.92
C LEU D 363 0.04 -17.46 46.99
N TYR D 364 -0.17 -16.84 45.83
CA TYR D 364 -0.34 -15.39 45.75
C TYR D 364 -1.39 -15.07 44.71
N PHE D 365 -2.01 -13.89 44.86
CA PHE D 365 -3.08 -13.46 43.98
C PHE D 365 -2.85 -12.02 43.56
N MET D 366 -3.57 -11.61 42.53
CA MET D 366 -3.54 -10.24 42.03
C MET D 366 -4.88 -9.57 42.26
N THR D 367 -4.86 -8.32 42.73
CA THR D 367 -6.06 -7.62 43.13
C THR D 367 -6.90 -7.14 41.95
N PHE D 368 -6.37 -7.22 40.72
CA PHE D 368 -7.10 -6.72 39.57
C PHE D 368 -8.34 -7.57 39.30
N HIS D 369 -9.48 -6.90 39.10
CA HIS D 369 -10.72 -7.57 38.74
C HIS D 369 -11.34 -7.09 37.44
N GLY D 370 -11.02 -5.88 36.98
CA GLY D 370 -11.60 -5.36 35.75
C GLY D 370 -10.60 -5.27 34.63
N GLN D 371 -10.97 -4.57 33.56
CA GLN D 371 -10.07 -4.42 32.41
C GLN D 371 -8.84 -3.61 32.81
N GLN D 372 -7.67 -4.09 32.39
CA GLN D 372 -6.40 -3.43 32.67
C GLN D 372 -5.50 -3.51 31.45
N ASN D 373 -4.64 -2.51 31.30
CA ASN D 373 -3.70 -2.50 30.19
C ASN D 373 -2.54 -3.44 30.47
N ILE D 374 -1.84 -3.83 29.39
CA ILE D 374 -0.73 -4.78 29.51
C ILE D 374 0.46 -4.17 30.25
N LYS D 375 0.55 -2.84 30.31
CA LYS D 375 1.71 -2.21 30.94
C LYS D 375 1.67 -2.29 32.46
N THR D 376 0.51 -2.45 33.07
CA THR D 376 0.39 -2.52 34.52
C THR D 376 0.43 -3.95 35.04
N VAL D 377 -0.23 -4.90 34.35
CA VAL D 377 -0.22 -6.28 34.81
C VAL D 377 1.17 -6.88 34.67
N LEU D 378 1.90 -6.52 33.61
CA LEU D 378 3.23 -7.08 33.41
C LEU D 378 4.20 -6.58 34.48
N ASP D 379 4.03 -5.33 34.92
CA ASP D 379 4.91 -4.79 35.96
C ASP D 379 4.74 -5.55 37.27
N THR D 380 3.50 -5.84 37.65
CA THR D 380 3.26 -6.56 38.90
C THR D 380 3.85 -7.96 38.85
N MET D 381 3.71 -8.65 37.71
CA MET D 381 4.29 -9.98 37.58
C MET D 381 5.81 -9.93 37.66
N GLN D 382 6.43 -8.94 37.00
CA GLN D 382 7.88 -8.82 37.05
C GLN D 382 8.36 -8.57 38.48
N HIS D 383 7.69 -7.66 39.18
CA HIS D 383 8.10 -7.35 40.55
C HIS D 383 7.86 -8.53 41.48
N ALA D 384 6.77 -9.27 41.27
CA ALA D 384 6.53 -10.46 42.09
C ALA D 384 7.55 -11.56 41.81
N VAL D 385 8.00 -11.68 40.56
CA VAL D 385 9.07 -12.62 40.25
C VAL D 385 10.35 -12.20 40.95
N TYR D 386 10.65 -10.90 40.97
CA TYR D 386 11.88 -10.41 41.57
C TYR D 386 11.96 -10.66 43.07
N LEU D 387 10.84 -10.91 43.75
CA LEU D 387 10.85 -11.11 45.20
C LEU D 387 10.41 -12.52 45.61
N TYR D 388 9.21 -12.94 45.19
CA TYR D 388 8.65 -14.20 45.65
C TYR D 388 9.19 -15.41 44.91
N ASP D 389 9.87 -15.21 43.78
CA ASP D 389 10.43 -16.29 42.98
C ASP D 389 9.36 -17.28 42.56
N ILE D 390 8.37 -16.79 41.83
CA ILE D 390 7.28 -17.59 41.32
C ILE D 390 7.64 -18.06 39.91
N ASN D 391 7.14 -19.24 39.54
CA ASN D 391 7.43 -19.83 38.24
C ASN D 391 6.17 -20.27 37.51
N HIS D 392 5.01 -19.76 37.91
CA HIS D 392 3.74 -20.15 37.29
C HIS D 392 2.75 -19.01 37.47
N VAL D 393 2.57 -18.21 36.43
CA VAL D 393 1.63 -17.10 36.44
C VAL D 393 0.45 -17.46 35.54
N ILE D 394 -0.76 -17.32 36.07
CA ILE D 394 -1.97 -17.71 35.37
C ILE D 394 -2.77 -16.45 35.05
N ILE D 395 -3.04 -16.21 33.78
CA ILE D 395 -3.89 -15.04 33.43
C ILE D 395 -5.25 -15.63 33.15
N ASP D 396 -6.33 -14.91 33.45
CA ASP D 396 -7.67 -15.42 33.09
C ASP D 396 -8.13 -14.71 31.83
N ASN D 397 -9.37 -14.94 31.42
CA ASN D 397 -9.88 -14.46 30.12
C ASN D 397 -9.03 -13.36 29.54
N LEU D 398 -8.10 -13.71 28.65
CA LEU D 398 -7.34 -12.67 27.97
C LEU D 398 -8.35 -11.66 27.41
N GLN D 399 -9.47 -12.11 26.85
CA GLN D 399 -10.36 -11.13 26.22
C GLN D 399 -10.90 -10.11 27.21
N PHE D 400 -10.92 -10.43 28.51
CA PHE D 400 -11.43 -9.48 29.49
C PHE D 400 -10.50 -8.27 29.61
N MET D 401 -9.20 -8.54 29.80
CA MET D 401 -8.24 -7.44 29.89
C MET D 401 -7.98 -6.83 28.51
N MET D 402 -8.04 -7.65 27.46
CA MET D 402 -7.82 -7.14 26.11
C MET D 402 -9.01 -6.30 25.64
N GLY D 403 -10.21 -6.63 26.09
CA GLY D 403 -11.41 -5.91 25.68
C GLY D 403 -11.38 -4.43 26.02
N GLN D 404 -11.27 -3.58 25.00
CA GLN D 404 -11.21 -2.14 25.21
C GLN D 404 -12.41 -1.45 24.57
N ILE D 409 -7.76 1.84 17.35
CA ILE D 409 -8.16 0.56 17.91
C ILE D 409 -7.45 -0.58 17.18
N ASP D 410 -7.93 -0.91 15.99
CA ASP D 410 -7.33 -1.95 15.14
C ASP D 410 -7.28 -3.30 15.88
N LYS D 411 -8.47 -3.81 16.14
CA LYS D 411 -8.59 -5.10 16.82
C LYS D 411 -7.94 -6.20 16.00
N TYR D 412 -7.75 -7.35 16.64
CA TYR D 412 -6.97 -8.49 16.12
C TYR D 412 -5.50 -8.14 15.91
N ALA D 413 -5.05 -7.03 16.43
CA ALA D 413 -3.65 -6.63 16.42
C ALA D 413 -3.12 -6.35 17.82
N VAL D 414 -3.94 -5.81 18.70
CA VAL D 414 -3.55 -5.65 20.10
C VAL D 414 -3.40 -7.02 20.76
N GLN D 415 -4.24 -7.98 20.36
CA GLN D 415 -4.13 -9.32 20.91
C GLN D 415 -2.80 -9.96 20.55
N ASP D 416 -2.36 -9.80 19.29
CA ASP D 416 -1.05 -10.30 18.90
C ASP D 416 0.06 -9.60 19.69
N HIS D 417 -0.11 -8.29 19.95
CA HIS D 417 0.89 -7.55 20.71
C HIS D 417 1.02 -8.10 22.12
N ILE D 418 -0.12 -8.33 22.79
CA ILE D 418 -0.05 -8.82 24.17
C ILE D 418 0.44 -10.27 24.20
N ILE D 419 0.10 -11.07 23.19
CA ILE D 419 0.64 -12.43 23.13
C ILE D 419 2.15 -12.40 22.96
N GLY D 420 2.65 -11.52 22.10
CA GLY D 420 4.09 -11.39 21.94
C GLY D 420 4.76 -10.91 23.22
N ALA D 421 4.13 -9.98 23.93
CA ALA D 421 4.69 -9.52 25.20
C ALA D 421 4.75 -10.65 26.22
N PHE D 422 3.69 -11.46 26.29
CA PHE D 422 3.69 -12.61 27.20
C PHE D 422 4.78 -13.60 26.83
N ARG D 423 4.94 -13.87 25.53
CA ARG D 423 5.99 -14.80 25.10
C ARG D 423 7.37 -14.27 25.44
N LYS D 424 7.60 -12.99 25.22
CA LYS D 424 8.89 -12.39 25.56
C LYS D 424 9.16 -12.47 27.05
N PHE D 425 8.15 -12.18 27.87
CA PHE D 425 8.32 -12.30 29.32
C PHE D 425 8.62 -13.74 29.72
N ALA D 426 7.92 -14.70 29.12
CA ALA D 426 8.14 -16.10 29.48
C ALA D 426 9.54 -16.55 29.10
N THR D 427 10.02 -16.16 27.92
CA THR D 427 11.33 -16.62 27.48
C THR D 427 12.45 -15.89 28.19
N ASN D 428 12.20 -14.67 28.66
CA ASN D 428 13.24 -13.90 29.34
C ASN D 428 13.27 -14.12 30.84
N THR D 429 12.32 -14.89 31.39
CA THR D 429 12.24 -15.11 32.82
C THR D 429 12.14 -16.59 33.20
N SER D 430 11.77 -17.47 32.26
CA SER D 430 11.61 -18.90 32.51
C SER D 430 10.52 -19.16 33.55
N CYS D 431 9.31 -18.72 33.22
CA CYS D 431 8.13 -18.96 34.02
C CYS D 431 7.02 -19.46 33.12
N HIS D 432 6.37 -20.56 33.53
CA HIS D 432 5.33 -21.18 32.72
C HIS D 432 4.07 -20.32 32.79
N VAL D 433 3.86 -19.50 31.77
CA VAL D 433 2.70 -18.61 31.71
C VAL D 433 1.54 -19.38 31.08
N THR D 434 0.41 -19.42 31.78
CA THR D 434 -0.78 -20.08 31.29
C THR D 434 -1.81 -19.03 30.90
N LEU D 435 -2.45 -19.24 29.75
CA LEU D 435 -3.41 -18.29 29.20
C LEU D 435 -4.72 -19.01 28.94
N ILE D 436 -5.83 -18.36 29.28
CA ILE D 436 -7.17 -18.88 29.04
C ILE D 436 -7.82 -17.98 28.01
N ILE D 437 -7.86 -18.43 26.75
CA ILE D 437 -8.44 -17.68 25.65
C ILE D 437 -9.76 -18.33 25.25
N HIS D 438 -10.82 -17.53 25.21
CA HIS D 438 -12.12 -18.05 24.81
C HIS D 438 -12.12 -18.38 23.32
N PRO D 439 -12.92 -19.35 22.90
CA PRO D 439 -12.99 -19.70 21.48
C PRO D 439 -14.03 -18.89 20.74
N ARG D 440 -13.95 -18.96 19.41
CA ARG D 440 -14.92 -18.29 18.56
C ARG D 440 -16.26 -19.01 18.61
N LYS D 441 -17.28 -18.36 18.05
CA LYS D 441 -18.64 -18.89 18.10
C LYS D 441 -18.77 -20.07 17.16
N GLU D 442 -18.92 -21.27 17.72
CA GLU D 442 -19.12 -22.48 16.94
C GLU D 442 -20.62 -22.72 16.78
N GLU D 443 -21.00 -23.90 16.32
CA GLU D 443 -22.39 -24.27 16.11
C GLU D 443 -22.89 -25.32 17.10
N ASP D 444 -22.14 -25.56 18.18
CA ASP D 444 -22.51 -26.39 19.33
C ASP D 444 -22.55 -27.87 19.02
N ASP D 445 -22.25 -28.29 17.79
CA ASP D 445 -22.21 -29.71 17.46
C ASP D 445 -20.89 -30.09 16.78
N ARG D 446 -19.87 -29.25 16.91
CA ARG D 446 -18.57 -29.48 16.30
C ARG D 446 -17.52 -29.48 17.39
N GLU D 447 -16.61 -30.46 17.33
CA GLU D 447 -15.50 -30.49 18.28
C GLU D 447 -14.59 -29.29 18.06
N LEU D 448 -14.17 -28.67 19.15
CA LEU D 448 -13.34 -27.48 19.08
C LEU D 448 -11.97 -27.84 18.53
N GLN D 449 -11.66 -27.36 17.32
CA GLN D 449 -10.36 -27.61 16.72
C GLN D 449 -9.31 -26.66 17.29
N THR D 450 -8.05 -26.93 16.96
CA THR D 450 -6.97 -26.04 17.36
C THR D 450 -7.00 -24.71 16.63
N ALA D 451 -7.81 -24.59 15.58
CA ALA D 451 -7.97 -23.35 14.84
C ALA D 451 -9.14 -22.51 15.33
N SER D 452 -9.80 -22.94 16.40
CA SER D 452 -10.95 -22.22 16.96
C SER D 452 -10.56 -21.16 17.97
N ILE D 453 -9.26 -20.93 18.17
CA ILE D 453 -8.82 -19.87 19.06
C ILE D 453 -9.26 -18.52 18.51
N PHE D 454 -9.93 -17.74 19.35
CA PHE D 454 -10.42 -16.43 18.92
C PHE D 454 -9.24 -15.52 18.62
N GLY D 455 -9.32 -14.80 17.50
CA GLY D 455 -8.28 -13.87 17.13
C GLY D 455 -7.40 -14.39 16.00
N SER D 456 -6.17 -13.91 15.93
CA SER D 456 -5.24 -14.35 14.90
C SER D 456 -4.68 -15.73 15.25
N ALA D 457 -3.87 -16.27 14.35
CA ALA D 457 -3.26 -17.57 14.58
C ALA D 457 -1.98 -17.49 15.41
N LYS D 458 -1.57 -16.29 15.82
CA LYS D 458 -0.33 -16.14 16.58
C LYS D 458 -0.39 -16.89 17.89
N ALA D 459 -1.58 -16.96 18.51
CA ALA D 459 -1.70 -17.61 19.81
C ALA D 459 -1.32 -19.08 19.75
N SER D 460 -1.80 -19.79 18.73
CA SER D 460 -1.48 -21.21 18.59
C SER D 460 -0.06 -21.41 18.05
N GLN D 461 0.43 -20.49 17.22
CA GLN D 461 1.77 -20.64 16.65
C GLN D 461 2.85 -20.47 17.71
N GLU D 462 2.66 -19.52 18.63
CA GLU D 462 3.69 -19.19 19.62
C GLU D 462 3.48 -19.92 20.94
N ALA D 463 2.51 -20.82 21.02
CA ALA D 463 2.28 -21.56 22.25
C ALA D 463 3.02 -22.90 22.21
N ASP D 464 3.31 -23.42 23.40
CA ASP D 464 3.96 -24.71 23.54
C ASP D 464 3.01 -25.82 23.96
N ASN D 465 1.88 -25.49 24.57
CA ASN D 465 0.86 -26.46 24.94
C ASN D 465 -0.51 -25.84 24.73
N VAL D 466 -1.39 -26.56 24.05
CA VAL D 466 -2.64 -26.00 23.58
C VAL D 466 -3.79 -26.83 24.16
N LEU D 467 -3.63 -27.27 25.40
CA LEU D 467 -4.66 -28.02 26.12
C LEU D 467 -6.04 -27.42 25.89
N ILE D 468 -6.95 -28.22 25.37
CA ILE D 468 -8.28 -27.76 24.96
C ILE D 468 -9.34 -28.70 25.51
N LEU D 469 -10.38 -28.13 26.09
CA LEU D 469 -11.49 -28.92 26.62
C LEU D 469 -12.49 -29.26 25.53
N GLN D 470 -13.25 -30.33 25.76
CA GLN D 470 -14.31 -30.75 24.86
C GLN D 470 -15.57 -31.01 25.68
N GLU D 471 -16.72 -30.72 25.09
CA GLU D 471 -18.00 -30.88 25.75
C GLU D 471 -18.91 -31.78 24.92
N LYS D 472 -19.60 -32.69 25.60
CA LYS D 472 -20.62 -33.54 24.99
C LYS D 472 -21.96 -33.06 25.53
N LYS D 473 -22.59 -32.15 24.77
CA LYS D 473 -23.79 -31.45 25.24
C LYS D 473 -24.96 -32.41 25.31
N LEU D 474 -25.34 -32.79 26.54
CA LEU D 474 -26.56 -33.54 26.77
C LEU D 474 -27.69 -32.57 27.10
N VAL D 475 -28.82 -33.09 27.56
CA VAL D 475 -29.98 -32.27 27.86
C VAL D 475 -30.05 -31.98 29.36
N THR D 476 -29.51 -32.88 30.17
CA THR D 476 -29.57 -32.75 31.62
C THR D 476 -28.27 -33.30 32.21
N CYS D 477 -27.43 -32.41 32.75
CA CYS D 477 -26.18 -32.77 33.40
C CYS D 477 -25.30 -33.58 32.45
N PRO D 478 -24.74 -32.94 31.42
CA PRO D 478 -23.96 -33.70 30.42
C PRO D 478 -22.76 -34.42 31.01
N GLY D 479 -21.84 -33.68 31.63
CA GLY D 479 -20.67 -34.29 32.19
C GLY D 479 -19.76 -34.89 31.12
N ARG D 480 -18.90 -35.80 31.57
CA ARG D 480 -17.98 -36.53 30.70
C ARG D 480 -17.13 -35.57 29.87
N ARG D 481 -16.49 -34.63 30.57
CA ARG D 481 -15.59 -33.69 29.92
C ARG D 481 -14.32 -34.39 29.48
N SER D 482 -13.85 -34.04 28.29
CA SER D 482 -12.64 -34.64 27.73
C SER D 482 -11.61 -33.55 27.45
N LEU D 483 -10.34 -33.89 27.66
CA LEU D 483 -9.24 -32.97 27.46
C LEU D 483 -8.33 -33.49 26.34
N GLN D 484 -8.01 -32.62 25.38
CA GLN D 484 -7.10 -32.95 24.31
C GLN D 484 -5.87 -32.06 24.38
N VAL D 485 -4.76 -32.58 23.89
CA VAL D 485 -3.50 -31.82 23.79
C VAL D 485 -3.12 -31.80 22.32
N THR D 486 -3.56 -30.78 21.61
CA THR D 486 -3.35 -30.73 20.16
C THR D 486 -1.90 -30.47 19.79
N LYS D 487 -1.16 -29.74 20.62
CA LYS D 487 0.23 -29.43 20.34
C LYS D 487 1.09 -29.69 21.58
N ASN D 488 2.34 -30.10 21.34
CA ASN D 488 3.27 -30.37 22.43
C ASN D 488 4.68 -30.24 21.85
N ARG D 489 5.33 -29.12 22.13
CA ARG D 489 6.65 -28.85 21.55
C ARG D 489 7.69 -29.86 22.02
N PHE D 490 7.67 -30.20 23.31
CA PHE D 490 8.62 -31.15 23.87
C PHE D 490 7.98 -32.53 23.91
N ASP D 491 8.61 -33.50 23.22
CA ASP D 491 8.09 -34.87 23.11
C ASP D 491 6.67 -34.85 22.53
N GLY D 492 6.59 -34.47 21.25
CA GLY D 492 5.33 -34.32 20.56
C GLY D 492 4.40 -35.51 20.70
N ASP D 493 3.28 -35.31 21.41
CA ASP D 493 2.31 -36.38 21.63
C ASP D 493 0.93 -35.74 21.75
N VAL D 494 -0.05 -36.38 21.12
CA VAL D 494 -1.43 -35.90 21.14
C VAL D 494 -2.32 -37.05 21.60
N GLY D 495 -3.19 -36.77 22.56
CA GLY D 495 -4.08 -37.79 23.08
C GLY D 495 -5.21 -37.18 23.86
N ILE D 496 -6.23 -38.00 24.13
CA ILE D 496 -7.39 -37.59 24.88
C ILE D 496 -7.64 -38.59 25.99
N PHE D 497 -8.39 -38.15 27.00
CA PHE D 497 -8.75 -39.01 28.12
C PHE D 497 -10.00 -38.47 28.81
N PRO D 498 -11.01 -39.30 29.03
CA PRO D 498 -12.23 -38.82 29.69
C PRO D 498 -11.96 -38.39 31.12
N LEU D 499 -12.74 -37.41 31.58
CA LEU D 499 -12.67 -36.92 32.95
C LEU D 499 -14.06 -36.89 33.55
N ASP D 500 -14.13 -37.19 34.84
CA ASP D 500 -15.37 -37.13 35.60
C ASP D 500 -15.28 -36.05 36.67
N PHE D 501 -16.44 -35.67 37.20
CA PHE D 501 -16.53 -34.58 38.16
C PHE D 501 -17.26 -35.06 39.41
N ILE D 502 -16.59 -35.01 40.54
CA ILE D 502 -17.22 -35.32 41.82
C ILE D 502 -17.89 -34.05 42.32
N LYS D 503 -19.22 -34.09 42.43
CA LYS D 503 -19.98 -32.90 42.81
C LYS D 503 -19.71 -32.48 44.25
N SER D 504 -19.48 -33.46 45.14
CA SER D 504 -19.30 -33.13 46.55
C SER D 504 -18.02 -32.33 46.78
N SER D 505 -16.90 -32.77 46.18
CA SER D 505 -15.61 -32.15 46.42
C SER D 505 -15.24 -31.09 45.40
N LEU D 506 -16.08 -30.87 44.39
CA LEU D 506 -15.83 -29.88 43.34
C LEU D 506 -14.48 -30.14 42.65
N THR D 507 -14.13 -31.39 42.45
CA THR D 507 -12.85 -31.77 41.87
C THR D 507 -13.06 -32.65 40.64
N PHE D 508 -12.11 -32.59 39.72
CA PHE D 508 -12.13 -33.43 38.53
C PHE D 508 -11.42 -34.73 38.83
N SER D 509 -12.19 -35.80 39.03
CA SER D 509 -11.64 -37.07 39.46
C SER D 509 -10.79 -37.70 38.36
N ALA D 510 -10.13 -38.79 38.71
CA ALA D 510 -9.33 -39.53 37.76
C ALA D 510 -10.23 -40.13 36.68
N PRO D 511 -9.68 -40.39 35.49
CA PRO D 511 -10.48 -40.99 34.42
C PRO D 511 -11.13 -42.29 34.87
N ILE D 512 -12.42 -42.43 34.56
CA ILE D 512 -13.17 -43.62 34.93
C ILE D 512 -13.88 -44.20 33.71
N PRO E 48 -21.00 58.47 -67.41
CA PRO E 48 -20.73 59.89 -67.13
C PRO E 48 -20.27 60.13 -65.70
N GLU E 49 -19.08 59.61 -65.35
CA GLU E 49 -18.55 59.81 -64.01
C GLU E 49 -18.25 61.27 -63.75
N ASP E 50 -17.70 61.98 -64.74
CA ASP E 50 -17.41 63.40 -64.59
C ASP E 50 -18.67 64.24 -64.44
N GLU E 51 -19.81 63.75 -64.91
CA GLU E 51 -21.06 64.50 -64.78
C GLU E 51 -21.48 64.64 -63.31
N ALA E 52 -21.11 63.67 -62.48
CA ALA E 52 -21.45 63.74 -61.06
C ALA E 52 -20.71 64.89 -60.39
N GLN E 53 -21.41 65.61 -59.52
CA GLN E 53 -20.84 66.74 -58.81
C GLN E 53 -20.12 66.26 -57.55
N LEU E 54 -19.66 67.20 -56.73
CA LEU E 54 -18.97 66.88 -55.49
C LEU E 54 -19.21 67.99 -54.49
N ILE E 55 -19.68 67.63 -53.30
CA ILE E 55 -19.97 68.60 -52.25
C ILE E 55 -19.83 67.90 -50.90
N LYS E 56 -19.47 68.70 -49.89
CA LYS E 56 -19.29 68.20 -48.53
C LYS E 56 -20.16 68.98 -47.55
N THR E 57 -21.42 69.18 -47.92
CA THR E 57 -22.35 69.92 -47.08
C THR E 57 -22.72 69.09 -45.85
N MET E 58 -23.14 69.80 -44.81
CA MET E 58 -23.53 69.15 -43.54
C MET E 58 -24.97 68.68 -43.65
N PHE E 59 -25.16 67.39 -43.87
CA PHE E 59 -26.47 66.78 -43.97
C PHE E 59 -26.69 65.84 -42.79
N GLN E 60 -27.87 65.93 -42.18
CA GLN E 60 -28.21 65.12 -41.02
C GLN E 60 -29.04 63.90 -41.39
N ILE E 61 -29.22 63.62 -42.67
CA ILE E 61 -30.00 62.46 -43.09
C ILE E 61 -29.31 61.17 -42.63
N THR E 62 -28.00 61.09 -42.83
CA THR E 62 -27.22 59.93 -42.43
C THR E 62 -26.41 60.27 -41.19
N LYS E 63 -26.56 59.46 -40.14
CA LYS E 63 -25.87 59.67 -38.87
C LYS E 63 -24.46 59.09 -38.96
N VAL E 64 -23.61 59.78 -39.73
CA VAL E 64 -22.23 59.38 -39.94
C VAL E 64 -21.33 60.59 -39.77
N SER E 65 -20.04 60.33 -39.58
CA SER E 65 -19.04 61.37 -39.42
C SER E 65 -18.46 61.74 -40.78
N ASN E 66 -18.45 63.04 -41.08
CA ASN E 66 -17.95 63.51 -42.37
C ASN E 66 -16.43 63.56 -42.43
N ALA E 67 -15.74 63.38 -41.31
CA ALA E 67 -14.28 63.43 -41.31
C ALA E 67 -13.70 62.36 -42.22
N THR E 68 -14.25 61.14 -42.16
CA THR E 68 -13.81 60.09 -43.06
C THR E 68 -14.03 60.47 -44.51
N LEU E 69 -15.07 61.27 -44.79
CA LEU E 69 -15.31 61.74 -46.15
C LEU E 69 -14.16 62.59 -46.67
N LYS E 70 -13.37 63.19 -45.78
CA LYS E 70 -12.18 63.92 -46.20
C LYS E 70 -11.13 62.98 -46.79
N LYS E 71 -11.07 61.74 -46.32
CA LYS E 71 -10.11 60.76 -46.79
C LYS E 71 -10.70 59.76 -47.76
N PHE E 72 -11.89 59.23 -47.46
CA PHE E 72 -12.52 58.26 -48.35
C PHE E 72 -12.88 58.88 -49.69
N GLY E 73 -13.37 60.11 -49.68
CA GLY E 73 -13.76 60.80 -50.89
C GLY E 73 -15.25 60.84 -51.17
N VAL E 74 -16.08 60.37 -50.23
CA VAL E 74 -17.53 60.43 -50.42
C VAL E 74 -17.99 61.87 -50.38
N ARG E 75 -18.77 62.28 -51.38
CA ARG E 75 -19.21 63.65 -51.51
C ARG E 75 -20.70 63.69 -51.80
N LEU E 76 -21.33 64.81 -51.44
CA LEU E 76 -22.77 65.00 -51.69
C LEU E 76 -22.98 65.41 -53.15
N PHE E 77 -22.84 64.41 -54.02
CA PHE E 77 -23.03 64.63 -55.44
C PHE E 77 -24.49 64.98 -55.76
N LYS E 78 -24.67 65.84 -56.75
CA LYS E 78 -26.00 66.26 -57.15
C LYS E 78 -26.23 65.96 -58.63
N PRO E 79 -25.85 64.77 -59.10
CA PRO E 79 -26.14 64.42 -60.50
C PRO E 79 -27.61 64.07 -60.70
N THR E 80 -28.19 63.37 -59.73
CA THR E 80 -29.59 62.99 -59.77
C THR E 80 -30.38 63.56 -58.61
N LYS E 81 -29.87 63.43 -57.38
CA LYS E 81 -30.56 63.92 -56.20
C LYS E 81 -29.50 64.47 -55.24
N SER E 82 -29.91 64.74 -54.01
CA SER E 82 -29.03 65.29 -52.99
C SER E 82 -28.37 64.22 -52.13
N LEU E 83 -28.58 62.95 -52.44
CA LEU E 83 -27.96 61.87 -51.67
C LEU E 83 -26.45 61.87 -51.86
N VAL E 84 -25.73 61.62 -50.77
CA VAL E 84 -24.28 61.61 -50.80
C VAL E 84 -23.80 60.29 -51.39
N PHE E 85 -22.94 60.37 -52.41
CA PHE E 85 -22.39 59.19 -53.05
C PHE E 85 -20.91 59.05 -52.76
N PRO E 86 -20.40 57.82 -52.68
CA PRO E 86 -18.96 57.63 -52.46
C PRO E 86 -18.20 57.62 -53.78
N TRP E 87 -16.87 57.63 -53.67
CA TRP E 87 -15.99 57.57 -54.82
C TRP E 87 -15.95 56.14 -55.35
N PHE E 88 -17.05 55.74 -55.99
CA PHE E 88 -17.23 54.39 -56.49
C PHE E 88 -16.52 54.25 -57.84
N ALA E 89 -15.20 54.38 -57.80
CA ALA E 89 -14.38 54.24 -58.99
C ALA E 89 -12.96 53.90 -58.57
N GLY E 90 -12.21 53.32 -59.49
CA GLY E 90 -10.83 52.98 -59.26
C GLY E 90 -9.91 54.14 -59.57
N PRO E 91 -8.61 53.85 -59.72
CA PRO E 91 -7.67 54.92 -60.11
C PRO E 91 -8.02 55.55 -61.45
N ASP E 92 -8.56 54.78 -62.38
CA ASP E 92 -8.97 55.30 -63.67
C ASP E 92 -10.44 55.72 -63.62
N SER E 93 -11.03 56.00 -64.78
CA SER E 93 -12.42 56.42 -64.89
C SER E 93 -13.32 55.30 -65.38
N SER E 94 -13.06 54.07 -64.96
CA SER E 94 -13.87 52.94 -65.39
C SER E 94 -15.31 53.11 -64.94
N LEU E 95 -16.24 52.82 -65.85
CA LEU E 95 -17.67 52.98 -65.58
C LEU E 95 -18.18 51.77 -64.79
N LYS E 96 -17.79 51.74 -63.51
CA LYS E 96 -18.21 50.69 -62.60
C LYS E 96 -19.48 51.03 -61.84
N GLY E 97 -20.02 52.23 -62.01
CA GLY E 97 -21.22 52.64 -61.31
C GLY E 97 -20.94 53.52 -60.11
N LEU E 98 -21.13 54.83 -60.28
CA LEU E 98 -20.88 55.81 -59.22
C LEU E 98 -22.16 56.53 -58.83
N LYS E 99 -23.25 55.78 -58.70
CA LYS E 99 -24.54 56.36 -58.35
C LYS E 99 -24.57 56.70 -56.86
N LEU E 100 -25.72 57.23 -56.42
CA LEU E 100 -25.86 57.64 -55.03
C LEU E 100 -25.84 56.43 -54.09
N LEU E 101 -25.40 56.68 -52.86
CA LEU E 101 -25.32 55.64 -51.85
C LEU E 101 -26.64 55.60 -51.07
N SER E 102 -26.68 54.76 -50.03
CA SER E 102 -27.90 54.59 -49.22
C SER E 102 -27.88 55.60 -48.09
N ALA E 103 -28.50 56.75 -48.32
CA ALA E 103 -28.62 57.75 -47.27
C ALA E 103 -29.61 57.28 -46.21
N GLN E 104 -29.25 57.48 -44.94
CA GLN E 104 -30.01 57.06 -43.78
C GLN E 104 -30.19 55.56 -43.69
N ASN E 105 -29.54 54.79 -44.56
CA ASN E 105 -29.52 53.34 -44.57
C ASN E 105 -30.90 52.72 -44.78
N THR E 106 -31.91 53.53 -45.10
CA THR E 106 -33.27 53.01 -45.29
C THR E 106 -33.97 53.55 -46.53
N ASP E 107 -33.57 54.70 -47.06
CA ASP E 107 -34.26 55.30 -48.20
C ASP E 107 -33.25 56.10 -49.01
N THR E 108 -33.75 56.98 -49.88
CA THR E 108 -32.93 57.89 -50.68
C THR E 108 -31.94 57.11 -51.55
N GLU E 109 -32.51 56.32 -52.47
CA GLU E 109 -31.74 55.53 -53.44
C GLU E 109 -30.77 54.59 -52.74
N LYS E 110 -31.34 53.65 -51.98
CA LYS E 110 -30.52 52.64 -51.31
C LYS E 110 -29.77 51.76 -52.30
N VAL E 111 -30.31 51.59 -53.50
CA VAL E 111 -29.67 50.80 -54.54
C VAL E 111 -28.98 51.75 -55.51
N THR E 112 -28.11 51.19 -56.34
CA THR E 112 -27.34 51.97 -57.31
C THR E 112 -27.21 51.16 -58.60
N TYR E 113 -26.45 51.70 -59.55
CA TYR E 113 -26.21 51.06 -60.83
C TYR E 113 -24.82 50.44 -60.86
N ASN E 114 -24.66 49.46 -61.76
CA ASN E 114 -23.39 48.76 -61.92
C ASN E 114 -22.49 49.38 -62.99
N GLU E 115 -22.93 50.47 -63.61
CA GLU E 115 -22.13 51.12 -64.64
C GLU E 115 -22.50 52.60 -64.70
N ALA E 116 -21.61 53.38 -65.30
CA ALA E 116 -21.81 54.82 -65.43
C ALA E 116 -22.06 55.25 -66.87
N THR E 117 -21.27 54.74 -67.82
CA THR E 117 -21.47 55.09 -69.22
C THR E 117 -22.70 54.39 -69.78
N VAL E 118 -23.32 55.02 -70.79
CA VAL E 118 -24.50 54.45 -71.41
C VAL E 118 -24.21 53.11 -72.07
N PRO E 119 -23.17 52.96 -72.88
CA PRO E 119 -22.87 51.66 -73.49
C PRO E 119 -21.87 50.86 -72.66
N LYS E 120 -21.82 49.56 -72.98
CA LYS E 120 -20.90 48.61 -72.33
C LYS E 120 -21.12 48.58 -70.81
N ILE E 121 -22.32 48.16 -70.42
CA ILE E 121 -22.66 48.08 -69.01
C ILE E 121 -21.82 46.99 -68.35
N SER E 122 -21.22 47.33 -67.20
CA SER E 122 -20.36 46.40 -66.48
C SER E 122 -21.15 45.66 -65.41
N SER E 123 -20.48 44.73 -64.75
CA SER E 123 -21.06 43.91 -63.70
C SER E 123 -20.53 44.37 -62.34
N TYR E 124 -20.88 43.61 -61.29
CA TYR E 124 -20.48 43.92 -59.93
C TYR E 124 -19.12 43.33 -59.58
N TYR E 125 -18.29 43.05 -60.57
CA TYR E 125 -16.95 42.50 -60.34
C TYR E 125 -15.92 43.56 -60.00
N ASN E 126 -16.29 44.84 -60.01
CA ASN E 126 -15.36 45.91 -59.70
C ASN E 126 -15.08 45.95 -58.20
N LEU E 127 -14.28 46.92 -57.78
CA LEU E 127 -13.92 47.08 -56.38
C LEU E 127 -13.90 48.55 -56.01
N PHE E 128 -14.08 48.83 -54.73
CA PHE E 128 -14.07 50.19 -54.22
C PHE E 128 -13.31 50.23 -52.90
N GLY E 129 -12.79 51.41 -52.57
CA GLY E 129 -12.03 51.61 -51.36
C GLY E 129 -10.57 51.22 -51.44
N LEU E 130 -10.24 50.25 -52.30
CA LEU E 130 -8.84 49.85 -52.46
C LEU E 130 -8.00 50.99 -53.00
N THR E 131 -8.52 51.73 -53.99
CA THR E 131 -7.78 52.88 -54.52
C THR E 131 -7.86 54.07 -53.57
N LEU E 132 -8.95 54.19 -52.81
CA LEU E 132 -9.09 55.30 -51.87
C LEU E 132 -8.20 55.16 -50.65
N VAL E 133 -7.61 53.98 -50.42
CA VAL E 133 -6.72 53.74 -49.30
C VAL E 133 -5.36 53.31 -49.84
N GLY E 134 -4.36 53.33 -48.95
CA GLY E 134 -3.02 52.93 -49.36
C GLY E 134 -2.95 51.48 -49.78
N ARG E 135 -3.61 50.59 -49.02
CA ARG E 135 -3.68 49.16 -49.29
C ARG E 135 -2.32 48.49 -49.28
N MET E 136 -1.27 49.17 -48.83
CA MET E 136 0.07 48.59 -48.76
C MET E 136 0.34 48.03 -47.37
N ASP E 137 -0.52 47.10 -46.96
CA ASP E 137 -0.42 46.48 -45.65
C ASP E 137 -1.00 45.07 -45.70
N SER E 138 -0.62 44.26 -44.73
CA SER E 138 -1.08 42.89 -44.64
C SER E 138 -2.43 42.75 -43.93
N GLU E 139 -2.94 43.83 -43.35
CA GLU E 139 -4.21 43.82 -42.63
C GLU E 139 -5.21 44.68 -43.38
N VAL E 140 -6.38 44.11 -43.67
CA VAL E 140 -7.44 44.82 -44.38
C VAL E 140 -8.78 44.29 -43.91
N VAL E 141 -9.77 45.17 -43.81
CA VAL E 141 -11.11 44.82 -43.40
C VAL E 141 -12.05 45.10 -44.58
N LEU E 142 -12.83 44.09 -44.97
CA LEU E 142 -13.75 44.20 -46.09
C LEU E 142 -15.17 44.26 -45.58
N THR E 143 -15.86 45.34 -45.87
CA THR E 143 -17.25 45.54 -45.49
C THR E 143 -18.07 45.87 -46.73
N GLY E 144 -19.19 45.17 -46.90
CA GLY E 144 -20.02 45.37 -48.08
C GLY E 144 -20.77 46.68 -48.11
N HIS E 145 -20.98 47.29 -46.94
CA HIS E 145 -21.72 48.55 -46.84
C HIS E 145 -20.77 49.73 -46.98
N GLU E 146 -21.19 50.72 -47.77
CA GLU E 146 -20.38 51.93 -47.93
C GLU E 146 -20.22 52.67 -46.60
N LEU E 147 -21.30 52.76 -45.82
CA LEU E 147 -21.20 53.38 -44.50
C LEU E 147 -20.28 52.59 -43.59
N ASP E 148 -20.35 51.26 -43.64
CA ASP E 148 -19.44 50.44 -42.85
C ASP E 148 -18.00 50.65 -43.28
N THR E 149 -17.76 50.76 -44.59
CA THR E 149 -16.40 51.02 -45.08
C THR E 149 -15.90 52.39 -44.59
N LEU E 150 -16.77 53.40 -44.62
CA LEU E 150 -16.38 54.72 -44.12
C LEU E 150 -16.06 54.67 -42.63
N ALA E 151 -16.87 53.95 -41.86
CA ALA E 151 -16.61 53.82 -40.43
C ALA E 151 -15.29 53.09 -40.17
N VAL E 152 -15.00 52.05 -40.96
CA VAL E 152 -13.74 51.32 -40.80
C VAL E 152 -12.57 52.23 -41.14
N SER E 153 -12.70 53.02 -42.20
CA SER E 153 -11.65 53.96 -42.55
C SER E 153 -11.44 55.00 -41.45
N GLN E 154 -12.54 55.46 -40.84
CA GLN E 154 -12.46 56.41 -39.74
C GLN E 154 -11.95 55.78 -38.44
N ALA E 155 -11.79 54.46 -38.41
CA ALA E 155 -11.34 53.78 -37.21
C ALA E 155 -9.82 53.93 -37.07
N THR E 156 -9.22 53.15 -36.18
CA THR E 156 -7.79 53.28 -35.88
C THR E 156 -6.93 52.70 -37.01
N GLY E 157 -6.96 53.34 -38.18
CA GLY E 157 -6.11 52.94 -39.28
C GLY E 157 -6.51 51.67 -39.98
N LEU E 158 -7.71 51.17 -39.76
CA LEU E 158 -8.15 49.93 -40.41
C LEU E 158 -8.48 50.21 -41.87
N PRO E 159 -7.80 49.55 -42.82
CA PRO E 159 -8.14 49.76 -44.24
C PRO E 159 -9.51 49.20 -44.58
N SER E 160 -10.16 49.84 -45.54
CA SER E 160 -11.46 49.43 -46.03
C SER E 160 -11.42 49.28 -47.54
N VAL E 161 -11.82 48.11 -48.03
CA VAL E 161 -11.86 47.84 -49.46
C VAL E 161 -12.84 46.70 -49.71
N ALA E 162 -13.70 46.88 -50.70
CA ALA E 162 -14.70 45.88 -51.04
C ALA E 162 -15.20 46.15 -52.45
N LEU E 163 -15.96 45.19 -52.97
CA LEU E 163 -16.55 45.33 -54.29
C LEU E 163 -17.68 46.36 -54.24
N PRO E 164 -18.07 46.91 -55.39
CA PRO E 164 -19.19 47.86 -55.40
C PRO E 164 -20.49 47.25 -54.88
N ARG E 165 -20.70 45.96 -55.10
CA ARG E 165 -21.87 45.26 -54.56
C ARG E 165 -21.42 44.15 -53.63
N GLY E 166 -20.47 44.46 -52.74
CA GLY E 166 -19.84 43.47 -51.87
C GLY E 166 -20.79 42.74 -50.95
N VAL E 167 -22.05 43.15 -50.86
CA VAL E 167 -23.01 42.43 -50.04
C VAL E 167 -23.21 41.02 -50.58
N SER E 168 -23.34 40.88 -51.89
CA SER E 168 -23.48 39.58 -52.53
C SER E 168 -22.64 39.53 -53.81
N CYS E 169 -21.44 40.10 -53.75
CA CYS E 169 -20.57 40.13 -54.92
C CYS E 169 -19.88 38.77 -55.10
N LEU E 170 -19.35 38.57 -56.30
CA LEU E 170 -18.62 37.34 -56.61
C LEU E 170 -17.23 37.41 -56.01
N PRO E 171 -16.84 36.46 -55.16
CA PRO E 171 -15.51 36.49 -54.55
C PRO E 171 -14.42 36.26 -55.58
N PRO E 172 -14.77 35.69 -56.73
CA PRO E 172 -13.77 35.42 -57.78
C PRO E 172 -13.41 36.63 -58.64
N MET E 173 -13.83 37.84 -58.25
CA MET E 173 -13.53 39.02 -59.05
C MET E 173 -12.09 39.48 -58.84
N LEU E 174 -11.71 39.74 -57.60
CA LEU E 174 -10.38 40.23 -57.25
C LEU E 174 -9.79 39.39 -56.12
N LEU E 175 -9.86 38.07 -56.28
CA LEU E 175 -9.32 37.17 -55.26
C LEU E 175 -7.84 37.38 -55.00
N PRO E 176 -6.98 37.54 -56.01
CA PRO E 176 -5.56 37.79 -55.72
C PRO E 176 -5.33 39.08 -54.93
N TYR E 177 -6.12 40.12 -55.18
CA TYR E 177 -5.97 41.37 -54.44
C TYR E 177 -6.25 41.16 -52.96
N LEU E 178 -7.31 40.41 -52.64
CA LEU E 178 -7.61 40.11 -51.24
C LEU E 178 -6.55 39.18 -50.65
N GLU E 179 -6.05 38.23 -51.43
CA GLU E 179 -5.03 37.31 -50.96
C GLU E 179 -3.68 37.99 -50.75
N GLN E 180 -3.49 39.18 -51.33
CA GLN E 180 -2.23 39.91 -51.11
C GLN E 180 -2.05 40.24 -49.64
N PHE E 181 -3.11 40.68 -48.97
CA PHE E 181 -3.03 40.95 -47.54
C PHE E 181 -2.94 39.64 -46.76
N LYS E 182 -2.13 39.63 -45.71
CA LYS E 182 -1.91 38.43 -44.92
C LYS E 182 -2.88 38.34 -43.74
N ARG E 183 -2.88 39.34 -42.87
CA ARG E 183 -3.73 39.33 -41.69
C ARG E 183 -5.05 40.04 -41.98
N VAL E 184 -5.78 39.50 -42.94
CA VAL E 184 -7.09 40.06 -43.30
C VAL E 184 -8.11 39.71 -42.24
N THR E 185 -9.03 40.63 -41.98
CA THR E 185 -10.09 40.45 -41.00
C THR E 185 -11.44 40.67 -41.68
N LEU E 186 -12.32 39.68 -41.57
CA LEU E 186 -13.64 39.81 -42.16
C LEU E 186 -14.47 40.84 -41.40
N TRP E 187 -15.18 41.68 -42.16
CA TRP E 187 -16.01 42.74 -41.60
C TRP E 187 -17.37 42.77 -42.28
N LEU E 188 -17.98 41.59 -42.43
CA LEU E 188 -19.28 41.48 -43.06
C LEU E 188 -20.37 41.90 -42.08
N GLY E 189 -21.62 41.85 -42.55
CA GLY E 189 -22.73 42.23 -41.71
C GLY E 189 -22.93 41.29 -40.53
N HIS E 190 -23.38 41.86 -39.42
CA HIS E 190 -23.60 41.11 -38.20
C HIS E 190 -25.04 40.61 -38.06
N ASP E 191 -25.91 40.90 -39.02
CA ASP E 191 -27.29 40.48 -38.97
C ASP E 191 -27.41 39.03 -39.45
N ILE E 192 -28.64 38.54 -39.54
CA ILE E 192 -28.86 37.17 -40.01
C ILE E 192 -28.58 37.07 -41.50
N ARG E 193 -28.42 35.84 -41.96
CA ARG E 193 -28.12 35.52 -43.36
C ARG E 193 -26.83 36.18 -43.84
N SER E 194 -25.94 36.55 -42.92
CA SER E 194 -24.67 37.14 -43.28
C SER E 194 -23.52 36.39 -42.61
N TRP E 195 -23.77 35.89 -41.40
CA TRP E 195 -22.72 35.11 -40.70
C TRP E 195 -22.37 33.89 -41.55
N GLU E 196 -23.37 33.14 -42.01
CA GLU E 196 -23.09 31.92 -42.77
C GLU E 196 -22.28 32.24 -44.03
N ALA E 197 -22.67 33.30 -44.74
CA ALA E 197 -21.95 33.67 -45.96
C ALA E 197 -20.50 33.98 -45.67
N SER E 198 -20.23 34.69 -44.57
CA SER E 198 -18.85 34.93 -44.16
C SER E 198 -18.10 33.62 -43.98
N LYS E 199 -18.78 32.59 -43.45
CA LYS E 199 -18.14 31.24 -43.31
C LYS E 199 -17.84 30.70 -44.71
N ILE E 200 -18.72 30.92 -45.68
CA ILE E 200 -18.40 30.57 -47.06
C ILE E 200 -17.23 31.42 -47.55
N PHE E 201 -17.19 32.70 -47.13
CA PHE E 201 -16.05 33.55 -47.46
C PHE E 201 -14.75 32.97 -46.91
N SER E 202 -14.82 32.24 -45.78
CA SER E 202 -13.64 31.57 -45.26
C SER E 202 -13.12 30.54 -46.26
N ARG E 203 -14.02 29.84 -46.95
CA ARG E 203 -13.62 28.94 -48.01
C ARG E 203 -13.33 29.66 -49.32
N LYS E 204 -13.67 30.95 -49.41
CA LYS E 204 -13.43 31.71 -50.64
C LYS E 204 -12.01 32.29 -50.67
N LEU E 205 -11.67 33.09 -49.67
CA LEU E 205 -10.35 33.69 -49.58
C LEU E 205 -9.37 32.68 -48.98
N GLY E 206 -8.17 33.13 -48.63
CA GLY E 206 -7.16 32.27 -48.05
C GLY E 206 -7.57 31.68 -46.72
N LEU E 207 -7.81 30.37 -46.69
CA LEU E 207 -8.21 29.71 -45.46
C LEU E 207 -7.05 29.69 -44.47
N ARG E 208 -7.39 29.64 -43.18
CA ARG E 208 -6.43 29.63 -42.08
C ARG E 208 -5.55 30.87 -42.05
N ARG E 209 -5.95 31.93 -42.76
CA ARG E 209 -5.19 33.17 -42.78
C ARG E 209 -6.04 34.42 -42.65
N CYS E 210 -7.36 34.34 -42.77
CA CYS E 210 -8.23 35.50 -42.71
C CYS E 210 -9.07 35.43 -41.43
N SER E 211 -9.00 36.47 -40.62
CA SER E 211 -9.75 36.52 -39.38
C SER E 211 -11.22 36.84 -39.66
N LEU E 212 -12.09 36.33 -38.80
CA LEU E 212 -13.52 36.56 -38.92
C LEU E 212 -13.92 37.80 -38.12
N VAL E 213 -15.22 38.01 -37.95
CA VAL E 213 -15.75 39.12 -37.17
C VAL E 213 -16.44 38.55 -35.95
N ARG E 214 -16.00 38.96 -34.76
CA ARG E 214 -16.56 38.48 -33.50
C ARG E 214 -16.97 39.65 -32.60
N PRO E 215 -17.68 40.63 -33.16
CA PRO E 215 -18.12 41.77 -32.34
C PRO E 215 -19.50 41.57 -31.76
N GLY E 216 -19.66 41.99 -30.51
CA GLY E 216 -20.95 41.92 -29.85
C GLY E 216 -21.95 42.96 -30.30
N GLU E 217 -21.51 43.95 -31.07
CA GLU E 217 -22.36 45.00 -31.59
C GLU E 217 -22.69 44.71 -33.06
N ASP E 218 -23.34 45.66 -33.70
CA ASP E 218 -23.73 45.53 -35.11
C ASP E 218 -22.54 45.89 -35.99
N ARG E 219 -22.80 46.11 -37.28
CA ARG E 219 -21.79 46.43 -38.28
C ARG E 219 -21.00 47.68 -37.90
N PRO E 220 -19.88 47.95 -38.59
CA PRO E 220 -19.03 49.08 -38.17
C PRO E 220 -19.75 50.42 -38.15
N CYS E 221 -20.66 50.66 -39.09
CA CYS E 221 -21.42 51.90 -39.08
C CYS E 221 -22.29 52.03 -37.83
N PRO E 222 -23.11 51.03 -37.48
CA PRO E 222 -23.86 51.14 -36.21
C PRO E 222 -22.96 51.19 -34.98
N LEU E 223 -21.81 50.52 -35.01
CA LEU E 223 -20.88 50.60 -33.88
C LEU E 223 -20.35 52.01 -33.70
N GLU E 224 -19.99 52.67 -34.81
CA GLU E 224 -19.55 54.06 -34.73
C GLU E 224 -20.69 54.96 -34.29
N ALA E 225 -21.92 54.68 -34.75
CA ALA E 225 -23.06 55.48 -34.33
C ALA E 225 -23.30 55.37 -32.83
N LEU E 226 -23.16 54.16 -32.27
CA LEU E 226 -23.37 53.92 -30.86
C LEU E 226 -22.11 54.12 -30.03
N ALA E 227 -21.10 54.81 -30.58
CA ALA E 227 -19.85 55.09 -29.88
C ALA E 227 -19.19 53.81 -29.37
N ARG E 228 -19.19 52.78 -30.21
CA ARG E 228 -18.57 51.49 -29.89
C ARG E 228 -17.26 51.31 -30.66
N GLY E 229 -16.50 52.39 -30.84
CA GLY E 229 -15.26 52.30 -31.58
C GLY E 229 -14.23 51.44 -30.88
N LYS E 230 -14.09 51.59 -29.56
CA LYS E 230 -13.13 50.77 -28.83
C LYS E 230 -13.50 49.30 -28.88
N ASN E 231 -14.79 48.98 -28.70
CA ASN E 231 -15.22 47.59 -28.78
C ASN E 231 -14.99 47.02 -30.17
N LEU E 232 -15.28 47.81 -31.21
CA LEU E 232 -15.04 47.34 -32.58
C LEU E 232 -13.56 47.09 -32.83
N SER E 233 -12.70 47.99 -32.35
CA SER E 233 -11.26 47.79 -32.50
C SER E 233 -10.79 46.55 -31.76
N ARG E 234 -11.29 46.34 -30.54
CA ARG E 234 -10.92 45.15 -29.79
C ARG E 234 -11.37 43.87 -30.49
N ILE E 235 -12.58 43.89 -31.06
CA ILE E 235 -13.09 42.73 -31.79
C ILE E 235 -12.25 42.47 -33.03
N ILE E 236 -11.88 43.54 -33.75
CA ILE E 236 -11.06 43.37 -34.95
C ILE E 236 -9.68 42.83 -34.59
N LYS E 237 -9.16 43.25 -33.44
CA LYS E 237 -7.85 42.77 -32.99
C LYS E 237 -7.91 41.42 -32.30
N THR E 238 -9.11 40.86 -32.10
CA THR E 238 -9.29 39.57 -31.45
C THR E 238 -10.19 38.70 -32.32
N SER E 239 -9.58 37.98 -33.27
CA SER E 239 -10.32 37.09 -34.15
C SER E 239 -9.36 36.04 -34.68
N ILE E 240 -9.90 34.85 -34.93
CA ILE E 240 -9.09 33.71 -35.38
C ILE E 240 -9.75 33.09 -36.61
N PRO E 241 -8.99 32.72 -37.63
CA PRO E 241 -9.58 32.02 -38.78
C PRO E 241 -10.14 30.65 -38.37
N ALA E 242 -11.07 30.15 -39.19
CA ALA E 242 -11.78 28.93 -38.86
C ALA E 242 -10.97 27.68 -39.18
N ALA E 243 -9.72 27.64 -38.72
CA ALA E 243 -8.88 26.45 -38.86
C ALA E 243 -8.03 26.23 -37.62
N HIS E 244 -8.55 26.59 -36.44
CA HIS E 244 -7.73 26.72 -35.24
C HIS E 244 -7.05 25.41 -34.84
N LYS E 245 -7.83 24.41 -34.43
CA LYS E 245 -7.23 23.16 -33.98
C LYS E 245 -8.02 21.93 -34.40
N SER E 246 -9.29 22.07 -34.76
CA SER E 246 -10.15 20.94 -35.06
C SER E 246 -9.93 20.49 -36.49
N ILE E 247 -9.63 19.20 -36.68
CA ILE E 247 -9.43 18.63 -38.00
C ILE E 247 -10.79 18.31 -38.61
N VAL E 248 -10.98 18.73 -39.85
CA VAL E 248 -12.22 18.49 -40.59
C VAL E 248 -12.22 17.03 -41.02
N SER E 249 -13.35 16.55 -41.54
CA SER E 249 -13.53 15.13 -41.86
C SER E 249 -12.76 14.76 -43.12
N PHE E 250 -13.12 13.62 -43.71
CA PHE E 250 -12.31 12.91 -44.71
C PHE E 250 -11.61 13.80 -45.74
N LYS E 251 -12.18 14.97 -46.02
CA LYS E 251 -11.52 15.97 -46.87
C LYS E 251 -10.02 16.06 -46.58
N GLN E 252 -9.65 15.96 -45.29
CA GLN E 252 -8.25 15.85 -44.90
C GLN E 252 -7.87 14.47 -44.40
N LEU E 253 -8.78 13.50 -44.43
CA LEU E 253 -8.51 12.15 -43.93
C LEU E 253 -8.88 11.05 -44.92
N ARG E 254 -9.31 11.40 -46.14
CA ARG E 254 -9.69 10.37 -47.11
C ARG E 254 -8.51 9.52 -47.52
N GLU E 255 -7.36 10.14 -47.78
CA GLU E 255 -6.21 9.41 -48.32
C GLU E 255 -5.67 8.39 -47.32
N ASP E 256 -5.57 8.77 -46.04
CA ASP E 256 -5.06 7.84 -45.05
C ASP E 256 -6.00 6.65 -44.88
N VAL E 257 -7.30 6.91 -44.86
CA VAL E 257 -8.27 5.82 -44.73
C VAL E 257 -8.20 4.89 -45.94
N TYR E 258 -8.08 5.46 -47.15
CA TYR E 258 -7.98 4.62 -48.34
C TYR E 258 -6.71 3.77 -48.31
N GLY E 259 -5.58 4.39 -47.94
CA GLY E 259 -4.33 3.64 -47.90
C GLY E 259 -4.36 2.53 -46.87
N GLU E 260 -4.94 2.82 -45.70
CA GLU E 260 -5.07 1.79 -44.67
C GLU E 260 -6.02 0.68 -45.10
N LEU E 261 -7.12 1.03 -45.79
CA LEU E 261 -8.06 0.02 -46.25
C LEU E 261 -7.48 -0.86 -47.35
N LEU E 262 -6.63 -0.29 -48.21
CA LEU E 262 -5.98 -1.09 -49.24
C LEU E 262 -5.07 -2.15 -48.63
N ASN E 263 -4.35 -1.79 -47.57
CA ASN E 263 -3.41 -2.70 -46.92
C ASN E 263 -4.13 -3.51 -45.84
N THR E 264 -5.00 -4.40 -46.29
CA THR E 264 -5.75 -5.26 -45.38
C THR E 264 -4.82 -6.21 -44.63
N GLU E 265 -3.83 -6.78 -45.32
CA GLU E 265 -2.92 -7.75 -44.76
C GLU E 265 -1.69 -7.12 -44.14
N GLN E 266 -1.62 -5.79 -44.09
CA GLN E 266 -0.48 -5.11 -43.47
C GLN E 266 -0.83 -4.45 -42.15
N VAL E 267 -2.11 -4.33 -41.80
CA VAL E 267 -2.51 -3.83 -40.49
C VAL E 267 -2.28 -4.94 -39.48
N ALA E 268 -2.90 -6.09 -39.72
CA ALA E 268 -2.54 -7.30 -38.98
C ALA E 268 -1.20 -7.80 -39.48
N GLY E 269 -0.17 -7.65 -38.67
CA GLY E 269 1.20 -7.83 -39.11
C GLY E 269 1.63 -9.28 -39.13
N VAL E 270 2.79 -9.55 -38.53
CA VAL E 270 3.39 -10.86 -38.61
C VAL E 270 2.48 -11.89 -37.96
N LYS E 271 2.29 -13.02 -38.62
CA LYS E 271 1.50 -14.12 -38.10
C LYS E 271 2.43 -15.13 -37.42
N TRP E 272 1.83 -16.11 -36.74
CA TRP E 272 2.60 -17.10 -36.00
C TRP E 272 2.69 -18.40 -36.78
N THR E 273 3.83 -19.08 -36.62
CA THR E 273 4.12 -20.31 -37.33
C THR E 273 3.92 -21.55 -36.47
N ARG E 274 4.48 -21.56 -35.27
CA ARG E 274 4.33 -22.69 -34.35
C ARG E 274 3.05 -22.62 -33.54
N PHE E 275 2.26 -21.57 -33.70
CA PHE E 275 1.04 -21.36 -32.92
C PHE E 275 -0.12 -21.11 -33.88
N PRO E 276 -0.65 -22.17 -34.51
CA PRO E 276 -1.77 -21.96 -35.44
C PRO E 276 -3.01 -21.39 -34.79
N GLU E 277 -3.24 -21.68 -33.50
CA GLU E 277 -4.44 -21.17 -32.84
C GLU E 277 -4.39 -19.65 -32.69
N LEU E 278 -3.21 -19.09 -32.43
CA LEU E 278 -3.10 -17.65 -32.28
C LEU E 278 -3.32 -16.90 -33.59
N ASN E 279 -3.32 -17.59 -34.72
CA ASN E 279 -3.61 -16.93 -35.99
C ASN E 279 -5.09 -16.74 -36.23
N ARG E 280 -5.95 -17.41 -35.47
CA ARG E 280 -7.40 -17.29 -35.62
C ARG E 280 -8.06 -16.60 -34.43
N ILE E 281 -7.28 -16.03 -33.51
CA ILE E 281 -7.85 -15.36 -32.35
C ILE E 281 -7.39 -13.91 -32.34
N LEU E 282 -6.08 -13.68 -32.25
CA LEU E 282 -5.52 -12.34 -32.30
C LEU E 282 -5.25 -11.86 -33.72
N LYS E 283 -5.44 -12.73 -34.73
CA LYS E 283 -5.28 -12.41 -36.14
C LYS E 283 -3.86 -11.97 -36.50
N GLY E 284 -2.89 -12.19 -35.61
CA GLY E 284 -1.50 -11.88 -35.91
C GLY E 284 -0.91 -11.01 -34.83
N HIS E 285 0.22 -10.37 -35.16
CA HIS E 285 0.95 -9.50 -34.26
C HIS E 285 1.06 -8.12 -34.92
N ARG E 286 0.54 -7.10 -34.25
CA ARG E 286 0.46 -5.75 -34.81
C ARG E 286 1.29 -4.80 -33.98
N LYS E 287 2.01 -3.90 -34.65
CA LYS E 287 2.81 -2.91 -33.95
C LYS E 287 1.93 -1.84 -33.33
N GLY E 288 2.47 -1.17 -32.31
CA GLY E 288 1.78 -0.07 -31.67
C GLY E 288 0.75 -0.45 -30.63
N GLU E 289 0.75 -1.70 -30.16
CA GLU E 289 -0.20 -2.15 -29.16
C GLU E 289 0.54 -2.64 -27.93
N LEU E 290 -0.05 -2.39 -26.75
CA LEU E 290 0.49 -2.85 -25.48
C LEU E 290 -0.34 -4.02 -24.98
N THR E 291 0.31 -5.14 -24.70
CA THR E 291 -0.35 -6.35 -24.23
C THR E 291 0.17 -6.73 -22.85
N VAL E 292 -0.69 -7.35 -22.06
CA VAL E 292 -0.35 -7.76 -20.70
C VAL E 292 -0.50 -9.27 -20.59
N PHE E 293 0.43 -9.90 -19.89
CA PHE E 293 0.43 -11.34 -19.68
C PHE E 293 0.40 -11.63 -18.19
N THR E 294 -0.39 -12.63 -17.80
CA THR E 294 -0.51 -12.99 -16.39
C THR E 294 -0.90 -14.45 -16.28
N GLY E 295 -0.68 -15.01 -15.10
CA GLY E 295 -1.01 -16.38 -14.83
C GLY E 295 -0.62 -16.80 -13.43
N PRO E 296 -0.93 -18.03 -13.06
CA PRO E 296 -0.56 -18.52 -11.72
C PRO E 296 0.95 -18.54 -11.55
N THR E 297 1.39 -18.40 -10.30
CA THR E 297 2.81 -18.40 -10.00
C THR E 297 3.44 -19.74 -10.39
N GLY E 298 4.59 -19.67 -11.05
CA GLY E 298 5.28 -20.88 -11.48
C GLY E 298 4.48 -21.74 -12.43
N SER E 299 3.71 -21.11 -13.32
CA SER E 299 2.88 -21.84 -14.26
C SER E 299 3.47 -21.88 -15.67
N GLY E 300 4.59 -21.19 -15.90
CA GLY E 300 5.23 -21.22 -17.21
C GLY E 300 5.04 -19.95 -18.01
N LYS E 301 4.88 -18.82 -17.31
CA LYS E 301 4.71 -17.56 -18.02
C LYS E 301 5.96 -17.19 -18.80
N THR E 302 7.14 -17.36 -18.20
CA THR E 302 8.37 -16.98 -18.89
C THR E 302 8.66 -17.90 -20.08
N THR E 303 8.40 -19.20 -19.92
CA THR E 303 8.67 -20.13 -21.01
C THR E 303 7.78 -19.85 -22.22
N PHE E 304 6.49 -19.61 -21.97
CA PHE E 304 5.57 -19.34 -23.08
C PHE E 304 5.92 -18.05 -23.80
N ILE E 305 6.25 -17.00 -23.06
CA ILE E 305 6.65 -15.74 -23.68
C ILE E 305 7.93 -15.94 -24.48
N SER E 306 8.84 -16.77 -23.99
CA SER E 306 10.05 -17.06 -24.74
C SER E 306 9.72 -17.75 -26.07
N GLU E 307 8.80 -18.71 -26.04
CA GLU E 307 8.41 -19.39 -27.28
C GLU E 307 7.76 -18.42 -28.26
N VAL E 308 6.87 -17.55 -27.77
CA VAL E 308 6.21 -16.60 -28.65
C VAL E 308 7.22 -15.64 -29.27
N ALA E 309 8.13 -15.11 -28.45
CA ALA E 309 9.14 -14.18 -28.95
C ALA E 309 10.06 -14.86 -29.95
N LEU E 310 10.46 -16.10 -29.68
CA LEU E 310 11.32 -16.82 -30.61
C LEU E 310 10.62 -17.08 -31.93
N ASP E 311 9.33 -17.46 -31.89
CA ASP E 311 8.61 -17.69 -33.12
C ASP E 311 8.42 -16.41 -33.92
N LEU E 312 8.20 -15.28 -33.24
CA LEU E 312 8.03 -14.02 -33.93
C LEU E 312 9.33 -13.46 -34.49
N CYS E 313 10.45 -13.65 -33.79
CA CYS E 313 11.72 -13.09 -34.21
C CYS E 313 12.31 -13.79 -35.43
N ILE E 314 11.76 -14.94 -35.83
CA ILE E 314 12.34 -15.68 -36.94
C ILE E 314 12.25 -14.89 -38.23
N GLN E 315 11.05 -14.38 -38.55
CA GLN E 315 10.85 -13.79 -39.88
C GLN E 315 11.33 -12.34 -39.95
N GLY E 316 10.67 -11.44 -39.23
CA GLY E 316 11.01 -10.04 -39.34
C GLY E 316 11.25 -9.29 -38.05
N VAL E 317 10.66 -9.79 -36.95
CA VAL E 317 10.54 -8.99 -35.73
C VAL E 317 11.90 -8.90 -35.05
N ASN E 318 12.33 -7.68 -34.74
CA ASN E 318 13.50 -7.45 -33.91
C ASN E 318 13.03 -7.26 -32.48
N THR E 319 13.48 -8.14 -31.58
CA THR E 319 12.96 -8.17 -30.23
C THR E 319 14.04 -7.80 -29.21
N LEU E 320 13.59 -7.26 -28.09
CA LEU E 320 14.44 -6.95 -26.95
C LEU E 320 13.81 -7.55 -25.72
N TRP E 321 14.63 -8.14 -24.85
CA TRP E 321 14.16 -8.92 -23.71
C TRP E 321 14.48 -8.21 -22.41
N GLY E 322 13.51 -8.17 -21.51
CA GLY E 322 13.75 -7.74 -20.15
C GLY E 322 13.83 -8.91 -19.19
N SER E 323 15.04 -9.30 -18.81
CA SER E 323 15.25 -10.45 -17.94
C SER E 323 15.48 -9.94 -16.52
N PHE E 324 14.40 -9.55 -15.87
CA PHE E 324 14.47 -9.01 -14.52
C PHE E 324 14.28 -10.06 -13.43
N GLN E 325 13.99 -11.30 -13.80
CA GLN E 325 13.90 -12.39 -12.84
C GLN E 325 14.90 -13.50 -13.11
N ILE E 326 15.13 -13.84 -14.36
CA ILE E 326 16.06 -14.90 -14.75
C ILE E 326 17.30 -14.24 -15.32
N ASN E 327 18.46 -14.67 -14.84
CA ASN E 327 19.71 -14.12 -15.34
C ASN E 327 19.88 -14.44 -16.82
N ASN E 328 20.66 -13.60 -17.51
CA ASN E 328 20.75 -13.64 -18.96
C ASN E 328 21.35 -14.92 -19.51
N VAL E 329 22.00 -15.73 -18.68
CA VAL E 329 22.59 -16.99 -19.12
C VAL E 329 21.54 -18.11 -19.18
N ARG E 330 20.73 -18.24 -18.13
CA ARG E 330 19.68 -19.25 -18.13
C ARG E 330 18.64 -18.96 -19.20
N LEU E 331 18.29 -17.69 -19.39
CA LEU E 331 17.35 -17.32 -20.45
C LEU E 331 17.91 -17.66 -21.81
N ALA E 332 19.20 -17.37 -22.04
CA ALA E 332 19.82 -17.71 -23.32
C ALA E 332 19.84 -19.22 -23.52
N LYS E 333 20.11 -19.98 -22.46
CA LYS E 333 20.10 -21.43 -22.56
C LYS E 333 18.72 -21.94 -22.94
N ILE E 334 17.67 -21.42 -22.30
CA ILE E 334 16.31 -21.86 -22.61
C ILE E 334 15.94 -21.50 -24.03
N MET E 335 16.29 -20.29 -24.47
CA MET E 335 15.97 -19.87 -25.83
C MET E 335 16.71 -20.73 -26.86
N LEU E 336 17.97 -21.05 -26.61
CA LEU E 336 18.72 -21.90 -27.53
C LEU E 336 18.15 -23.31 -27.56
N THR E 337 17.73 -23.83 -26.40
CA THR E 337 17.09 -25.13 -26.38
C THR E 337 15.79 -25.14 -27.20
N GLN E 338 14.98 -24.08 -27.05
CA GLN E 338 13.74 -24.00 -27.81
C GLN E 338 14.01 -23.89 -29.30
N PHE E 339 15.03 -23.11 -29.68
CA PHE E 339 15.36 -22.95 -31.08
C PHE E 339 15.92 -24.24 -31.68
N ALA E 340 16.64 -25.02 -30.87
CA ALA E 340 17.22 -26.26 -31.36
C ALA E 340 16.20 -27.38 -31.49
N MET E 341 15.04 -27.26 -30.84
CA MET E 341 13.98 -28.27 -30.85
C MET E 341 14.44 -29.62 -30.33
N GLN E 342 15.53 -29.64 -29.54
CA GLN E 342 16.01 -30.89 -28.96
C GLN E 342 16.92 -30.56 -27.78
N ARG E 343 17.19 -31.56 -26.96
CA ARG E 343 18.10 -31.41 -25.83
C ARG E 343 19.51 -31.24 -26.36
N LEU E 344 20.00 -30.00 -26.37
CA LEU E 344 21.34 -29.73 -26.88
C LEU E 344 22.43 -30.29 -25.98
N GLU E 345 22.13 -30.53 -24.70
CA GLU E 345 23.13 -31.07 -23.80
C GLU E 345 23.53 -32.49 -24.18
N GLU E 346 22.63 -33.23 -24.85
CA GLU E 346 22.96 -34.58 -25.26
C GLU E 346 24.08 -34.61 -26.28
N ASN E 347 24.08 -33.65 -27.21
CA ASN E 347 25.07 -33.62 -28.30
C ASN E 347 25.75 -32.25 -28.31
N LEU E 348 26.92 -32.16 -27.71
CA LEU E 348 27.71 -30.94 -27.78
C LEU E 348 28.47 -30.79 -29.09
N GLU E 349 28.58 -31.85 -29.89
CA GLU E 349 29.23 -31.73 -31.18
C GLU E 349 28.43 -30.87 -32.14
N GLN E 350 27.11 -30.86 -32.00
CA GLN E 350 26.24 -30.03 -32.83
C GLN E 350 26.03 -28.64 -32.27
N TYR E 351 26.66 -28.31 -31.13
CA TYR E 351 26.45 -27.01 -30.51
C TYR E 351 26.92 -25.87 -31.41
N ASP E 352 28.08 -26.04 -32.07
CA ASP E 352 28.63 -24.96 -32.87
C ASP E 352 27.72 -24.61 -34.04
N PHE E 353 27.16 -25.62 -34.71
CA PHE E 353 26.33 -25.36 -35.88
C PHE E 353 25.08 -24.56 -35.51
N TRP E 354 24.36 -25.00 -34.48
CA TRP E 354 23.14 -24.32 -34.10
C TRP E 354 23.42 -22.98 -33.43
N ALA E 355 24.56 -22.86 -32.75
CA ALA E 355 24.94 -21.56 -32.20
C ALA E 355 25.23 -20.56 -33.31
N ASP E 356 25.92 -20.99 -34.37
CA ASP E 356 26.18 -20.10 -35.50
C ASP E 356 24.89 -19.75 -36.23
N LYS E 357 23.99 -20.72 -36.38
CA LYS E 357 22.71 -20.43 -37.03
C LYS E 357 21.85 -19.51 -36.18
N PHE E 358 22.01 -19.55 -34.86
CA PHE E 358 21.29 -18.68 -33.95
C PHE E 358 21.94 -17.32 -33.76
N GLU E 359 23.16 -17.12 -34.29
CA GLU E 359 23.87 -15.88 -34.05
C GLU E 359 23.33 -14.71 -34.86
N GLU E 360 22.85 -14.97 -36.08
CA GLU E 360 22.42 -13.90 -36.97
C GLU E 360 21.03 -13.37 -36.67
N LEU E 361 20.29 -14.01 -35.75
CA LEU E 361 18.96 -13.54 -35.43
C LEU E 361 19.03 -12.19 -34.70
N PRO E 362 18.13 -11.27 -35.05
CA PRO E 362 18.12 -9.97 -34.37
C PRO E 362 17.56 -10.06 -32.96
N LEU E 363 18.40 -10.46 -32.01
CA LEU E 363 18.01 -10.65 -30.63
C LEU E 363 18.89 -9.80 -29.73
N TYR E 364 18.31 -9.24 -28.66
CA TYR E 364 19.04 -8.40 -27.75
C TYR E 364 18.49 -8.56 -26.34
N PHE E 365 19.31 -8.20 -25.36
CA PHE E 365 18.93 -8.28 -23.95
C PHE E 365 19.45 -7.03 -23.24
N MET E 366 18.89 -6.77 -22.07
CA MET E 366 19.37 -5.70 -21.20
C MET E 366 20.07 -6.31 -19.99
N THR E 367 21.21 -5.72 -19.62
CA THR E 367 22.03 -6.26 -18.54
C THR E 367 21.40 -6.07 -17.16
N PHE E 368 20.32 -5.32 -17.05
CA PHE E 368 19.70 -5.09 -15.75
C PHE E 368 19.16 -6.39 -15.17
N HIS E 369 19.35 -6.58 -13.86
CA HIS E 369 18.84 -7.75 -13.16
C HIS E 369 18.13 -7.42 -11.85
N GLY E 370 18.43 -6.28 -11.22
CA GLY E 370 17.80 -5.92 -9.98
C GLY E 370 16.73 -4.87 -10.14
N GLN E 371 16.27 -4.30 -9.02
CA GLN E 371 15.26 -3.25 -9.08
C GLN E 371 15.82 -2.01 -9.75
N GLN E 372 15.04 -1.43 -10.65
CA GLN E 372 15.45 -0.23 -11.36
C GLN E 372 14.25 0.70 -11.51
N ASN E 373 14.52 1.99 -11.45
CA ASN E 373 13.47 2.99 -11.63
C ASN E 373 13.06 3.07 -13.09
N ILE E 374 11.87 3.62 -13.32
CA ILE E 374 11.33 3.70 -14.67
C ILE E 374 12.11 4.66 -15.55
N LYS E 375 12.85 5.60 -14.96
CA LYS E 375 13.59 6.58 -15.74
C LYS E 375 14.79 5.98 -16.46
N THR E 376 15.47 5.01 -15.85
CA THR E 376 16.67 4.43 -16.45
C THR E 376 16.38 3.32 -17.43
N VAL E 377 15.37 2.48 -17.16
CA VAL E 377 15.03 1.40 -18.09
C VAL E 377 14.47 1.98 -19.39
N LEU E 378 13.69 3.05 -19.32
CA LEU E 378 13.06 3.60 -20.51
C LEU E 378 14.08 4.21 -21.45
N ASP E 379 15.14 4.83 -20.91
CA ASP E 379 16.16 5.43 -21.75
C ASP E 379 16.87 4.38 -22.60
N THR E 380 17.14 3.21 -22.03
CA THR E 380 17.75 2.13 -22.79
C THR E 380 16.84 1.68 -23.92
N MET E 381 15.53 1.66 -23.68
CA MET E 381 14.60 1.30 -24.75
C MET E 381 14.68 2.27 -25.91
N GLN E 382 14.71 3.58 -25.61
CA GLN E 382 14.81 4.58 -26.66
C GLN E 382 16.13 4.46 -27.40
N HIS E 383 17.23 4.24 -26.67
CA HIS E 383 18.53 4.10 -27.30
C HIS E 383 18.57 2.87 -28.21
N ALA E 384 17.94 1.78 -27.79
CA ALA E 384 17.91 0.58 -28.64
C ALA E 384 17.00 0.76 -29.84
N VAL E 385 15.89 1.49 -29.68
CA VAL E 385 15.02 1.76 -30.80
C VAL E 385 15.73 2.60 -31.86
N TYR E 386 16.46 3.62 -31.41
CA TYR E 386 17.16 4.50 -32.34
C TYR E 386 18.29 3.82 -33.09
N LEU E 387 18.73 2.64 -32.66
CA LEU E 387 19.86 1.97 -33.29
C LEU E 387 19.47 0.67 -33.99
N TYR E 388 18.85 -0.26 -33.27
CA TYR E 388 18.57 -1.58 -33.83
C TYR E 388 17.22 -1.67 -34.54
N ASP E 389 16.43 -0.61 -34.48
CA ASP E 389 15.08 -0.65 -35.09
C ASP E 389 14.32 -1.85 -34.56
N ILE E 390 14.07 -1.91 -33.25
CA ILE E 390 13.32 -2.98 -32.63
C ILE E 390 11.85 -2.59 -32.58
N ASN E 391 10.97 -3.60 -32.63
CA ASN E 391 9.53 -3.37 -32.61
C ASN E 391 8.82 -4.29 -31.62
N HIS E 392 9.55 -4.90 -30.70
CA HIS E 392 8.96 -5.80 -29.71
C HIS E 392 9.87 -5.83 -28.49
N VAL E 393 9.49 -5.09 -27.46
CA VAL E 393 10.21 -5.06 -26.19
C VAL E 393 9.36 -5.77 -25.14
N ILE E 394 9.96 -6.73 -24.46
CA ILE E 394 9.26 -7.56 -23.46
C ILE E 394 9.85 -7.25 -22.10
N ILE E 395 8.97 -6.96 -21.14
CA ILE E 395 9.37 -6.68 -19.76
C ILE E 395 8.78 -7.76 -18.86
N ASP E 396 9.66 -8.36 -18.07
CA ASP E 396 9.26 -9.47 -17.18
C ASP E 396 9.11 -8.98 -15.74
N ASN E 397 8.01 -9.34 -15.10
CA ASN E 397 7.83 -9.12 -13.67
C ASN E 397 7.82 -7.61 -13.34
N LEU E 398 6.78 -6.94 -13.82
CA LEU E 398 6.59 -5.53 -13.50
C LEU E 398 6.59 -5.31 -11.99
N GLN E 399 6.09 -6.28 -11.22
CA GLN E 399 6.15 -6.18 -9.76
C GLN E 399 7.58 -6.09 -9.24
N PHE E 400 8.52 -6.77 -9.89
CA PHE E 400 9.92 -6.69 -9.47
C PHE E 400 10.50 -5.32 -9.75
N MET E 401 10.20 -4.76 -10.92
CA MET E 401 10.65 -3.42 -11.25
C MET E 401 10.03 -2.38 -10.32
N MET E 402 8.72 -2.51 -10.06
CA MET E 402 8.03 -1.51 -9.26
C MET E 402 8.39 -1.63 -7.78
N GLY E 403 8.75 -2.82 -7.33
CA GLY E 403 9.01 -3.07 -5.91
C GLY E 403 10.10 -2.18 -5.34
N GLN E 404 9.70 -1.26 -4.46
CA GLN E 404 10.64 -0.34 -3.82
C GLN E 404 10.67 -0.54 -2.32
N ILE E 409 5.82 7.37 -0.88
CA ILE E 409 5.61 6.04 -1.43
C ILE E 409 4.31 6.02 -2.24
N ASP E 410 3.18 5.88 -1.55
CA ASP E 410 1.85 5.88 -2.16
C ASP E 410 1.74 4.79 -3.23
N LYS E 411 1.83 3.55 -2.75
CA LYS E 411 1.69 2.39 -3.62
C LYS E 411 0.32 2.41 -4.31
N TYR E 412 0.22 1.63 -5.39
CA TYR E 412 -0.91 1.63 -6.34
C TYR E 412 -0.97 2.91 -7.16
N ALA E 413 0.07 3.74 -7.11
CA ALA E 413 0.15 4.94 -7.92
C ALA E 413 1.41 4.97 -8.77
N VAL E 414 2.52 4.45 -8.27
CA VAL E 414 3.72 4.33 -9.09
C VAL E 414 3.51 3.29 -10.19
N GLN E 415 2.76 2.23 -9.89
CA GLN E 415 2.45 1.24 -10.92
C GLN E 415 1.65 1.85 -12.06
N ASP E 416 0.64 2.66 -11.73
CA ASP E 416 -0.13 3.33 -12.76
C ASP E 416 0.74 4.29 -13.55
N HIS E 417 1.67 4.98 -12.87
CA HIS E 417 2.55 5.91 -13.55
C HIS E 417 3.45 5.18 -14.55
N ILE E 418 4.04 4.06 -14.14
CA ILE E 418 4.93 3.34 -15.06
C ILE E 418 4.14 2.70 -16.19
N ILE E 419 2.92 2.23 -15.92
CA ILE E 419 2.09 1.68 -16.99
C ILE E 419 1.74 2.76 -18.01
N GLY E 420 1.39 3.95 -17.52
CA GLY E 420 1.13 5.06 -18.43
C GLY E 420 2.35 5.45 -19.24
N ALA E 421 3.52 5.44 -18.60
CA ALA E 421 4.75 5.74 -19.34
C ALA E 421 5.01 4.71 -20.43
N PHE E 422 4.79 3.42 -20.11
CA PHE E 422 4.96 2.39 -21.11
C PHE E 422 3.99 2.56 -22.27
N ARG E 423 2.73 2.87 -21.96
CA ARG E 423 1.74 3.08 -23.02
C ARG E 423 2.10 4.27 -23.90
N LYS E 424 2.54 5.36 -23.28
CA LYS E 424 2.95 6.54 -24.07
C LYS E 424 4.15 6.20 -24.94
N PHE E 425 5.13 5.48 -24.40
CA PHE E 425 6.28 5.08 -25.20
C PHE E 425 5.87 4.18 -26.36
N ALA E 426 4.93 3.26 -26.12
CA ALA E 426 4.49 2.37 -27.18
C ALA E 426 3.76 3.13 -28.28
N THR E 427 2.87 4.06 -27.91
CA THR E 427 2.09 4.75 -28.91
C THR E 427 2.92 5.79 -29.65
N ASN E 428 3.97 6.32 -29.02
CA ASN E 428 4.82 7.30 -29.68
C ASN E 428 5.95 6.68 -30.48
N THR E 429 6.14 5.36 -30.39
CA THR E 429 7.20 4.67 -31.10
C THR E 429 6.68 3.53 -31.98
N SER E 430 5.48 3.02 -31.70
CA SER E 430 4.89 1.91 -32.45
C SER E 430 5.74 0.64 -32.31
N CYS E 431 5.90 0.21 -31.07
CA CYS E 431 6.57 -1.05 -30.74
C CYS E 431 5.69 -1.83 -29.77
N HIS E 432 5.48 -3.11 -30.06
CA HIS E 432 4.60 -3.96 -29.28
C HIS E 432 5.26 -4.26 -27.94
N VAL E 433 4.75 -3.64 -26.88
CA VAL E 433 5.29 -3.84 -25.54
C VAL E 433 4.48 -4.92 -24.85
N THR E 434 5.16 -5.94 -24.35
CA THR E 434 4.55 -7.04 -23.61
C THR E 434 4.94 -6.94 -22.15
N LEU E 435 3.95 -7.05 -21.26
CA LEU E 435 4.16 -6.90 -19.83
C LEU E 435 3.66 -8.15 -19.12
N ILE E 436 4.45 -8.65 -18.18
CA ILE E 436 4.10 -9.83 -17.39
C ILE E 436 3.86 -9.36 -15.96
N ILE E 437 2.59 -9.37 -15.55
CA ILE E 437 2.17 -8.86 -14.25
C ILE E 437 1.60 -9.99 -13.43
N HIS E 438 2.06 -10.14 -12.19
CA HIS E 438 1.53 -11.17 -11.32
C HIS E 438 0.09 -10.84 -10.93
N PRO E 439 -0.72 -11.86 -10.65
CA PRO E 439 -2.06 -11.63 -10.11
C PRO E 439 -2.06 -11.55 -8.59
N ARG E 440 -3.17 -11.08 -8.06
CA ARG E 440 -3.34 -11.04 -6.62
C ARG E 440 -3.53 -12.45 -6.07
N LYS E 441 -3.44 -12.59 -4.75
CA LYS E 441 -3.49 -13.89 -4.10
C LYS E 441 -4.86 -14.50 -4.29
N GLU E 442 -4.96 -15.51 -5.16
CA GLU E 442 -6.21 -16.20 -5.42
C GLU E 442 -6.37 -17.36 -4.43
N GLU E 443 -7.42 -18.15 -4.60
CA GLU E 443 -7.71 -19.28 -3.72
C GLU E 443 -7.26 -20.61 -4.31
N ASP E 444 -6.50 -20.58 -5.41
CA ASP E 444 -5.95 -21.75 -6.09
C ASP E 444 -7.02 -22.68 -6.67
N ASP E 445 -8.30 -22.31 -6.61
CA ASP E 445 -9.37 -23.11 -7.17
C ASP E 445 -10.32 -22.26 -8.02
N ARG E 446 -9.93 -21.04 -8.37
CA ARG E 446 -10.76 -20.13 -9.14
C ARG E 446 -10.03 -19.74 -10.41
N GLU E 447 -10.77 -19.74 -11.52
CA GLU E 447 -10.18 -19.31 -12.79
C GLU E 447 -9.78 -17.84 -12.71
N LEU E 448 -8.59 -17.54 -13.22
CA LEU E 448 -8.06 -16.19 -13.18
C LEU E 448 -8.88 -15.29 -14.10
N GLN E 449 -9.64 -14.36 -13.52
CA GLN E 449 -10.41 -13.42 -14.31
C GLN E 449 -9.53 -12.26 -14.76
N THR E 450 -10.08 -11.46 -15.68
CA THR E 450 -9.36 -10.29 -16.17
C THR E 450 -9.24 -9.19 -15.12
N ALA E 451 -9.98 -9.28 -14.02
CA ALA E 451 -9.91 -8.32 -12.93
C ALA E 451 -8.92 -8.73 -11.85
N SER E 452 -8.18 -9.82 -12.05
CA SER E 452 -7.25 -10.34 -11.06
C SER E 452 -5.86 -9.74 -11.18
N ILE E 453 -5.67 -8.78 -12.09
CA ILE E 453 -4.37 -8.13 -12.23
C ILE E 453 -4.05 -7.37 -10.95
N PHE E 454 -2.87 -7.61 -10.40
CA PHE E 454 -2.47 -6.95 -9.17
C PHE E 454 -2.29 -5.45 -9.41
N GLY E 455 -2.78 -4.65 -8.46
CA GLY E 455 -2.65 -3.20 -8.57
C GLY E 455 -3.97 -2.55 -8.91
N SER E 456 -3.91 -1.34 -9.47
CA SER E 456 -5.12 -0.66 -9.89
C SER E 456 -5.65 -1.30 -11.16
N ALA E 457 -6.85 -0.87 -11.58
CA ALA E 457 -7.46 -1.41 -12.78
C ALA E 457 -6.99 -0.72 -14.05
N LYS E 458 -6.06 0.23 -13.93
CA LYS E 458 -5.62 0.99 -15.11
C LYS E 458 -5.01 0.06 -16.17
N ALA E 459 -4.33 -1.00 -15.73
CA ALA E 459 -3.73 -1.93 -16.68
C ALA E 459 -4.79 -2.61 -17.53
N SER E 460 -5.90 -3.00 -16.91
CA SER E 460 -6.96 -3.69 -17.66
C SER E 460 -7.62 -2.79 -18.70
N GLN E 461 -7.93 -1.55 -18.34
CA GLN E 461 -8.57 -0.66 -19.31
C GLN E 461 -7.58 -0.24 -20.41
N GLU E 462 -6.32 -0.04 -20.04
CA GLU E 462 -5.34 0.64 -20.87
C GLU E 462 -4.58 -0.30 -21.80
N ALA E 463 -4.64 -1.60 -21.56
CA ALA E 463 -3.94 -2.56 -22.41
C ALA E 463 -4.82 -3.03 -23.56
N ASP E 464 -4.17 -3.49 -24.63
CA ASP E 464 -4.87 -3.92 -25.82
C ASP E 464 -5.10 -5.43 -25.90
N ASN E 465 -4.30 -6.23 -25.20
CA ASN E 465 -4.49 -7.66 -25.16
C ASN E 465 -4.19 -8.17 -23.76
N VAL E 466 -5.03 -9.08 -23.27
CA VAL E 466 -5.01 -9.48 -21.88
C VAL E 466 -4.75 -10.99 -21.81
N LEU E 467 -3.89 -11.48 -22.69
CA LEU E 467 -3.46 -12.88 -22.69
C LEU E 467 -3.21 -13.37 -21.27
N ILE E 468 -3.93 -14.40 -20.87
CA ILE E 468 -3.95 -14.86 -19.48
C ILE E 468 -3.88 -16.38 -19.46
N LEU E 469 -3.02 -16.92 -18.62
CA LEU E 469 -2.86 -18.37 -18.48
C LEU E 469 -3.81 -18.91 -17.40
N GLN E 470 -4.10 -20.20 -17.52
CA GLN E 470 -4.93 -20.91 -16.55
C GLN E 470 -4.24 -22.21 -16.16
N GLU E 471 -4.47 -22.66 -14.94
CA GLU E 471 -3.85 -23.86 -14.40
C GLU E 471 -4.91 -24.80 -13.87
N LYS E 472 -4.70 -26.10 -14.08
CA LYS E 472 -5.54 -27.15 -13.52
C LYS E 472 -4.69 -27.92 -12.52
N LYS E 473 -4.74 -27.49 -11.26
CA LYS E 473 -3.86 -28.01 -10.22
C LYS E 473 -4.19 -29.47 -9.93
N LEU E 474 -3.30 -30.36 -10.38
CA LEU E 474 -3.33 -31.76 -9.98
C LEU E 474 -2.40 -31.95 -8.78
N VAL E 475 -2.13 -33.20 -8.41
CA VAL E 475 -1.31 -33.50 -7.26
C VAL E 475 0.12 -33.81 -7.70
N THR E 476 0.28 -34.33 -8.92
CA THR E 476 1.58 -34.74 -9.43
C THR E 476 1.68 -34.32 -10.89
N CYS E 477 2.50 -33.29 -11.16
CA CYS E 477 2.75 -32.79 -12.51
C CYS E 477 1.44 -32.49 -13.22
N PRO E 478 0.73 -31.42 -12.86
CA PRO E 478 -0.60 -31.16 -13.44
C PRO E 478 -0.60 -31.04 -14.95
N GLY E 479 0.16 -30.10 -15.49
CA GLY E 479 0.18 -29.90 -16.92
C GLY E 479 -1.15 -29.37 -17.44
N ARG E 480 -1.33 -29.50 -18.76
CA ARG E 480 -2.53 -29.06 -19.46
C ARG E 480 -2.82 -27.58 -19.19
N ARG E 481 -1.85 -26.74 -19.50
CA ARG E 481 -2.03 -25.30 -19.35
C ARG E 481 -2.99 -24.77 -20.41
N SER E 482 -3.86 -23.85 -19.99
CA SER E 482 -4.88 -23.28 -20.86
C SER E 482 -4.66 -21.77 -20.96
N LEU E 483 -4.82 -21.25 -22.17
CA LEU E 483 -4.64 -19.83 -22.45
C LEU E 483 -5.96 -19.23 -22.89
N GLN E 484 -6.33 -18.10 -22.28
CA GLN E 484 -7.53 -17.37 -22.65
C GLN E 484 -7.15 -15.99 -23.17
N VAL E 485 -8.00 -15.43 -24.02
CA VAL E 485 -7.83 -14.07 -24.54
C VAL E 485 -9.10 -13.32 -24.14
N THR E 486 -9.07 -12.67 -22.99
CA THR E 486 -10.27 -12.00 -22.47
C THR E 486 -10.60 -10.73 -23.24
N LYS E 487 -9.59 -10.00 -23.72
CA LYS E 487 -9.82 -8.75 -24.43
C LYS E 487 -9.02 -8.75 -25.72
N ASN E 488 -9.57 -8.09 -26.74
CA ASN E 488 -8.91 -7.99 -28.05
C ASN E 488 -9.44 -6.74 -28.72
N ARG E 489 -8.64 -5.67 -28.70
CA ARG E 489 -9.09 -4.40 -29.25
C ARG E 489 -9.34 -4.48 -30.75
N PHE E 490 -8.44 -5.13 -31.49
CA PHE E 490 -8.58 -5.27 -32.93
C PHE E 490 -9.23 -6.62 -33.22
N ASP E 491 -10.36 -6.59 -33.92
CA ASP E 491 -11.10 -7.81 -34.27
C ASP E 491 -11.44 -8.61 -33.02
N GLY E 492 -12.29 -8.02 -32.18
CA GLY E 492 -12.64 -8.58 -30.90
C GLY E 492 -13.06 -10.04 -30.94
N ASP E 493 -12.22 -10.91 -30.38
CA ASP E 493 -12.48 -12.34 -30.37
C ASP E 493 -11.93 -12.93 -29.07
N VAL E 494 -12.71 -13.82 -28.47
CA VAL E 494 -12.35 -14.46 -27.21
C VAL E 494 -12.42 -15.96 -27.40
N GLY E 495 -11.38 -16.66 -26.99
CA GLY E 495 -11.35 -18.11 -27.12
C GLY E 495 -10.21 -18.69 -26.30
N ILE E 496 -10.31 -19.99 -26.06
CA ILE E 496 -9.31 -20.73 -25.29
C ILE E 496 -8.88 -21.95 -26.08
N PHE E 497 -7.68 -22.43 -25.77
CA PHE E 497 -7.14 -23.63 -26.41
C PHE E 497 -6.11 -24.27 -25.51
N PRO E 498 -6.28 -25.54 -25.15
CA PRO E 498 -5.31 -26.19 -24.26
C PRO E 498 -3.95 -26.33 -24.91
N LEU E 499 -2.91 -26.34 -24.07
CA LEU E 499 -1.54 -26.48 -24.53
C LEU E 499 -0.88 -27.64 -23.80
N ASP E 500 0.03 -28.31 -24.50
CA ASP E 500 0.84 -29.38 -23.93
C ASP E 500 2.31 -28.99 -23.99
N PHE E 501 3.10 -29.61 -23.12
CA PHE E 501 4.50 -29.26 -22.95
C PHE E 501 5.37 -30.47 -23.27
N ILE E 502 6.27 -30.31 -24.24
CA ILE E 502 7.26 -31.34 -24.53
C ILE E 502 8.46 -31.09 -23.63
N LYS E 503 8.65 -31.97 -22.63
CA LYS E 503 9.72 -31.77 -21.66
C LYS E 503 11.09 -31.85 -22.31
N SER E 504 11.24 -32.67 -23.35
CA SER E 504 12.55 -32.85 -23.97
C SER E 504 13.05 -31.56 -24.62
N SER E 505 12.18 -30.88 -25.35
CA SER E 505 12.58 -29.69 -26.11
C SER E 505 12.26 -28.38 -25.40
N LEU E 506 11.64 -28.44 -24.23
CA LEU E 506 11.27 -27.25 -23.47
C LEU E 506 10.39 -26.30 -24.29
N THR E 507 9.54 -26.86 -25.15
CA THR E 507 8.70 -26.07 -26.03
C THR E 507 7.24 -26.37 -25.77
N PHE E 508 6.40 -25.36 -25.94
CA PHE E 508 4.96 -25.51 -25.83
C PHE E 508 4.41 -25.94 -27.18
N SER E 509 4.04 -27.22 -27.31
CA SER E 509 3.68 -27.77 -28.59
C SER E 509 2.31 -27.28 -29.04
N ALA E 510 1.90 -27.75 -30.22
CA ALA E 510 0.59 -27.42 -30.74
C ALA E 510 -0.48 -28.04 -29.85
N PRO E 511 -1.68 -27.44 -29.81
CA PRO E 511 -2.74 -28.00 -28.97
C PRO E 511 -3.09 -29.43 -29.35
N ILE E 512 -3.28 -30.27 -28.35
CA ILE E 512 -3.59 -31.67 -28.56
C ILE E 512 -4.82 -32.06 -27.76
N ALA F 242 -38.28 46.74 -3.74
CA ALA F 242 -38.68 45.52 -4.42
C ALA F 242 -38.19 45.50 -5.86
N ALA F 243 -36.89 45.73 -6.05
CA ALA F 243 -36.31 45.78 -7.38
C ALA F 243 -34.97 45.06 -7.50
N HIS F 244 -34.54 44.32 -6.48
CA HIS F 244 -33.25 43.66 -6.53
C HIS F 244 -33.35 42.37 -7.37
N LYS F 245 -32.31 41.54 -7.30
CA LYS F 245 -32.16 40.40 -8.20
C LYS F 245 -33.15 39.27 -7.93
N SER F 246 -33.90 39.32 -6.84
CA SER F 246 -34.93 38.32 -6.58
C SER F 246 -35.99 38.44 -7.67
N ILE F 247 -36.05 37.44 -8.56
CA ILE F 247 -36.94 37.53 -9.71
C ILE F 247 -38.40 37.52 -9.25
N VAL F 248 -39.23 38.28 -9.94
CA VAL F 248 -40.64 38.43 -9.59
C VAL F 248 -41.36 37.16 -10.06
N SER F 249 -42.63 37.02 -9.68
CA SER F 249 -43.39 35.82 -9.98
C SER F 249 -43.78 35.80 -11.46
N PHE F 250 -44.71 34.90 -11.81
CA PHE F 250 -45.07 34.59 -13.18
C PHE F 250 -45.53 35.79 -14.02
N LYS F 251 -45.66 36.97 -13.40
CA LYS F 251 -46.11 38.14 -14.16
C LYS F 251 -45.18 38.47 -15.32
N GLN F 252 -43.93 37.98 -15.29
CA GLN F 252 -43.03 38.09 -16.43
C GLN F 252 -42.51 36.75 -16.91
N LEU F 253 -42.76 35.66 -16.17
CA LEU F 253 -42.33 34.33 -16.57
C LEU F 253 -43.44 33.49 -17.19
N ARG F 254 -44.66 34.02 -17.27
CA ARG F 254 -45.76 33.26 -17.86
C ARG F 254 -45.53 32.99 -19.34
N GLU F 255 -44.98 33.98 -20.06
CA GLU F 255 -44.78 33.83 -21.49
C GLU F 255 -43.79 32.70 -21.80
N ASP F 256 -42.71 32.60 -21.02
CA ASP F 256 -41.74 31.54 -21.25
C ASP F 256 -42.35 30.16 -21.01
N VAL F 257 -43.16 30.03 -19.96
CA VAL F 257 -43.83 28.76 -19.69
C VAL F 257 -44.79 28.40 -20.82
N TYR F 258 -45.55 29.39 -21.31
CA TYR F 258 -46.44 29.12 -22.43
C TYR F 258 -45.67 28.71 -23.68
N GLY F 259 -44.55 29.37 -23.95
CA GLY F 259 -43.74 29.00 -25.10
C GLY F 259 -43.19 27.59 -24.99
N GLU F 260 -42.72 27.22 -23.79
CA GLU F 260 -42.22 25.86 -23.59
C GLU F 260 -43.34 24.83 -23.74
N LEU F 261 -44.52 25.13 -23.22
CA LEU F 261 -45.64 24.20 -23.31
C LEU F 261 -46.18 24.08 -24.73
N LEU F 262 -46.02 25.13 -25.55
CA LEU F 262 -46.54 25.09 -26.91
C LEU F 262 -45.79 24.09 -27.78
N ASN F 263 -44.45 24.13 -27.76
CA ASN F 263 -43.64 23.25 -28.59
C ASN F 263 -43.19 22.04 -27.78
N THR F 264 -44.17 21.20 -27.44
CA THR F 264 -43.88 19.99 -26.66
C THR F 264 -42.97 19.04 -27.42
N GLU F 265 -43.05 19.04 -28.75
CA GLU F 265 -42.21 18.19 -29.58
C GLU F 265 -40.83 18.80 -29.83
N GLN F 266 -40.58 20.03 -29.35
CA GLN F 266 -39.27 20.64 -29.46
C GLN F 266 -38.44 20.53 -28.19
N VAL F 267 -39.07 20.36 -27.02
CA VAL F 267 -38.32 20.10 -25.80
C VAL F 267 -37.56 18.78 -25.93
N ALA F 268 -38.25 17.74 -26.39
CA ALA F 268 -37.57 16.51 -26.78
C ALA F 268 -37.13 16.62 -28.23
N GLY F 269 -35.82 16.69 -28.45
CA GLY F 269 -35.30 17.02 -29.76
C GLY F 269 -35.24 15.87 -30.74
N VAL F 270 -34.09 15.71 -31.39
CA VAL F 270 -33.97 14.72 -32.46
C VAL F 270 -34.12 13.32 -31.90
N LYS F 271 -34.95 12.52 -32.57
CA LYS F 271 -35.13 11.12 -32.21
C LYS F 271 -34.12 10.27 -32.97
N TRP F 272 -34.11 8.97 -32.67
CA TRP F 272 -33.19 8.04 -33.30
C TRP F 272 -33.89 7.22 -34.36
N THR F 273 -33.16 6.89 -35.43
CA THR F 273 -33.68 6.14 -36.55
C THR F 273 -33.32 4.67 -36.49
N ARG F 274 -32.06 4.35 -36.16
CA ARG F 274 -31.60 2.97 -36.07
C ARG F 274 -31.79 2.37 -34.68
N PHE F 275 -32.29 3.15 -33.72
CA PHE F 275 -32.43 2.70 -32.33
C PHE F 275 -33.86 2.98 -31.88
N PRO F 276 -34.81 2.13 -32.26
CA PRO F 276 -36.20 2.34 -31.82
C PRO F 276 -36.37 2.24 -30.31
N GLU F 277 -35.53 1.46 -29.62
CA GLU F 277 -35.68 1.32 -28.17
C GLU F 277 -35.34 2.61 -27.44
N LEU F 278 -34.31 3.32 -27.89
CA LEU F 278 -33.96 4.59 -27.25
C LEU F 278 -35.01 5.67 -27.45
N ASN F 279 -35.92 5.50 -28.41
CA ASN F 279 -37.00 6.46 -28.60
C ASN F 279 -38.12 6.30 -27.59
N ARG F 280 -38.18 5.18 -26.89
CA ARG F 280 -39.20 4.95 -25.88
C ARG F 280 -38.63 4.92 -24.46
N ILE F 281 -37.35 5.25 -24.29
CA ILE F 281 -36.74 5.28 -22.97
C ILE F 281 -36.25 6.69 -22.67
N LEU F 282 -35.34 7.20 -23.49
CA LEU F 282 -34.82 8.55 -23.33
C LEU F 282 -35.73 9.62 -23.92
N LYS F 283 -36.77 9.22 -24.65
CA LYS F 283 -37.74 10.12 -25.28
C LYS F 283 -37.11 11.05 -26.31
N GLY F 284 -35.87 10.80 -26.71
CA GLY F 284 -35.20 11.58 -27.73
C GLY F 284 -33.88 12.10 -27.21
N HIS F 285 -33.35 13.11 -27.91
CA HIS F 285 -32.09 13.74 -27.57
C HIS F 285 -32.33 15.24 -27.36
N ARG F 286 -32.01 15.73 -26.16
CA ARG F 286 -32.30 17.10 -25.79
C ARG F 286 -30.98 17.85 -25.59
N LYS F 287 -30.91 19.07 -26.11
CA LYS F 287 -29.71 19.88 -25.98
C LYS F 287 -29.55 20.38 -24.55
N GLY F 288 -28.32 20.71 -24.18
CA GLY F 288 -28.03 21.29 -22.89
C GLY F 288 -27.94 20.32 -21.73
N GLU F 289 -27.84 19.02 -22.00
CA GLU F 289 -27.75 18.02 -20.94
C GLU F 289 -26.42 17.29 -21.02
N LEU F 290 -25.90 16.91 -19.87
CA LEU F 290 -24.65 16.17 -19.77
C LEU F 290 -24.95 14.71 -19.45
N THR F 291 -24.34 13.80 -20.21
CA THR F 291 -24.54 12.37 -20.05
C THR F 291 -23.21 11.67 -19.87
N VAL F 292 -23.22 10.57 -19.11
CA VAL F 292 -22.03 9.78 -18.82
C VAL F 292 -22.25 8.36 -19.31
N PHE F 293 -21.21 7.78 -19.91
CA PHE F 293 -21.26 6.44 -20.44
C PHE F 293 -20.17 5.59 -19.79
N THR F 294 -20.52 4.34 -19.47
CA THR F 294 -19.58 3.45 -18.81
C THR F 294 -19.95 2.01 -19.12
N GLY F 295 -18.99 1.12 -18.93
CA GLY F 295 -19.20 -0.29 -19.18
C GLY F 295 -17.97 -1.12 -18.86
N PRO F 296 -18.09 -2.44 -18.97
CA PRO F 296 -16.95 -3.31 -18.70
C PRO F 296 -15.83 -3.10 -19.72
N THR F 297 -14.64 -3.54 -19.35
CA THR F 297 -13.47 -3.35 -20.19
C THR F 297 -13.64 -4.06 -21.53
N GLY F 298 -13.37 -3.34 -22.61
CA GLY F 298 -13.46 -3.93 -23.94
C GLY F 298 -14.83 -4.44 -24.28
N SER F 299 -15.88 -3.78 -23.78
CA SER F 299 -17.25 -4.18 -24.05
C SER F 299 -17.84 -3.50 -25.27
N GLY F 300 -17.13 -2.55 -25.88
CA GLY F 300 -17.62 -1.88 -27.06
C GLY F 300 -18.20 -0.51 -26.77
N LYS F 301 -17.67 0.18 -25.76
CA LYS F 301 -18.16 1.50 -25.42
C LYS F 301 -17.94 2.48 -26.57
N THR F 302 -16.75 2.45 -27.17
CA THR F 302 -16.47 3.37 -28.27
C THR F 302 -17.31 3.05 -29.51
N THR F 303 -17.50 1.76 -29.80
CA THR F 303 -18.26 1.39 -30.99
C THR F 303 -19.71 1.82 -30.87
N PHE F 304 -20.34 1.58 -29.72
CA PHE F 304 -21.73 1.97 -29.53
C PHE F 304 -21.90 3.48 -29.59
N ILE F 305 -21.01 4.22 -28.95
CA ILE F 305 -21.08 5.68 -28.98
C ILE F 305 -20.90 6.18 -30.41
N SER F 306 -20.01 5.55 -31.17
CA SER F 306 -19.85 5.92 -32.57
C SER F 306 -21.14 5.71 -33.35
N GLU F 307 -21.83 4.59 -33.10
CA GLU F 307 -23.10 4.33 -33.78
C GLU F 307 -24.15 5.36 -33.41
N VAL F 308 -24.25 5.71 -32.13
CA VAL F 308 -25.24 6.70 -31.70
C VAL F 308 -24.94 8.06 -32.33
N ALA F 309 -23.66 8.46 -32.33
CA ALA F 309 -23.28 9.73 -32.92
C ALA F 309 -23.56 9.75 -34.42
N LEU F 310 -23.29 8.65 -35.11
CA LEU F 310 -23.55 8.58 -36.54
C LEU F 310 -25.05 8.65 -36.82
N ASP F 311 -25.86 7.98 -35.99
CA ASP F 311 -27.30 8.04 -36.18
C ASP F 311 -27.83 9.45 -35.95
N LEU F 312 -27.33 10.16 -34.95
CA LEU F 312 -27.78 11.51 -34.68
C LEU F 312 -27.27 12.53 -35.68
N CYS F 313 -26.07 12.34 -36.22
CA CYS F 313 -25.47 13.32 -37.12
C CYS F 313 -26.10 13.33 -38.50
N ILE F 314 -26.92 12.34 -38.83
CA ILE F 314 -27.48 12.25 -40.19
C ILE F 314 -28.43 13.41 -40.45
N GLN F 315 -29.36 13.65 -39.53
CA GLN F 315 -30.43 14.60 -39.83
C GLN F 315 -30.01 16.05 -39.60
N GLY F 316 -29.77 16.43 -38.34
CA GLY F 316 -29.44 17.81 -38.04
C GLY F 316 -28.22 18.04 -37.18
N VAL F 317 -27.86 17.05 -36.37
CA VAL F 317 -26.93 17.27 -35.27
C VAL F 317 -25.51 17.39 -35.81
N ASN F 318 -24.81 18.44 -35.40
CA ASN F 318 -23.40 18.62 -35.71
C ASN F 318 -22.58 18.08 -34.54
N THR F 319 -21.70 17.13 -34.82
CA THR F 319 -21.00 16.42 -33.76
C THR F 319 -19.51 16.74 -33.79
N LEU F 320 -18.90 16.67 -32.60
CA LEU F 320 -17.46 16.83 -32.42
C LEU F 320 -16.94 15.65 -31.64
N TRP F 321 -15.85 15.04 -32.11
CA TRP F 321 -15.31 13.83 -31.52
C TRP F 321 -13.96 14.11 -30.86
N GLY F 322 -13.84 13.72 -29.59
CA GLY F 322 -12.56 13.73 -28.93
C GLY F 322 -11.99 12.33 -28.82
N SER F 323 -11.02 12.01 -29.68
CA SER F 323 -10.45 10.67 -29.75
C SER F 323 -9.14 10.65 -28.96
N PHE F 324 -9.26 10.39 -27.66
CA PHE F 324 -8.11 10.35 -26.76
C PHE F 324 -7.49 8.97 -26.64
N GLN F 325 -8.11 7.94 -27.21
CA GLN F 325 -7.59 6.58 -27.13
C GLN F 325 -7.30 5.97 -28.49
N ILE F 326 -8.18 6.16 -29.46
CA ILE F 326 -8.02 5.64 -30.81
C ILE F 326 -7.63 6.80 -31.72
N ASN F 327 -6.59 6.60 -32.52
CA ASN F 327 -6.15 7.64 -33.44
C ASN F 327 -7.25 7.93 -34.47
N ASN F 328 -7.20 9.14 -35.03
CA ASN F 328 -8.30 9.65 -35.84
C ASN F 328 -8.52 8.88 -37.13
N VAL F 329 -7.59 8.05 -37.57
CA VAL F 329 -7.73 7.28 -38.79
C VAL F 329 -8.56 6.02 -38.56
N ARG F 330 -8.25 5.29 -37.49
CA ARG F 330 -9.00 4.07 -37.20
C ARG F 330 -10.44 4.36 -36.83
N LEU F 331 -10.67 5.44 -36.06
CA LEU F 331 -12.03 5.85 -35.74
C LEU F 331 -12.79 6.24 -37.00
N ALA F 332 -12.11 6.94 -37.92
CA ALA F 332 -12.74 7.29 -39.20
C ALA F 332 -13.11 6.04 -39.97
N LYS F 333 -12.23 5.04 -40.00
CA LYS F 333 -12.56 3.78 -40.65
C LYS F 333 -13.78 3.13 -40.03
N ILE F 334 -13.83 3.08 -38.69
CA ILE F 334 -14.95 2.42 -38.02
C ILE F 334 -16.25 3.13 -38.33
N MET F 335 -16.25 4.46 -38.28
CA MET F 335 -17.47 5.22 -38.54
C MET F 335 -17.89 5.07 -40.00
N LEU F 336 -16.93 5.07 -40.92
CA LEU F 336 -17.26 4.89 -42.34
C LEU F 336 -17.84 3.50 -42.59
N THR F 337 -17.26 2.47 -41.98
CA THR F 337 -17.78 1.12 -42.14
C THR F 337 -19.18 1.00 -41.57
N GLN F 338 -19.43 1.63 -40.42
CA GLN F 338 -20.77 1.64 -39.84
C GLN F 338 -21.76 2.33 -40.78
N PHE F 339 -21.35 3.45 -41.38
CA PHE F 339 -22.24 4.15 -42.31
C PHE F 339 -22.53 3.33 -43.55
N ALA F 340 -21.52 2.66 -44.10
CA ALA F 340 -21.68 1.97 -45.38
C ALA F 340 -22.57 0.74 -45.29
N MET F 341 -22.83 0.25 -44.08
CA MET F 341 -23.67 -0.92 -43.85
C MET F 341 -23.12 -2.17 -44.53
N GLN F 342 -21.84 -2.14 -44.90
CA GLN F 342 -21.21 -3.28 -45.58
C GLN F 342 -19.71 -3.15 -45.45
N ARG F 343 -19.01 -4.27 -45.62
CA ARG F 343 -17.56 -4.29 -45.55
C ARG F 343 -16.99 -3.54 -46.75
N LEU F 344 -16.49 -2.33 -46.50
CA LEU F 344 -15.93 -1.52 -47.59
C LEU F 344 -14.62 -2.08 -48.11
N GLU F 345 -13.93 -2.90 -47.31
CA GLU F 345 -12.68 -3.49 -47.78
C GLU F 345 -12.90 -4.48 -48.91
N GLU F 346 -14.07 -5.11 -48.96
CA GLU F 346 -14.36 -6.06 -50.03
C GLU F 346 -14.43 -5.36 -51.38
N ASN F 347 -15.03 -4.18 -51.44
CA ASN F 347 -15.26 -3.47 -52.69
C ASN F 347 -14.62 -2.08 -52.60
N LEU F 348 -13.42 -1.94 -53.17
CA LEU F 348 -12.80 -0.63 -53.26
C LEU F 348 -13.31 0.20 -54.43
N GLU F 349 -14.02 -0.42 -55.38
CA GLU F 349 -14.59 0.33 -56.48
C GLU F 349 -15.69 1.28 -56.01
N GLN F 350 -16.42 0.89 -54.97
CA GLN F 350 -17.49 1.73 -54.42
C GLN F 350 -16.99 2.65 -53.32
N TYR F 351 -15.69 2.66 -53.05
CA TYR F 351 -15.16 3.53 -51.99
C TYR F 351 -15.40 5.00 -52.31
N ASP F 352 -15.20 5.40 -53.57
CA ASP F 352 -15.34 6.80 -53.94
C ASP F 352 -16.75 7.29 -53.72
N PHE F 353 -17.76 6.48 -54.09
CA PHE F 353 -19.14 6.91 -53.96
C PHE F 353 -19.53 7.12 -52.51
N TRP F 354 -19.20 6.16 -51.64
CA TRP F 354 -19.55 6.29 -50.23
C TRP F 354 -18.76 7.40 -49.56
N ALA F 355 -17.48 7.57 -49.93
CA ALA F 355 -16.69 8.67 -49.36
C ALA F 355 -17.26 10.01 -49.76
N ASP F 356 -17.68 10.16 -51.02
CA ASP F 356 -18.29 11.41 -51.45
C ASP F 356 -19.62 11.66 -50.75
N LYS F 357 -20.43 10.61 -50.57
CA LYS F 357 -21.72 10.80 -49.92
C LYS F 357 -21.57 11.08 -48.43
N PHE F 358 -20.50 10.60 -47.81
CA PHE F 358 -20.20 10.88 -46.42
C PHE F 358 -19.39 12.15 -46.20
N GLU F 359 -18.88 12.75 -47.27
CA GLU F 359 -17.98 13.90 -47.12
C GLU F 359 -18.72 15.15 -46.64
N GLU F 360 -19.98 15.31 -47.05
CA GLU F 360 -20.71 16.55 -46.77
C GLU F 360 -21.38 16.57 -45.40
N LEU F 361 -21.36 15.47 -44.66
CA LEU F 361 -22.02 15.44 -43.36
C LEU F 361 -21.26 16.32 -42.35
N PRO F 362 -21.98 16.95 -41.43
CA PRO F 362 -21.31 17.82 -40.44
C PRO F 362 -20.56 17.02 -39.39
N LEU F 363 -19.37 16.55 -39.75
CA LEU F 363 -18.54 15.72 -38.88
C LEU F 363 -17.23 16.41 -38.60
N TYR F 364 -16.81 16.40 -37.34
CA TYR F 364 -15.58 17.08 -36.93
C TYR F 364 -14.83 16.22 -35.92
N PHE F 365 -13.52 16.37 -35.91
CA PHE F 365 -12.65 15.66 -34.99
C PHE F 365 -11.63 16.63 -34.39
N MET F 366 -11.06 16.22 -33.27
CA MET F 366 -9.94 16.93 -32.64
C MET F 366 -8.70 16.04 -32.71
N THR F 367 -7.56 16.64 -33.04
CA THR F 367 -6.34 15.88 -33.24
C THR F 367 -5.64 15.53 -31.93
N PHE F 368 -6.18 15.93 -30.79
CA PHE F 368 -5.61 15.52 -29.51
C PHE F 368 -5.63 14.01 -29.37
N HIS F 369 -4.52 13.44 -28.94
CA HIS F 369 -4.41 12.00 -28.73
C HIS F 369 -3.88 11.60 -27.36
N GLY F 370 -3.01 12.40 -26.74
CA GLY F 370 -2.46 12.05 -25.45
C GLY F 370 -3.09 12.82 -24.30
N GLN F 371 -2.42 12.83 -23.15
CA GLN F 371 -2.92 13.56 -22.00
C GLN F 371 -2.88 15.06 -22.27
N GLN F 372 -3.96 15.74 -21.91
CA GLN F 372 -4.07 17.17 -22.10
C GLN F 372 -4.75 17.79 -20.88
N ASN F 373 -4.41 19.04 -20.59
CA ASN F 373 -5.04 19.76 -19.49
C ASN F 373 -6.41 20.28 -19.92
N ILE F 374 -7.25 20.56 -18.92
CA ILE F 374 -8.61 20.98 -19.19
C ILE F 374 -8.68 22.37 -19.82
N LYS F 375 -7.63 23.18 -19.68
CA LYS F 375 -7.65 24.53 -20.24
C LYS F 375 -7.54 24.54 -21.76
N THR F 376 -6.63 23.75 -22.33
CA THR F 376 -6.41 23.75 -23.77
C THR F 376 -7.52 23.04 -24.55
N VAL F 377 -8.06 21.94 -24.02
CA VAL F 377 -9.12 21.25 -24.74
C VAL F 377 -10.40 22.06 -24.76
N LEU F 378 -10.75 22.69 -23.63
CA LEU F 378 -12.02 23.41 -23.54
C LEU F 378 -12.02 24.64 -24.44
N ASP F 379 -10.84 25.25 -24.65
CA ASP F 379 -10.75 26.40 -25.54
C ASP F 379 -11.14 26.02 -26.96
N THR F 380 -10.66 24.87 -27.43
CA THR F 380 -11.02 24.40 -28.77
C THR F 380 -12.51 24.10 -28.85
N MET F 381 -13.10 23.61 -27.76
CA MET F 381 -14.54 23.37 -27.73
C MET F 381 -15.31 24.66 -27.96
N GLN F 382 -14.94 25.72 -27.24
CA GLN F 382 -15.62 27.01 -27.39
C GLN F 382 -15.40 27.56 -28.79
N HIS F 383 -14.18 27.43 -29.32
CA HIS F 383 -13.90 27.93 -30.65
C HIS F 383 -14.71 27.19 -31.71
N ALA F 384 -14.84 25.87 -31.58
CA ALA F 384 -15.66 25.11 -32.52
C ALA F 384 -17.13 25.45 -32.39
N VAL F 385 -17.62 25.68 -31.16
CA VAL F 385 -19.01 26.08 -30.99
C VAL F 385 -19.26 27.43 -31.66
N TYR F 386 -18.34 28.38 -31.49
CA TYR F 386 -18.52 29.71 -32.03
C TYR F 386 -18.53 29.76 -33.55
N LEU F 387 -18.03 28.71 -34.22
CA LEU F 387 -17.90 28.73 -35.68
C LEU F 387 -18.80 27.70 -36.35
N TYR F 388 -18.67 26.42 -36.01
CA TYR F 388 -19.43 25.38 -36.69
C TYR F 388 -20.80 25.15 -36.09
N ASP F 389 -21.09 25.72 -34.92
CA ASP F 389 -22.36 25.57 -34.24
C ASP F 389 -22.68 24.08 -34.01
N ILE F 390 -21.82 23.45 -33.22
CA ILE F 390 -21.97 22.04 -32.89
C ILE F 390 -22.85 21.91 -31.65
N ASN F 391 -23.60 20.81 -31.58
CA ASN F 391 -24.52 20.57 -30.48
C ASN F 391 -24.37 19.18 -29.87
N HIS F 392 -23.27 18.49 -30.15
CA HIS F 392 -23.04 17.15 -29.60
C HIS F 392 -21.53 16.91 -29.57
N VAL F 393 -20.93 17.03 -28.40
CA VAL F 393 -19.51 16.81 -28.22
C VAL F 393 -19.31 15.54 -27.41
N ILE F 394 -18.37 14.70 -27.83
CA ILE F 394 -18.10 13.43 -27.19
C ILE F 394 -16.64 13.40 -26.75
N ILE F 395 -16.37 13.12 -25.49
CA ILE F 395 -14.95 12.99 -25.04
C ILE F 395 -14.73 11.50 -24.78
N ASP F 396 -13.62 10.92 -25.26
CA ASP F 396 -13.36 9.47 -25.09
C ASP F 396 -12.40 9.24 -23.93
N ASN F 397 -12.86 8.56 -22.89
CA ASN F 397 -12.00 8.18 -21.72
C ASN F 397 -11.51 9.37 -20.95
N LEU F 398 -12.34 9.88 -20.06
CA LEU F 398 -11.86 10.97 -19.17
C LEU F 398 -10.62 10.44 -18.46
N GLN F 399 -10.67 9.22 -17.90
CA GLN F 399 -9.51 8.79 -17.11
C GLN F 399 -8.20 8.99 -17.87
N PHE F 400 -8.23 8.90 -19.20
CA PHE F 400 -7.01 9.06 -19.99
C PHE F 400 -6.55 10.51 -19.99
N MET F 401 -7.47 11.44 -20.23
CA MET F 401 -7.11 12.86 -20.24
C MET F 401 -6.78 13.38 -18.85
N MET F 402 -7.53 12.94 -17.84
CA MET F 402 -7.30 13.42 -16.49
C MET F 402 -6.00 12.88 -15.92
N GLY F 403 -5.63 11.65 -16.25
CA GLY F 403 -4.47 10.99 -15.68
C GLY F 403 -3.17 11.74 -15.85
N GLN F 404 -2.60 12.19 -14.73
CA GLN F 404 -1.34 12.93 -14.76
C GLN F 404 -0.25 12.15 -14.02
N ILE F 409 -1.02 17.43 -5.99
CA ILE F 409 -1.79 16.54 -6.84
C ILE F 409 -3.23 16.46 -6.36
N ASP F 410 -3.45 15.76 -5.25
CA ASP F 410 -4.77 15.61 -4.64
C ASP F 410 -5.78 15.01 -5.62
N LYS F 411 -5.50 13.76 -5.99
CA LYS F 411 -6.38 13.02 -6.88
C LYS F 411 -7.76 12.86 -6.22
N TYR F 412 -8.73 12.43 -7.03
CA TYR F 412 -10.16 12.42 -6.70
C TYR F 412 -10.72 13.83 -6.54
N ALA F 413 -9.97 14.85 -6.91
CA ALA F 413 -10.43 16.23 -6.87
C ALA F 413 -10.28 16.93 -8.21
N VAL F 414 -9.25 16.62 -8.98
CA VAL F 414 -9.13 17.16 -10.33
C VAL F 414 -10.25 16.64 -11.22
N GLN F 415 -10.65 15.38 -11.01
CA GLN F 415 -11.78 14.83 -11.76
C GLN F 415 -13.05 15.63 -11.49
N ASP F 416 -13.31 15.95 -10.22
CA ASP F 416 -14.48 16.77 -9.89
C ASP F 416 -14.39 18.14 -10.54
N HIS F 417 -13.21 18.75 -10.52
CA HIS F 417 -13.04 20.06 -11.12
C HIS F 417 -13.33 20.03 -12.62
N ILE F 418 -12.76 19.05 -13.32
CA ILE F 418 -12.95 19.00 -14.77
C ILE F 418 -14.39 18.65 -15.13
N ILE F 419 -15.04 17.77 -14.36
CA ILE F 419 -16.42 17.43 -14.68
C ILE F 419 -17.34 18.60 -14.38
N GLY F 420 -17.04 19.37 -13.33
CA GLY F 420 -17.79 20.59 -13.07
C GLY F 420 -17.61 21.61 -14.17
N ALA F 421 -16.39 21.74 -14.68
CA ALA F 421 -16.16 22.63 -15.82
C ALA F 421 -16.94 22.19 -17.03
N PHE F 422 -16.99 20.88 -17.29
CA PHE F 422 -17.76 20.37 -18.42
C PHE F 422 -19.25 20.66 -18.24
N ARG F 423 -19.78 20.46 -17.03
CA ARG F 423 -21.18 20.75 -16.79
C ARG F 423 -21.48 22.23 -16.97
N LYS F 424 -20.59 23.10 -16.48
CA LYS F 424 -20.77 24.53 -16.65
C LYS F 424 -20.75 24.92 -18.12
N PHE F 425 -19.83 24.34 -18.90
CA PHE F 425 -19.78 24.61 -20.32
C PHE F 425 -21.06 24.14 -21.02
N ALA F 426 -21.57 22.97 -20.63
CA ALA F 426 -22.79 22.46 -21.24
C ALA F 426 -23.98 23.34 -20.93
N THR F 427 -24.11 23.80 -19.69
CA THR F 427 -25.28 24.58 -19.31
C THR F 427 -25.19 26.02 -19.83
N ASN F 428 -23.98 26.54 -20.01
CA ASN F 428 -23.82 27.90 -20.49
C ASN F 428 -23.86 28.01 -22.01
N THR F 429 -23.84 26.89 -22.72
CA THR F 429 -23.78 26.89 -24.17
C THR F 429 -24.85 26.03 -24.82
N SER F 430 -25.49 25.12 -24.07
CA SER F 430 -26.53 24.22 -24.59
C SER F 430 -25.97 23.31 -25.67
N CYS F 431 -24.98 22.51 -25.28
CA CYS F 431 -24.41 21.47 -26.12
C CYS F 431 -24.38 20.17 -25.33
N HIS F 432 -24.91 19.11 -25.94
CA HIS F 432 -24.97 17.80 -25.28
C HIS F 432 -23.57 17.23 -25.16
N VAL F 433 -23.04 17.20 -23.94
CA VAL F 433 -21.70 16.70 -23.69
C VAL F 433 -21.79 15.24 -23.25
N THR F 434 -21.08 14.37 -23.96
CA THR F 434 -21.04 12.95 -23.63
C THR F 434 -19.67 12.60 -23.07
N LEU F 435 -19.65 11.93 -21.93
CA LEU F 435 -18.42 11.56 -21.25
C LEU F 435 -18.37 10.06 -21.06
N ILE F 436 -17.22 9.45 -21.37
CA ILE F 436 -17.00 8.03 -21.19
C ILE F 436 -16.05 7.88 -20.00
N ILE F 437 -16.59 7.49 -18.86
CA ILE F 437 -15.82 7.34 -17.63
C ILE F 437 -15.67 5.85 -17.33
N HIS F 438 -14.43 5.42 -17.13
CA HIS F 438 -14.18 4.02 -16.85
C HIS F 438 -14.67 3.68 -15.44
N PRO F 439 -15.14 2.45 -15.23
CA PRO F 439 -15.58 2.02 -13.90
C PRO F 439 -14.42 1.50 -13.06
N ARG F 440 -14.69 1.38 -11.77
CA ARG F 440 -13.70 0.84 -10.85
C ARG F 440 -13.60 -0.68 -11.02
N LYS F 441 -12.57 -1.27 -10.42
CA LYS F 441 -12.28 -2.68 -10.60
C LYS F 441 -13.34 -3.52 -9.91
N GLU F 442 -14.18 -4.19 -10.68
CA GLU F 442 -15.19 -5.11 -10.15
C GLU F 442 -14.59 -6.51 -10.08
N GLU F 443 -15.42 -7.51 -9.78
CA GLU F 443 -14.98 -8.89 -9.70
C GLU F 443 -15.49 -9.74 -10.86
N ASP F 444 -15.96 -9.10 -11.94
CA ASP F 444 -16.33 -9.70 -13.22
C ASP F 444 -17.57 -10.56 -13.15
N ASP F 445 -18.28 -10.60 -12.01
CA ASP F 445 -19.53 -11.35 -11.91
C ASP F 445 -20.62 -10.53 -11.22
N ARG F 446 -20.50 -9.21 -11.23
CA ARG F 446 -21.51 -8.32 -10.67
C ARG F 446 -21.99 -7.38 -11.75
N GLU F 447 -23.31 -7.19 -11.82
CA GLU F 447 -23.86 -6.21 -12.75
C GLU F 447 -23.42 -4.80 -12.36
N LEU F 448 -22.98 -4.03 -13.34
CA LEU F 448 -22.44 -2.70 -13.09
C LEU F 448 -23.57 -1.77 -12.65
N GLN F 449 -23.53 -1.32 -11.40
CA GLN F 449 -24.52 -0.39 -10.90
C GLN F 449 -24.05 1.05 -11.07
N THR F 450 -24.96 1.99 -10.80
CA THR F 450 -24.69 3.41 -10.99
C THR F 450 -23.63 3.94 -10.03
N ALA F 451 -23.27 3.19 -8.98
CA ALA F 451 -22.27 3.60 -8.02
C ALA F 451 -20.87 3.12 -8.37
N SER F 452 -20.71 2.48 -9.53
CA SER F 452 -19.42 1.94 -9.95
C SER F 452 -18.59 2.94 -10.73
N ILE F 453 -19.06 4.19 -10.87
CA ILE F 453 -18.28 5.20 -11.55
C ILE F 453 -17.02 5.52 -10.75
N PHE F 454 -15.87 5.44 -11.41
CA PHE F 454 -14.61 5.72 -10.73
C PHE F 454 -14.53 7.20 -10.39
N GLY F 455 -14.20 7.51 -9.14
CA GLY F 455 -14.08 8.88 -8.69
C GLY F 455 -15.13 9.25 -7.66
N SER F 456 -15.32 10.54 -7.43
CA SER F 456 -16.29 10.99 -6.46
C SER F 456 -17.71 10.78 -7.00
N ALA F 457 -18.69 10.89 -6.11
CA ALA F 457 -20.09 10.69 -6.50
C ALA F 457 -20.64 11.84 -7.34
N LYS F 458 -19.89 12.94 -7.48
CA LYS F 458 -20.39 14.08 -8.24
C LYS F 458 -20.71 13.71 -9.68
N ALA F 459 -19.98 12.73 -10.23
CA ALA F 459 -20.19 12.35 -11.62
C ALA F 459 -21.60 11.84 -11.85
N SER F 460 -22.10 10.99 -10.96
CA SER F 460 -23.49 10.54 -11.07
C SER F 460 -24.47 11.60 -10.60
N GLN F 461 -24.04 12.49 -9.71
CA GLN F 461 -24.95 13.48 -9.14
C GLN F 461 -25.34 14.54 -10.17
N GLU F 462 -24.36 15.08 -10.90
CA GLU F 462 -24.61 16.18 -11.81
C GLU F 462 -24.83 15.74 -13.25
N ALA F 463 -24.91 14.44 -13.51
CA ALA F 463 -25.19 13.96 -14.85
C ALA F 463 -26.69 13.84 -15.07
N ASP F 464 -27.10 13.94 -16.33
CA ASP F 464 -28.52 13.83 -16.68
C ASP F 464 -28.88 12.49 -17.28
N ASN F 465 -27.91 11.74 -17.80
CA ASN F 465 -28.16 10.39 -18.32
C ASN F 465 -26.97 9.52 -17.99
N VAL F 466 -27.24 8.33 -17.47
CA VAL F 466 -26.19 7.47 -16.93
C VAL F 466 -26.21 6.15 -17.69
N LEU F 467 -26.44 6.22 -19.00
CA LEU F 467 -26.42 5.05 -19.88
C LEU F 467 -25.21 4.18 -19.59
N ILE F 468 -25.46 2.93 -19.19
CA ILE F 468 -24.42 2.03 -18.72
C ILE F 468 -24.57 0.68 -19.41
N LEU F 469 -23.46 0.13 -19.87
CA LEU F 469 -23.45 -1.15 -20.56
C LEU F 469 -23.29 -2.31 -19.56
N GLN F 470 -23.72 -3.49 -19.99
CA GLN F 470 -23.59 -4.70 -19.21
C GLN F 470 -23.00 -5.80 -20.07
N GLU F 471 -22.26 -6.71 -19.44
CA GLU F 471 -21.58 -7.79 -20.15
C GLU F 471 -22.00 -9.13 -19.56
N LYS F 472 -22.23 -10.10 -20.43
CA LYS F 472 -22.49 -11.49 -20.05
C LYS F 472 -21.27 -12.29 -20.52
N LYS F 473 -20.28 -12.41 -19.64
CA LYS F 473 -18.97 -12.98 -20.00
C LYS F 473 -19.12 -14.48 -20.23
N LEU F 474 -19.05 -14.89 -21.49
CA LEU F 474 -18.95 -16.30 -21.84
C LEU F 474 -17.49 -16.67 -21.97
N VAL F 475 -17.21 -17.87 -22.50
CA VAL F 475 -15.84 -18.35 -22.65
C VAL F 475 -15.37 -18.11 -24.07
N THR F 476 -16.31 -18.05 -25.02
CA THR F 476 -15.98 -17.89 -26.44
C THR F 476 -17.03 -16.98 -27.07
N CYS F 477 -16.62 -15.75 -27.43
CA CYS F 477 -17.47 -14.79 -28.11
C CYS F 477 -18.74 -14.52 -27.31
N PRO F 478 -18.64 -13.82 -26.18
CA PRO F 478 -19.81 -13.66 -25.30
C PRO F 478 -21.00 -13.00 -25.97
N GLY F 479 -20.82 -11.77 -26.45
CA GLY F 479 -21.91 -11.08 -27.11
C GLY F 479 -23.07 -10.80 -26.17
N ARG F 480 -24.22 -10.52 -26.78
CA ARG F 480 -25.47 -10.26 -26.06
C ARG F 480 -25.31 -9.15 -25.03
N ARG F 481 -24.70 -8.05 -25.47
CA ARG F 481 -24.53 -6.89 -24.59
C ARG F 481 -25.89 -6.28 -24.26
N SER F 482 -26.01 -5.78 -23.03
CA SER F 482 -27.24 -5.16 -22.55
C SER F 482 -26.95 -3.73 -22.13
N LEU F 483 -27.88 -2.84 -22.43
CA LEU F 483 -27.76 -1.42 -22.10
C LEU F 483 -28.84 -1.04 -21.10
N GLN F 484 -28.44 -0.35 -20.03
CA GLN F 484 -29.37 0.12 -19.01
C GLN F 484 -29.34 1.64 -18.93
N VAL F 485 -30.45 2.22 -18.50
CA VAL F 485 -30.58 3.66 -18.29
C VAL F 485 -31.02 3.84 -16.85
N THR F 486 -30.05 4.03 -15.95
CA THR F 486 -30.34 4.10 -14.52
C THR F 486 -30.99 5.42 -14.12
N LYS F 487 -30.52 6.54 -14.69
CA LYS F 487 -31.03 7.85 -14.32
C LYS F 487 -31.51 8.58 -15.57
N ASN F 488 -32.60 9.33 -15.41
CA ASN F 488 -33.18 10.09 -16.52
C ASN F 488 -33.89 11.30 -15.93
N ARG F 489 -33.26 12.47 -16.03
CA ARG F 489 -33.83 13.68 -15.42
C ARG F 489 -35.15 14.07 -16.08
N PHE F 490 -35.21 14.01 -17.40
CA PHE F 490 -36.42 14.37 -18.13
C PHE F 490 -37.24 13.11 -18.40
N ASP F 491 -38.48 13.09 -17.89
CA ASP F 491 -39.38 11.96 -18.05
C ASP F 491 -38.72 10.66 -17.59
N GLY F 492 -38.45 10.60 -16.29
CA GLY F 492 -37.71 9.50 -15.71
C GLY F 492 -38.19 8.12 -16.08
N ASP F 493 -37.36 7.40 -16.84
CA ASP F 493 -37.70 6.06 -17.27
C ASP F 493 -36.44 5.20 -17.21
N VAL F 494 -36.59 3.97 -16.72
CA VAL F 494 -35.49 3.04 -16.57
C VAL F 494 -35.86 1.74 -17.26
N GLY F 495 -34.96 1.21 -18.07
CA GLY F 495 -35.22 -0.04 -18.77
C GLY F 495 -33.95 -0.58 -19.40
N ILE F 496 -34.05 -1.84 -19.85
CA ILE F 496 -32.95 -2.52 -20.50
C ILE F 496 -33.45 -3.15 -21.79
N PHE F 497 -32.51 -3.45 -22.68
CA PHE F 497 -32.83 -4.11 -23.94
C PHE F 497 -31.59 -4.77 -24.52
N PRO F 498 -31.66 -6.05 -24.88
CA PRO F 498 -30.48 -6.72 -25.45
C PRO F 498 -30.13 -6.16 -26.82
N LEU F 499 -28.84 -6.28 -27.16
CA LEU F 499 -28.33 -5.86 -28.45
C LEU F 499 -27.49 -6.97 -29.06
N ASP F 500 -27.49 -7.02 -30.39
CA ASP F 500 -26.67 -7.96 -31.13
C ASP F 500 -25.71 -7.21 -32.05
N PHE F 501 -24.58 -7.83 -32.31
CA PHE F 501 -23.49 -7.19 -33.05
C PHE F 501 -23.29 -7.91 -34.38
N ILE F 502 -23.55 -7.21 -35.47
CA ILE F 502 -23.29 -7.74 -36.80
C ILE F 502 -21.81 -7.53 -37.12
N LYS F 503 -21.06 -8.64 -37.19
CA LYS F 503 -19.62 -8.54 -37.42
C LYS F 503 -19.30 -7.96 -38.79
N SER F 504 -20.13 -8.24 -39.79
CA SER F 504 -19.85 -7.79 -41.15
C SER F 504 -19.86 -6.26 -41.25
N SER F 505 -20.87 -5.63 -40.65
CA SER F 505 -21.03 -4.18 -40.76
C SER F 505 -20.46 -3.41 -39.58
N LEU F 506 -19.97 -4.12 -38.55
CA LEU F 506 -19.43 -3.49 -37.34
C LEU F 506 -20.43 -2.53 -36.70
N THR F 507 -21.72 -2.86 -36.78
CA THR F 507 -22.78 -2.03 -36.25
C THR F 507 -23.58 -2.81 -35.21
N PHE F 508 -24.10 -2.08 -34.23
CA PHE F 508 -24.96 -2.68 -33.21
C PHE F 508 -26.39 -2.72 -33.73
N SER F 509 -26.84 -3.92 -34.09
CA SER F 509 -28.13 -4.08 -34.75
C SER F 509 -29.27 -3.79 -33.78
N ALA F 510 -30.48 -3.82 -34.33
CA ALA F 510 -31.67 -3.64 -33.51
C ALA F 510 -31.83 -4.81 -32.54
N PRO F 511 -32.48 -4.59 -31.40
CA PRO F 511 -32.67 -5.68 -30.43
C PRO F 511 -33.35 -6.88 -31.06
N ILE F 512 -32.85 -8.07 -30.73
CA ILE F 512 -33.39 -9.30 -31.27
C ILE F 512 -33.79 -10.25 -30.13
N HIS G 244 -36.58 12.48 39.45
CA HIS G 244 -35.81 12.22 38.25
C HIS G 244 -36.73 12.12 37.04
N LYS G 245 -36.17 12.34 35.84
CA LYS G 245 -36.98 12.34 34.63
C LYS G 245 -37.63 10.99 34.35
N SER G 246 -37.06 9.90 34.87
CA SER G 246 -37.64 8.58 34.67
C SER G 246 -38.98 8.47 35.40
N ILE G 247 -39.83 7.57 34.91
CA ILE G 247 -41.14 7.36 35.53
C ILE G 247 -40.94 6.83 36.94
N VAL G 248 -41.63 7.44 37.90
CA VAL G 248 -41.50 7.03 39.29
C VAL G 248 -42.05 5.63 39.50
N SER G 249 -43.35 5.46 39.28
CA SER G 249 -44.01 4.18 39.47
C SER G 249 -45.41 4.26 38.85
N PHE G 250 -46.20 3.21 39.05
CA PHE G 250 -47.59 3.17 38.61
C PHE G 250 -48.48 4.09 39.43
N LYS G 251 -47.98 4.62 40.55
CA LYS G 251 -48.80 5.41 41.47
C LYS G 251 -49.34 6.67 40.81
N GLN G 252 -48.67 7.18 39.77
CA GLN G 252 -49.00 8.52 39.28
C GLN G 252 -50.31 8.54 38.50
N LEU G 253 -50.38 7.85 37.36
CA LEU G 253 -51.49 8.05 36.43
C LEU G 253 -52.71 7.21 36.79
N ARG G 254 -52.59 5.89 36.68
CA ARG G 254 -53.68 4.93 36.86
C ARG G 254 -54.73 5.05 35.76
N GLU G 255 -54.61 6.07 34.91
CA GLU G 255 -55.64 6.36 33.92
C GLU G 255 -55.49 5.52 32.65
N ASP G 256 -54.24 5.24 32.26
CA ASP G 256 -54.00 4.44 31.07
C ASP G 256 -54.60 3.04 31.20
N VAL G 257 -54.76 2.54 32.41
CA VAL G 257 -55.42 1.26 32.64
C VAL G 257 -56.84 1.42 33.16
N TYR G 258 -57.15 2.53 33.83
CA TYR G 258 -58.53 2.76 34.27
C TYR G 258 -59.46 2.96 33.09
N GLY G 259 -59.00 3.67 32.06
CA GLY G 259 -59.82 3.91 30.89
C GLY G 259 -59.61 2.88 29.80
N GLY G 269 -47.47 24.27 13.52
CA GLY G 269 -48.31 25.36 13.07
C GLY G 269 -49.18 25.02 11.88
N VAL G 270 -48.74 25.44 10.68
CA VAL G 270 -49.50 25.16 9.48
C VAL G 270 -49.44 23.67 9.16
N LYS G 271 -50.60 23.08 8.92
CA LYS G 271 -50.68 21.66 8.62
C LYS G 271 -50.71 21.43 7.11
N TRP G 272 -50.78 20.16 6.72
CA TRP G 272 -50.70 19.76 5.33
C TRP G 272 -52.01 19.11 4.88
N THR G 273 -52.37 19.34 3.62
CA THR G 273 -53.61 18.85 3.05
C THR G 273 -53.42 17.60 2.19
N ARG G 274 -52.43 17.61 1.31
CA ARG G 274 -52.19 16.48 0.41
C ARG G 274 -51.30 15.40 1.01
N PHE G 275 -50.80 15.60 2.23
CA PHE G 275 -49.90 14.64 2.88
C PHE G 275 -50.45 14.31 4.26
N PRO G 276 -51.52 13.51 4.34
CA PRO G 276 -52.08 13.17 5.65
C PRO G 276 -51.13 12.38 6.53
N GLU G 277 -50.25 11.56 5.94
CA GLU G 277 -49.37 10.72 6.75
C GLU G 277 -48.34 11.56 7.50
N LEU G 278 -47.85 12.64 6.88
CA LEU G 278 -46.87 13.49 7.52
C LEU G 278 -47.46 14.35 8.63
N ASN G 279 -48.78 14.47 8.70
CA ASN G 279 -49.41 15.25 9.76
C ASN G 279 -49.34 14.56 11.12
N ARG G 280 -49.18 13.23 11.14
CA ARG G 280 -49.08 12.48 12.39
C ARG G 280 -47.65 12.11 12.74
N ILE G 281 -46.67 12.62 11.98
CA ILE G 281 -45.26 12.35 12.26
C ILE G 281 -44.56 13.67 12.55
N LEU G 282 -44.63 14.61 11.61
CA LEU G 282 -44.06 15.93 11.80
C LEU G 282 -44.99 16.87 12.57
N LYS G 283 -46.26 16.49 12.73
CA LYS G 283 -47.26 17.25 13.48
C LYS G 283 -47.48 18.65 12.93
N GLY G 284 -47.13 18.89 11.66
CA GLY G 284 -47.37 20.16 11.02
C GLY G 284 -46.06 20.82 10.64
N HIS G 285 -46.15 22.11 10.31
CA HIS G 285 -45.00 22.90 9.91
C HIS G 285 -44.83 24.03 10.91
N ARG G 286 -43.63 24.14 11.49
CA ARG G 286 -43.33 25.12 12.52
C ARG G 286 -42.21 26.03 12.05
N LYS G 287 -42.39 27.33 12.22
CA LYS G 287 -41.38 28.29 11.80
C LYS G 287 -40.16 28.24 12.72
N GLY G 288 -39.04 28.73 12.20
CA GLY G 288 -37.82 28.81 12.96
C GLY G 288 -37.02 27.53 13.05
N GLU G 289 -37.36 26.51 12.26
CA GLU G 289 -36.69 25.22 12.29
C GLU G 289 -35.93 25.01 10.98
N LEU G 290 -34.77 24.39 11.08
CA LEU G 290 -33.96 24.04 9.91
C LEU G 290 -34.06 22.55 9.66
N THR G 291 -34.40 22.19 8.43
CA THR G 291 -34.55 20.80 8.01
C THR G 291 -33.66 20.51 6.82
N VAL G 292 -33.17 19.28 6.73
CA VAL G 292 -32.30 18.84 5.65
C VAL G 292 -32.98 17.69 4.91
N PHE G 293 -32.85 17.69 3.59
CA PHE G 293 -33.42 16.67 2.74
C PHE G 293 -32.31 15.95 1.99
N THR G 294 -32.43 14.64 1.88
CA THR G 294 -31.42 13.84 1.20
C THR G 294 -32.06 12.56 0.68
N GLY G 295 -31.39 11.95 -0.28
CA GLY G 295 -31.85 10.71 -0.87
C GLY G 295 -30.94 10.23 -1.97
N PRO G 296 -31.27 9.10 -2.58
CA PRO G 296 -30.47 8.58 -3.69
C PRO G 296 -30.49 9.53 -4.87
N THR G 297 -29.42 9.52 -5.65
CA THR G 297 -29.33 10.39 -6.81
C THR G 297 -30.44 10.06 -7.81
N GLY G 298 -31.12 11.10 -8.28
CA GLY G 298 -32.21 10.91 -9.22
C GLY G 298 -33.37 10.12 -8.65
N SER G 299 -33.71 10.35 -7.39
CA SER G 299 -34.82 9.67 -6.75
C SER G 299 -36.09 10.50 -6.69
N GLY G 300 -36.02 11.78 -7.08
CA GLY G 300 -37.20 12.62 -7.08
C GLY G 300 -37.24 13.59 -5.92
N LYS G 301 -36.06 14.01 -5.44
CA LYS G 301 -36.00 14.95 -4.33
C LYS G 301 -36.62 16.29 -4.71
N THR G 302 -36.31 16.80 -5.91
CA THR G 302 -36.84 18.09 -6.33
C THR G 302 -38.36 18.03 -6.50
N THR G 303 -38.87 16.92 -7.03
CA THR G 303 -40.31 16.80 -7.26
C THR G 303 -41.08 16.78 -5.93
N PHE G 304 -40.61 15.99 -4.97
CA PHE G 304 -41.32 15.87 -3.71
C PHE G 304 -41.32 17.19 -2.94
N ILE G 305 -40.16 17.86 -2.88
CA ILE G 305 -40.09 19.11 -2.14
C ILE G 305 -40.92 20.18 -2.84
N SER G 306 -41.03 20.10 -4.17
CA SER G 306 -41.93 21.00 -4.89
C SER G 306 -43.37 20.79 -4.47
N GLU G 307 -43.79 19.52 -4.32
CA GLU G 307 -45.13 19.22 -3.85
C GLU G 307 -45.36 19.74 -2.44
N VAL G 308 -44.36 19.58 -1.57
CA VAL G 308 -44.48 20.08 -0.20
C VAL G 308 -44.63 21.59 -0.17
N ALA G 309 -43.80 22.29 -0.96
CA ALA G 309 -43.88 23.75 -1.01
C ALA G 309 -45.22 24.20 -1.58
N LEU G 310 -45.72 23.50 -2.60
CA LEU G 310 -47.02 23.84 -3.17
C LEU G 310 -48.14 23.64 -2.15
N ASP G 311 -48.07 22.55 -1.38
CA ASP G 311 -49.08 22.32 -0.35
C ASP G 311 -49.03 23.40 0.73
N LEU G 312 -47.83 23.82 1.12
CA LEU G 312 -47.69 24.87 2.12
C LEU G 312 -48.14 26.24 1.63
N CYS G 313 -47.79 26.61 0.40
CA CYS G 313 -48.02 27.97 -0.08
C CYS G 313 -49.49 28.28 -0.35
N ILE G 314 -50.35 27.26 -0.37
CA ILE G 314 -51.76 27.50 -0.73
C ILE G 314 -52.43 28.38 0.31
N GLN G 315 -52.31 28.03 1.59
CA GLN G 315 -53.10 28.73 2.61
C GLN G 315 -52.43 30.02 3.07
N GLY G 316 -51.28 29.91 3.75
CA GLY G 316 -50.66 31.09 4.32
C GLY G 316 -49.19 31.31 4.00
N VAL G 317 -48.48 30.23 3.70
CA VAL G 317 -47.02 30.27 3.69
C VAL G 317 -46.53 31.01 2.46
N ASN G 318 -45.65 31.99 2.66
CA ASN G 318 -44.96 32.67 1.57
C ASN G 318 -43.62 31.98 1.34
N THR G 319 -43.44 31.40 0.16
CA THR G 319 -42.28 30.56 -0.11
C THR G 319 -41.37 31.20 -1.14
N LEU G 320 -40.07 30.94 -0.99
CA LEU G 320 -39.05 31.38 -1.93
C LEU G 320 -38.22 30.18 -2.32
N TRP G 321 -37.91 30.06 -3.60
CA TRP G 321 -37.25 28.88 -4.15
C TRP G 321 -35.85 29.23 -4.65
N GLY G 322 -34.88 28.39 -4.31
CA GLY G 322 -33.55 28.50 -4.87
C GLY G 322 -33.32 27.45 -5.95
N SER G 323 -33.39 27.86 -7.22
CA SER G 323 -33.26 26.93 -8.33
C SER G 323 -31.84 27.01 -8.87
N PHE G 324 -30.94 26.29 -8.20
CA PHE G 324 -29.53 26.30 -8.56
C PHE G 324 -29.11 25.09 -9.39
N GLN G 325 -30.04 24.18 -9.68
CA GLN G 325 -29.77 23.03 -10.55
C GLN G 325 -30.71 22.98 -11.75
N ILE G 326 -31.98 23.30 -11.55
CA ILE G 326 -32.97 23.32 -12.61
C ILE G 326 -33.30 24.77 -12.94
N ASN G 327 -33.32 25.11 -14.22
CA ASN G 327 -33.63 26.47 -14.62
C ASN G 327 -35.04 26.85 -14.20
N ASN G 328 -35.25 28.15 -13.97
CA ASN G 328 -36.50 28.64 -13.40
C ASN G 328 -37.71 28.37 -14.27
N VAL G 329 -37.53 28.10 -15.56
CA VAL G 329 -38.64 27.82 -16.46
C VAL G 329 -39.18 26.40 -16.26
N ARG G 330 -38.29 25.41 -16.21
CA ARG G 330 -38.73 24.04 -15.98
C ARG G 330 -39.33 23.88 -14.59
N LEU G 331 -38.76 24.56 -13.59
CA LEU G 331 -39.31 24.51 -12.25
C LEU G 331 -40.72 25.10 -12.22
N ALA G 332 -40.92 26.23 -12.89
CA ALA G 332 -42.26 26.82 -12.97
C ALA G 332 -43.22 25.88 -13.68
N LYS G 333 -42.75 25.24 -14.76
CA LYS G 333 -43.60 24.32 -15.52
C LYS G 333 -44.04 23.14 -14.64
N ILE G 334 -43.09 22.53 -13.93
CA ILE G 334 -43.42 21.36 -13.12
C ILE G 334 -44.31 21.75 -11.95
N MET G 335 -44.06 22.91 -11.33
CA MET G 335 -44.90 23.34 -10.22
C MET G 335 -46.32 23.64 -10.68
N LEU G 336 -46.46 24.30 -11.84
CA LEU G 336 -47.80 24.59 -12.36
C LEU G 336 -48.51 23.32 -12.78
N THR G 337 -47.76 22.34 -13.31
CA THR G 337 -48.36 21.05 -13.62
C THR G 337 -48.85 20.34 -12.37
N GLN G 338 -48.06 20.41 -11.29
CA GLN G 338 -48.51 19.83 -10.03
C GLN G 338 -49.76 20.53 -9.51
N PHE G 339 -49.81 21.86 -9.63
CA PHE G 339 -51.00 22.60 -9.20
C PHE G 339 -52.21 22.25 -10.05
N ALA G 340 -52.03 22.06 -11.35
CA ALA G 340 -53.15 21.81 -12.25
C ALA G 340 -53.73 20.42 -12.08
N MET G 341 -52.98 19.48 -11.50
CA MET G 341 -53.42 18.11 -11.24
C MET G 341 -53.71 17.35 -12.54
N GLN G 342 -53.25 17.86 -13.68
CA GLN G 342 -53.38 17.13 -14.93
C GLN G 342 -52.39 17.71 -15.94
N ARG G 343 -52.23 17.00 -17.06
CA ARG G 343 -51.34 17.43 -18.12
C ARG G 343 -51.93 18.64 -18.82
N LEU G 344 -51.29 19.80 -18.66
CA LEU G 344 -51.78 21.02 -19.29
C LEU G 344 -51.48 21.06 -20.78
N GLU G 345 -50.45 20.36 -21.24
CA GLU G 345 -50.10 20.38 -22.65
C GLU G 345 -51.21 19.80 -23.53
N GLU G 346 -52.05 18.94 -22.95
CA GLU G 346 -53.15 18.37 -23.71
C GLU G 346 -54.14 19.44 -24.14
N ASN G 347 -54.44 20.38 -23.25
CA ASN G 347 -55.43 21.42 -23.49
C ASN G 347 -54.85 22.79 -23.13
N LEU G 348 -54.33 23.49 -24.15
CA LEU G 348 -53.83 24.85 -23.95
C LEU G 348 -54.94 25.87 -23.78
N GLU G 349 -56.20 25.50 -24.05
CA GLU G 349 -57.30 26.44 -23.89
C GLU G 349 -57.52 26.80 -22.43
N GLN G 350 -57.26 25.87 -21.52
CA GLN G 350 -57.41 26.12 -20.09
C GLN G 350 -56.16 26.71 -19.45
N TYR G 351 -55.14 27.01 -20.26
CA TYR G 351 -53.90 27.56 -19.70
C TYR G 351 -54.14 28.92 -19.05
N ASP G 352 -54.93 29.78 -19.70
CA ASP G 352 -55.11 31.14 -19.20
C ASP G 352 -55.82 31.14 -17.85
N PHE G 353 -56.87 30.31 -17.70
CA PHE G 353 -57.65 30.32 -16.47
C PHE G 353 -56.80 29.89 -15.28
N TRP G 354 -56.08 28.78 -15.42
CA TRP G 354 -55.27 28.30 -14.30
C TRP G 354 -54.03 29.17 -14.08
N ALA G 355 -53.49 29.76 -15.14
CA ALA G 355 -52.39 30.71 -14.96
C ALA G 355 -52.84 31.93 -14.16
N ASP G 356 -54.03 32.45 -14.46
CA ASP G 356 -54.57 33.58 -13.70
C ASP G 356 -54.88 33.18 -12.27
N LYS G 357 -55.47 32.00 -12.07
CA LYS G 357 -55.80 31.57 -10.71
C LYS G 357 -54.55 31.32 -9.87
N PHE G 358 -53.48 30.82 -10.50
CA PHE G 358 -52.24 30.51 -9.81
C PHE G 358 -51.32 31.72 -9.70
N GLU G 359 -51.66 32.82 -10.38
CA GLU G 359 -50.80 34.00 -10.38
C GLU G 359 -50.72 34.66 -9.01
N GLU G 360 -51.82 34.72 -8.27
CA GLU G 360 -51.88 35.49 -7.03
C GLU G 360 -51.23 34.79 -5.85
N LEU G 361 -50.79 33.56 -6.00
CA LEU G 361 -50.16 32.85 -4.90
C LEU G 361 -48.82 33.52 -4.53
N PRO G 362 -48.51 33.63 -3.24
CA PRO G 362 -47.27 34.30 -2.84
C PRO G 362 -46.04 33.45 -3.13
N LEU G 363 -45.60 33.44 -4.38
CA LEU G 363 -44.48 32.62 -4.82
C LEU G 363 -43.40 33.49 -5.45
N TYR G 364 -42.16 33.22 -5.09
CA TYR G 364 -41.03 34.00 -5.57
C TYR G 364 -39.85 33.09 -5.83
N PHE G 365 -38.91 33.56 -6.65
CA PHE G 365 -37.71 32.79 -6.97
C PHE G 365 -36.52 33.73 -6.99
N MET G 366 -35.33 33.14 -7.15
CA MET G 366 -34.09 33.88 -7.33
C MET G 366 -33.55 33.63 -8.73
N THR G 367 -32.94 34.66 -9.31
CA THR G 367 -32.41 34.55 -10.65
C THR G 367 -31.08 33.82 -10.71
N PHE G 368 -30.49 33.50 -9.56
CA PHE G 368 -29.19 32.84 -9.53
C PHE G 368 -29.32 31.41 -10.06
N HIS G 369 -28.34 31.01 -10.87
CA HIS G 369 -28.30 29.66 -11.40
C HIS G 369 -26.92 29.00 -11.34
N GLY G 370 -25.85 29.77 -11.12
CA GLY G 370 -24.52 29.20 -11.07
C GLY G 370 -23.93 29.21 -9.68
N GLN G 371 -22.65 28.82 -9.57
CA GLN G 371 -22.00 28.79 -8.27
C GLN G 371 -21.79 30.21 -7.75
N GLN G 372 -22.18 30.43 -6.50
CA GLN G 372 -22.08 31.73 -5.88
C GLN G 372 -21.69 31.56 -4.41
N ASN G 373 -21.01 32.57 -3.87
CA ASN G 373 -20.57 32.52 -2.49
C ASN G 373 -21.75 32.75 -1.54
N ILE G 374 -21.53 32.39 -0.27
CA ILE G 374 -22.58 32.55 0.73
C ILE G 374 -22.85 34.00 1.07
N LYS G 375 -21.91 34.90 0.74
CA LYS G 375 -22.08 36.31 1.06
C LYS G 375 -23.13 36.99 0.20
N THR G 376 -23.26 36.60 -1.07
CA THR G 376 -24.23 37.24 -1.97
C THR G 376 -25.63 36.65 -1.85
N VAL G 377 -25.75 35.33 -1.71
CA VAL G 377 -27.07 34.73 -1.60
C VAL G 377 -27.74 35.13 -0.30
N LEU G 378 -27.00 35.13 0.81
CA LEU G 378 -27.62 35.36 2.12
C LEU G 378 -28.23 36.75 2.20
N ASP G 379 -27.67 37.71 1.47
CA ASP G 379 -28.28 39.05 1.40
C ASP G 379 -29.64 38.98 0.72
N THR G 380 -29.78 38.12 -0.29
CA THR G 380 -31.02 38.06 -1.06
C THR G 380 -32.20 37.64 -0.20
N MET G 381 -32.04 36.59 0.61
CA MET G 381 -33.13 36.18 1.49
C MET G 381 -33.41 37.23 2.55
N GLN G 382 -32.37 37.93 3.02
CA GLN G 382 -32.58 39.00 3.98
C GLN G 382 -33.46 40.09 3.40
N HIS G 383 -33.14 40.54 2.18
CA HIS G 383 -33.94 41.56 1.53
C HIS G 383 -35.35 41.07 1.22
N ALA G 384 -35.49 39.79 0.83
CA ALA G 384 -36.81 39.24 0.57
C ALA G 384 -37.65 39.18 1.84
N VAL G 385 -37.05 38.81 2.96
CA VAL G 385 -37.77 38.79 4.23
C VAL G 385 -38.19 40.21 4.62
N TYR G 386 -37.29 41.18 4.44
CA TYR G 386 -37.58 42.56 4.82
C TYR G 386 -38.74 43.17 4.05
N LEU G 387 -39.09 42.63 2.88
CA LEU G 387 -40.13 43.22 2.03
C LEU G 387 -41.35 42.32 1.90
N TYR G 388 -41.18 41.09 1.44
CA TYR G 388 -42.31 40.20 1.18
C TYR G 388 -42.75 39.41 2.40
N ASP G 389 -41.96 39.41 3.47
CA ASP G 389 -42.27 38.68 4.71
C ASP G 389 -42.52 37.20 4.43
N ILE G 390 -41.47 36.55 3.92
CA ILE G 390 -41.53 35.12 3.61
C ILE G 390 -41.13 34.33 4.85
N ASN G 391 -41.63 33.10 4.94
CA ASN G 391 -41.36 32.23 6.08
C ASN G 391 -40.88 30.85 5.65
N HIS G 392 -40.49 30.68 4.39
CA HIS G 392 -40.05 29.38 3.90
C HIS G 392 -39.13 29.62 2.70
N VAL G 393 -37.83 29.39 2.89
CA VAL G 393 -36.85 29.46 1.81
C VAL G 393 -36.31 28.07 1.57
N ILE G 394 -36.15 27.70 0.31
CA ILE G 394 -35.74 26.37 -0.10
C ILE G 394 -34.46 26.48 -0.92
N ILE G 395 -33.44 25.74 -0.55
CA ILE G 395 -32.21 25.76 -1.38
C ILE G 395 -32.22 24.41 -2.10
N ASP G 396 -31.42 24.27 -3.16
CA ASP G 396 -31.30 22.96 -3.86
C ASP G 396 -29.82 22.70 -4.09
N ASN G 397 -29.37 21.49 -3.80
CA ASN G 397 -27.98 21.10 -4.07
C ASN G 397 -27.01 22.04 -3.37
N LEU G 398 -26.93 21.90 -2.06
CA LEU G 398 -25.89 22.69 -1.38
C LEU G 398 -24.55 22.40 -2.05
N GLN G 399 -24.33 21.17 -2.53
CA GLN G 399 -22.99 20.95 -3.09
C GLN G 399 -22.72 21.83 -4.30
N PHE G 400 -23.75 22.24 -5.04
CA PHE G 400 -23.52 23.09 -6.21
C PHE G 400 -22.96 24.44 -5.79
N MET G 401 -23.48 25.01 -4.70
CA MET G 401 -22.85 26.18 -4.10
C MET G 401 -21.46 25.86 -3.58
N MET G 402 -21.25 24.61 -3.15
CA MET G 402 -19.97 24.22 -2.57
C MET G 402 -18.87 24.16 -3.61
N GLY G 403 -19.19 23.74 -4.84
CA GLY G 403 -18.19 23.51 -5.85
C GLY G 403 -17.34 24.72 -6.18
N GLN G 404 -16.10 24.72 -5.71
CA GLN G 404 -15.19 25.84 -5.94
C GLN G 404 -13.96 25.39 -6.73
N ILE G 409 -8.25 26.44 0.53
CA ILE G 409 -9.47 25.69 0.25
C ILE G 409 -10.05 25.15 1.56
N ASP G 410 -9.41 24.11 2.11
CA ASP G 410 -9.80 23.49 3.37
C ASP G 410 -11.26 23.00 3.29
N LYS G 411 -11.46 22.03 2.41
CA LYS G 411 -12.78 21.45 2.22
C LYS G 411 -13.26 20.77 3.51
N TYR G 412 -14.54 20.39 3.51
CA TYR G 412 -15.25 19.85 4.67
C TYR G 412 -15.30 20.83 5.83
N ALA G 413 -14.95 22.09 5.60
CA ALA G 413 -15.00 23.14 6.61
C ALA G 413 -15.87 24.31 6.19
N VAL G 414 -15.84 24.68 4.92
CA VAL G 414 -16.74 25.71 4.42
C VAL G 414 -18.18 25.24 4.52
N GLN G 415 -18.40 23.92 4.39
CA GLN G 415 -19.74 23.38 4.57
C GLN G 415 -20.25 23.65 5.98
N ASP G 416 -19.40 23.45 6.98
CA ASP G 416 -19.80 23.74 8.36
C ASP G 416 -20.10 25.23 8.54
N HIS G 417 -19.29 26.09 7.91
CA HIS G 417 -19.52 27.53 8.03
C HIS G 417 -20.85 27.92 7.42
N ILE G 418 -21.17 27.41 6.23
CA ILE G 418 -22.42 27.80 5.58
C ILE G 418 -23.62 27.19 6.30
N ILE G 419 -23.47 25.97 6.84
CA ILE G 419 -24.55 25.37 7.61
C ILE G 419 -24.82 26.19 8.87
N GLY G 420 -23.75 26.61 9.56
CA GLY G 420 -23.93 27.45 10.73
C GLY G 420 -24.57 28.78 10.38
N ALA G 421 -24.18 29.38 9.25
CA ALA G 421 -24.78 30.63 8.83
C ALA G 421 -26.27 30.46 8.54
N PHE G 422 -26.63 29.37 7.86
CA PHE G 422 -28.04 29.11 7.59
C PHE G 422 -28.82 28.88 8.88
N ARG G 423 -28.24 28.14 9.83
CA ARG G 423 -28.90 27.92 11.11
C ARG G 423 -29.11 29.22 11.86
N LYS G 424 -28.09 30.08 11.87
CA LYS G 424 -28.21 31.37 12.53
C LYS G 424 -29.28 32.24 11.89
N PHE G 425 -29.32 32.25 10.54
CA PHE G 425 -30.34 33.02 9.84
C PHE G 425 -31.73 32.49 10.14
N ALA G 426 -31.87 31.16 10.21
CA ALA G 426 -33.17 30.58 10.56
C ALA G 426 -33.58 30.95 11.98
N THR G 427 -32.62 30.94 12.91
CA THR G 427 -32.96 31.20 14.31
C THR G 427 -33.33 32.66 14.54
N ASN G 428 -32.55 33.61 14.00
CA ASN G 428 -32.79 35.01 14.29
C ASN G 428 -33.90 35.62 13.44
N THR G 429 -34.41 34.88 12.46
CA THR G 429 -35.49 35.36 11.61
C THR G 429 -36.78 34.55 11.75
N SER G 430 -36.69 33.31 12.24
CA SER G 430 -37.84 32.42 12.39
C SER G 430 -38.48 32.11 11.03
N CYS G 431 -37.64 31.58 10.14
CA CYS G 431 -38.08 31.13 8.82
C CYS G 431 -37.58 29.71 8.60
N HIS G 432 -38.47 28.84 8.15
CA HIS G 432 -38.14 27.43 7.95
C HIS G 432 -37.25 27.30 6.73
N VAL G 433 -35.98 26.95 6.95
CA VAL G 433 -35.02 26.79 5.87
C VAL G 433 -34.88 25.30 5.58
N THR G 434 -35.07 24.92 4.33
CA THR G 434 -34.94 23.54 3.89
C THR G 434 -33.72 23.40 2.99
N LEU G 435 -32.92 22.36 3.25
CA LEU G 435 -31.70 22.12 2.50
C LEU G 435 -31.75 20.73 1.87
N ILE G 436 -31.36 20.65 0.60
CA ILE G 436 -31.26 19.39 -0.12
C ILE G 436 -29.78 19.07 -0.25
N ILE G 437 -29.30 18.15 0.58
CA ILE G 437 -27.88 17.78 0.62
C ILE G 437 -27.72 16.38 0.05
N HIS G 438 -26.87 16.25 -0.95
CA HIS G 438 -26.62 14.94 -1.54
C HIS G 438 -25.79 14.08 -0.60
N PRO G 439 -26.03 12.78 -0.56
CA PRO G 439 -25.25 11.88 0.27
C PRO G 439 -23.98 11.41 -0.41
N ARG G 440 -23.13 10.76 0.37
CA ARG G 440 -21.89 10.20 -0.14
C ARG G 440 -22.19 8.96 -1.00
N LYS G 441 -21.14 8.45 -1.64
CA LYS G 441 -21.29 7.34 -2.57
C LYS G 441 -21.57 6.05 -1.81
N GLU G 442 -22.77 5.50 -2.00
CA GLU G 442 -23.14 4.22 -1.40
C GLU G 442 -22.91 3.10 -2.41
N GLU G 443 -23.37 1.90 -2.10
CA GLU G 443 -23.23 0.76 -2.99
C GLU G 443 -24.55 0.31 -3.59
N ASP G 444 -25.59 1.16 -3.53
CA ASP G 444 -26.88 0.99 -4.18
C ASP G 444 -27.73 -0.12 -3.59
N ASP G 445 -27.27 -0.82 -2.54
CA ASP G 445 -28.06 -1.85 -1.90
C ASP G 445 -28.08 -1.66 -0.39
N ARG G 446 -27.86 -0.43 0.08
CA ARG G 446 -27.94 -0.11 1.50
C ARG G 446 -28.93 1.03 1.70
N GLU G 447 -29.82 0.89 2.67
CA GLU G 447 -30.72 1.97 3.02
C GLU G 447 -29.92 3.16 3.53
N LEU G 448 -30.28 4.35 3.06
CA LEU G 448 -29.54 5.56 3.42
C LEU G 448 -29.78 5.90 4.88
N GLN G 449 -28.73 5.82 5.69
CA GLN G 449 -28.84 6.16 7.09
C GLN G 449 -28.62 7.66 7.29
N THR G 450 -28.91 8.12 8.52
CA THR G 450 -28.74 9.53 8.85
C THR G 450 -27.28 9.95 8.88
N ALA G 451 -26.34 9.02 8.92
CA ALA G 451 -24.91 9.33 8.93
C ALA G 451 -24.31 9.34 7.54
N SER G 452 -25.12 9.18 6.50
CA SER G 452 -24.64 9.12 5.13
C SER G 452 -24.54 10.51 4.50
N ILE G 453 -24.81 11.57 5.25
CA ILE G 453 -24.73 12.92 4.71
C ILE G 453 -23.28 13.23 4.32
N PHE G 454 -23.11 13.77 3.12
CA PHE G 454 -21.78 14.14 2.65
C PHE G 454 -21.23 15.28 3.48
N GLY G 455 -20.03 15.09 4.03
CA GLY G 455 -19.39 16.11 4.84
C GLY G 455 -19.26 15.71 6.29
N SER G 456 -19.14 16.70 7.17
CA SER G 456 -19.00 16.45 8.59
C SER G 456 -20.36 16.09 9.20
N ALA G 457 -20.36 15.84 10.51
CA ALA G 457 -21.59 15.49 11.22
C ALA G 457 -22.39 16.71 11.65
N LYS G 458 -21.90 17.92 11.37
CA LYS G 458 -22.62 19.13 11.78
C LYS G 458 -23.99 19.20 11.12
N ALA G 459 -24.13 18.67 9.91
CA ALA G 459 -25.40 18.75 9.19
C ALA G 459 -26.51 18.04 9.95
N SER G 460 -26.23 16.84 10.47
CA SER G 460 -27.24 16.13 11.24
C SER G 460 -27.41 16.70 12.64
N GLN G 461 -26.35 17.25 13.23
CA GLN G 461 -26.44 17.75 14.59
C GLN G 461 -27.25 19.03 14.69
N GLU G 462 -27.02 19.97 13.77
CA GLU G 462 -27.64 21.28 13.84
C GLU G 462 -28.96 21.36 13.08
N ALA G 463 -29.40 20.28 12.46
CA ALA G 463 -30.69 20.27 11.78
C ALA G 463 -31.76 19.66 12.68
N ASP G 464 -32.99 20.16 12.53
CA ASP G 464 -34.11 19.67 13.32
C ASP G 464 -34.82 18.49 12.69
N ASN G 465 -35.03 18.51 11.37
CA ASN G 465 -35.63 17.39 10.67
C ASN G 465 -34.65 16.88 9.62
N VAL G 466 -34.51 15.56 9.53
CA VAL G 466 -33.53 14.94 8.65
C VAL G 466 -34.31 14.09 7.65
N LEU G 467 -35.48 14.58 7.25
CA LEU G 467 -36.35 13.92 6.28
C LEU G 467 -35.56 13.38 5.10
N ILE G 468 -35.62 12.06 4.91
CA ILE G 468 -34.75 11.36 3.97
C ILE G 468 -35.57 10.37 3.16
N LEU G 469 -35.31 10.32 1.85
CA LEU G 469 -35.99 9.39 0.95
C LEU G 469 -35.23 8.08 0.84
N GLN G 470 -35.95 7.05 0.36
CA GLN G 470 -35.37 5.73 0.12
C GLN G 470 -35.80 5.24 -1.25
N GLU G 471 -34.94 4.46 -1.89
CA GLU G 471 -35.18 3.96 -3.23
C GLU G 471 -35.13 2.43 -3.24
N LYS G 472 -36.07 1.83 -3.96
CA LYS G 472 -36.09 0.39 -4.20
C LYS G 472 -35.78 0.20 -5.69
N LYS G 473 -34.50 -0.05 -5.98
CA LYS G 473 -34.02 -0.12 -7.36
C LYS G 473 -34.51 -1.40 -8.02
N LEU G 474 -35.47 -1.26 -8.93
CA LEU G 474 -35.89 -2.35 -9.80
C LEU G 474 -35.08 -2.29 -11.09
N VAL G 475 -35.49 -3.08 -12.09
CA VAL G 475 -34.78 -3.10 -13.36
C VAL G 475 -35.50 -2.21 -14.37
N THR G 476 -36.82 -2.06 -14.19
CA THR G 476 -37.64 -1.27 -15.12
C THR G 476 -38.71 -0.54 -14.32
N CYS G 477 -38.63 0.79 -14.29
CA CYS G 477 -39.60 1.65 -13.63
C CYS G 477 -39.75 1.27 -12.16
N PRO G 478 -38.74 1.55 -11.33
CA PRO G 478 -38.76 1.06 -9.94
C PRO G 478 -39.96 1.53 -9.14
N GLY G 479 -40.12 2.85 -8.99
CA GLY G 479 -41.23 3.37 -8.23
C GLY G 479 -41.16 2.96 -6.76
N ARG G 480 -42.31 3.13 -6.09
CA ARG G 480 -42.47 2.75 -4.69
C ARG G 480 -41.39 3.38 -3.82
N ARG G 481 -41.31 4.71 -3.87
CA ARG G 481 -40.35 5.43 -3.05
C ARG G 481 -40.78 5.41 -1.59
N SER G 482 -39.79 5.29 -0.70
CA SER G 482 -40.02 5.24 0.73
C SER G 482 -39.44 6.49 1.38
N LEU G 483 -40.18 7.07 2.32
CA LEU G 483 -39.78 8.29 3.00
C LEU G 483 -39.59 8.00 4.48
N GLN G 484 -38.50 8.51 5.04
CA GLN G 484 -38.14 8.28 6.43
C GLN G 484 -37.94 9.60 7.16
N VAL G 485 -38.24 9.59 8.45
CA VAL G 485 -38.02 10.75 9.32
C VAL G 485 -37.13 10.26 10.46
N THR G 486 -35.81 10.39 10.28
CA THR G 486 -34.88 9.86 11.26
C THR G 486 -34.83 10.69 12.54
N LYS G 487 -34.93 12.02 12.43
CA LYS G 487 -34.83 12.90 13.57
C LYS G 487 -35.99 13.88 13.59
N ASN G 488 -36.50 14.16 14.79
CA ASN G 488 -37.61 15.09 14.96
C ASN G 488 -37.44 15.76 16.32
N ARG G 489 -36.95 17.00 16.32
CA ARG G 489 -36.66 17.68 17.59
C ARG G 489 -37.94 17.93 18.38
N PHE G 490 -39.01 18.36 17.72
CA PHE G 490 -40.28 18.63 18.38
C PHE G 490 -41.18 17.42 18.26
N ASP G 491 -41.59 16.88 19.40
CA ASP G 491 -42.45 15.68 19.46
C ASP G 491 -41.80 14.53 18.69
N GLY G 492 -40.66 14.07 19.22
CA GLY G 492 -39.86 13.05 18.58
C GLY G 492 -40.63 11.81 18.14
N ASP G 493 -40.71 11.61 16.84
CA ASP G 493 -41.41 10.46 16.28
C ASP G 493 -40.70 10.05 14.99
N VAL G 494 -40.55 8.75 14.79
CA VAL G 494 -39.90 8.19 13.61
C VAL G 494 -40.85 7.20 12.96
N GLY G 495 -41.04 7.34 11.65
CA GLY G 495 -41.93 6.44 10.94
C GLY G 495 -41.66 6.49 9.45
N ILE G 496 -42.24 5.52 8.75
CA ILE G 496 -42.10 5.39 7.31
C ILE G 496 -43.48 5.19 6.69
N PHE G 497 -43.58 5.55 5.41
CA PHE G 497 -44.80 5.34 4.65
C PHE G 497 -44.48 5.36 3.15
N PRO G 498 -44.95 4.37 2.41
CA PRO G 498 -44.69 4.34 0.96
C PRO G 498 -45.39 5.48 0.23
N LEU G 499 -44.84 5.87 -0.90
CA LEU G 499 -45.41 6.91 -1.75
C LEU G 499 -45.50 6.42 -3.19
N ASP G 500 -46.52 6.89 -3.89
CA ASP G 500 -46.72 6.59 -5.30
C ASP G 500 -46.58 7.86 -6.12
N PHE G 501 -46.42 7.68 -7.44
CA PHE G 501 -46.21 8.78 -8.36
C PHE G 501 -47.19 8.66 -9.52
N ILE G 502 -48.05 9.65 -9.68
CA ILE G 502 -48.96 9.71 -10.82
C ILE G 502 -48.22 10.39 -11.97
N LYS G 503 -47.88 9.61 -13.01
CA LYS G 503 -47.10 10.16 -14.11
C LYS G 503 -47.88 11.24 -14.87
N SER G 504 -49.19 11.05 -15.04
CA SER G 504 -49.98 12.03 -15.78
C SER G 504 -49.99 13.39 -15.08
N SER G 505 -50.19 13.40 -13.76
CA SER G 505 -50.26 14.63 -13.00
C SER G 505 -48.90 15.07 -12.46
N LEU G 506 -47.87 14.24 -12.59
CA LEU G 506 -46.52 14.56 -12.12
C LEU G 506 -46.51 14.97 -10.65
N THR G 507 -47.32 14.29 -9.83
CA THR G 507 -47.42 14.59 -8.41
C THR G 507 -47.28 13.30 -7.61
N PHE G 508 -46.80 13.45 -6.37
CA PHE G 508 -46.67 12.33 -5.46
C PHE G 508 -47.99 12.13 -4.73
N SER G 509 -48.72 11.09 -5.10
CA SER G 509 -50.06 10.88 -4.57
C SER G 509 -50.00 10.38 -3.12
N ALA G 510 -51.18 10.18 -2.56
CA ALA G 510 -51.29 9.68 -1.20
C ALA G 510 -50.78 8.23 -1.13
N PRO G 511 -50.30 7.80 0.03
CA PRO G 511 -49.85 6.40 0.17
C PRO G 511 -50.97 5.43 -0.16
N ILE G 512 -50.61 4.35 -0.85
CA ILE G 512 -51.57 3.33 -1.25
C ILE G 512 -51.16 1.97 -0.72
#